data_6XG0
# 
_entry.id   6XG0 
# 
_audit_conform.dict_name       mmcif_pdbx.dic 
_audit_conform.dict_version    5.380 
_audit_conform.dict_location   http://mmcif.pdb.org/dictionaries/ascii/mmcif_pdbx.dic 
# 
loop_
_database_2.database_id 
_database_2.database_code 
_database_2.pdbx_database_accession 
_database_2.pdbx_DOI 
PDB   6XG0         pdb_00006xg0 10.2210/pdb6xg0/pdb 
WWPDB D_1000249222 ?            ?                   
# 
_pdbx_database_status.status_code                     REL 
_pdbx_database_status.status_code_sf                  REL 
_pdbx_database_status.status_code_mr                  ? 
_pdbx_database_status.entry_id                        6XG0 
_pdbx_database_status.recvd_initial_deposition_date   2020-06-16 
_pdbx_database_status.SG_entry                        N 
_pdbx_database_status.deposit_site                    RCSB 
_pdbx_database_status.process_site                    RCSB 
_pdbx_database_status.status_code_cs                  ? 
_pdbx_database_status.status_code_nmr_data            ? 
_pdbx_database_status.methods_development_category    ? 
_pdbx_database_status.pdb_format_compatible           Y 
# 
loop_
_audit_author.name 
_audit_author.pdbx_ordinal 
_audit_author.identifier_ORCID 
'Simmons, C.R.'      1 0000-0002-2290-6132 
'MacCulloch, T.'     2 0000-0001-5875-3361 
'Stephanopoulos, N.' 3 0000-0001-7859-410X 
'Yan, H.'            4 0000-0001-7397-9852 
# 
_citation.abstract                  ? 
_citation.abstract_id_CAS           ? 
_citation.book_id_ISBN              ? 
_citation.book_publisher            ? 
_citation.book_publisher_city       ? 
_citation.book_title                ? 
_citation.coordinate_linkage        ? 
_citation.country                   UK 
_citation.database_id_Medline       ? 
_citation.details                   ? 
_citation.id                        primary 
_citation.journal_abbrev            'Nat Commun' 
_citation.journal_id_ASTM           ? 
_citation.journal_id_CSD            ? 
_citation.journal_id_ISSN           2041-1723 
_citation.journal_full              ? 
_citation.journal_issue             ? 
_citation.journal_volume            13 
_citation.language                  ? 
_citation.page_first                3112 
_citation.page_last                 3112 
_citation.title                     'The influence of Holliday junction sequence and dynamics on DNA crystal self-assembly.' 
_citation.year                      2022 
_citation.database_id_CSD           ? 
_citation.pdbx_database_id_DOI      10.1038/s41467-022-30779-6 
_citation.pdbx_database_id_PubMed   35662248 
_citation.unpublished_flag          ? 
# 
loop_
_citation_author.citation_id 
_citation_author.name 
_citation_author.ordinal 
_citation_author.identifier_ORCID 
primary 'Simmons, C.R.'      1  ?                   
primary 'MacCulloch, T.'     2  ?                   
primary 'Krepl, M.'          3  0000-0002-9833-4281 
primary 'Matthies, M.'       4  ?                   
primary 'Buchberger, A.'     5  ?                   
primary 'Crawford, I.'       6  ?                   
primary 'Sponer, J.'         7  0000-0001-6558-6186 
primary 'Sulc, P.'           8  0000-0003-1565-6769 
primary 'Stephanopoulos, N.' 9  0000-0001-7859-410X 
primary 'Yan, H.'            10 0000-0001-7397-9852 
# 
_cell.angle_alpha                  90.000 
_cell.angle_alpha_esd              ? 
_cell.angle_beta                   90.000 
_cell.angle_beta_esd               ? 
_cell.angle_gamma                  120.000 
_cell.angle_gamma_esd              ? 
_cell.entry_id                     6XG0 
_cell.details                      ? 
_cell.formula_units_Z              ? 
_cell.length_a                     68.888 
_cell.length_a_esd                 ? 
_cell.length_b                     68.888 
_cell.length_b_esd                 ? 
_cell.length_c                     58.969 
_cell.length_c_esd                 ? 
_cell.volume                       ? 
_cell.volume_esd                   ? 
_cell.Z_PDB                        3 
_cell.reciprocal_angle_alpha       ? 
_cell.reciprocal_angle_beta        ? 
_cell.reciprocal_angle_gamma       ? 
_cell.reciprocal_angle_alpha_esd   ? 
_cell.reciprocal_angle_beta_esd    ? 
_cell.reciprocal_angle_gamma_esd   ? 
_cell.reciprocal_length_a          ? 
_cell.reciprocal_length_b          ? 
_cell.reciprocal_length_c          ? 
_cell.reciprocal_length_a_esd      ? 
_cell.reciprocal_length_b_esd      ? 
_cell.reciprocal_length_c_esd      ? 
_cell.pdbx_unique_axis             ? 
# 
_symmetry.entry_id                         6XG0 
_symmetry.cell_setting                     ? 
_symmetry.Int_Tables_number                145 
_symmetry.space_group_name_Hall            ? 
_symmetry.space_group_name_H-M             'P 32' 
_symmetry.pdbx_full_space_group_name_H-M   ? 
# 
loop_
_entity.id 
_entity.type 
_entity.src_method 
_entity.pdbx_description 
_entity.formula_weight 
_entity.pdbx_number_of_molecules 
_entity.pdbx_ec 
_entity.pdbx_mutation 
_entity.pdbx_fragment 
_entity.details 
1 polymer     syn 
;DNA (5'-D(*GP*AP*GP*CP*AP*GP*AP*CP*CP*AP*G)-3')
;
3392.238 1 ? ? ? ? 
2 polymer     syn 
;DNA (5'-D(P*AP*CP*GP*CP*CP*AP*CP*TP*CP*A)-3')
;
2973.971 1 ? ? ? ? 
3 polymer     syn 
;DNA (5'-D(P*CP*TP*CP*GP*T)-3')
;
1470.998 1 ? ? ? ? 
4 polymer     syn 
;DNA (5'-D(*TP*CP*TP*GP*AP*GP*TP*GP*GP*GP*GP*TP*CP*TP*GP*C)-3')
;
4961.199 1 ? ? ? ? 
5 non-polymer syn 'CACODYLATE ION'                                                 136.989  2 ? ? ? ? 
# 
loop_
_entity_poly.entity_id 
_entity_poly.type 
_entity_poly.nstd_linkage 
_entity_poly.nstd_monomer 
_entity_poly.pdbx_seq_one_letter_code 
_entity_poly.pdbx_seq_one_letter_code_can 
_entity_poly.pdbx_strand_id 
_entity_poly.pdbx_target_identifier 
1 polydeoxyribonucleotide no no '(DG)(DA)(DG)(DC)(DA)(DG)(DA)(DC)(DC)(DA)(DG)'                     GAGCAGACCAG      A ? 
2 polydeoxyribonucleotide no no '(DA)(DC)(DG)(DC)(DC)(DA)(DC)(DT)(DC)(DA)'                         ACGCCACTCA       B ? 
3 polydeoxyribonucleotide no no '(DC)(DT)(DC)(DG)(DT)'                                             CTCGT            C ? 
4 polydeoxyribonucleotide no no '(DT)(DC)(DT)(DG)(DA)(DG)(DT)(DG)(DG)(DG)(DG)(DT)(DC)(DT)(DG)(DC)' TCTGAGTGGGGTCTGC D ? 
# 
loop_
_entity_poly_seq.entity_id 
_entity_poly_seq.num 
_entity_poly_seq.mon_id 
_entity_poly_seq.hetero 
1 1  DG n 
1 2  DA n 
1 3  DG n 
1 4  DC n 
1 5  DA n 
1 6  DG n 
1 7  DA n 
1 8  DC n 
1 9  DC n 
1 10 DA n 
1 11 DG n 
2 1  DA n 
2 2  DC n 
2 3  DG n 
2 4  DC n 
2 5  DC n 
2 6  DA n 
2 7  DC n 
2 8  DT n 
2 9  DC n 
2 10 DA n 
3 1  DC n 
3 2  DT n 
3 3  DC n 
3 4  DG n 
3 5  DT n 
4 1  DT n 
4 2  DC n 
4 3  DT n 
4 4  DG n 
4 5  DA n 
4 6  DG n 
4 7  DT n 
4 8  DG n 
4 9  DG n 
4 10 DG n 
4 11 DG n 
4 12 DT n 
4 13 DC n 
4 14 DT n 
4 15 DG n 
4 16 DC n 
# 
loop_
_pdbx_entity_src_syn.entity_id 
_pdbx_entity_src_syn.pdbx_src_id 
_pdbx_entity_src_syn.pdbx_alt_source_flag 
_pdbx_entity_src_syn.pdbx_beg_seq_num 
_pdbx_entity_src_syn.pdbx_end_seq_num 
_pdbx_entity_src_syn.organism_scientific 
_pdbx_entity_src_syn.organism_common_name 
_pdbx_entity_src_syn.ncbi_taxonomy_id 
_pdbx_entity_src_syn.details 
1 1 sample 1 11 'synthetic construct' ? 32630 ? 
2 1 sample 1 10 'synthetic construct' ? 32630 ? 
3 1 sample 1 5  'synthetic construct' ? 32630 ? 
4 1 sample 1 16 'synthetic construct' ? 32630 ? 
# 
loop_
_struct_ref.id 
_struct_ref.db_name 
_struct_ref.db_code 
_struct_ref.pdbx_db_accession 
_struct_ref.pdbx_db_isoform 
_struct_ref.entity_id 
_struct_ref.pdbx_seq_one_letter_code 
_struct_ref.pdbx_align_begin 
1 PDB 6XG0 6XG0 ? 1 ? 1 
2 PDB 6XG0 6XG0 ? 2 ? 1 
3 PDB 6XG0 6XG0 ? 3 ? 1 
4 PDB 6XG0 6XG0 ? 4 ? 1 
# 
loop_
_struct_ref_seq.align_id 
_struct_ref_seq.ref_id 
_struct_ref_seq.pdbx_PDB_id_code 
_struct_ref_seq.pdbx_strand_id 
_struct_ref_seq.seq_align_beg 
_struct_ref_seq.pdbx_seq_align_beg_ins_code 
_struct_ref_seq.seq_align_end 
_struct_ref_seq.pdbx_seq_align_end_ins_code 
_struct_ref_seq.pdbx_db_accession 
_struct_ref_seq.db_align_beg 
_struct_ref_seq.pdbx_db_align_beg_ins_code 
_struct_ref_seq.db_align_end 
_struct_ref_seq.pdbx_db_align_end_ins_code 
_struct_ref_seq.pdbx_auth_seq_align_beg 
_struct_ref_seq.pdbx_auth_seq_align_end 
1 1 6XG0 A 1 ? 11 ? 6XG0 1  ? 11 ? 1  11 
2 2 6XG0 B 1 ? 10 ? 6XG0 12 ? 21 ? 12 21 
3 3 6XG0 C 1 ? 5  ? 6XG0 1  ? 5  ? 1  5  
4 4 6XG0 D 1 ? 16 ? 6XG0 1  ? 16 ? 1  16 
# 
loop_
_chem_comp.id 
_chem_comp.type 
_chem_comp.mon_nstd_flag 
_chem_comp.name 
_chem_comp.pdbx_synonyms 
_chem_comp.formula 
_chem_comp.formula_weight 
CAC non-polymer   . 'CACODYLATE ION'                     dimethylarsinate 'C2 H6 As O2 -1'  136.989 
DA  'DNA linking' y "2'-DEOXYADENOSINE-5'-MONOPHOSPHATE" ?                'C10 H14 N5 O6 P' 331.222 
DC  'DNA linking' y "2'-DEOXYCYTIDINE-5'-MONOPHOSPHATE"  ?                'C9 H14 N3 O7 P'  307.197 
DG  'DNA linking' y "2'-DEOXYGUANOSINE-5'-MONOPHOSPHATE" ?                'C10 H14 N5 O7 P' 347.221 
DT  'DNA linking' y "THYMIDINE-5'-MONOPHOSPHATE"         ?                'C10 H15 N2 O8 P' 322.208 
# 
_exptl.absorpt_coefficient_mu     ? 
_exptl.absorpt_correction_T_max   ? 
_exptl.absorpt_correction_T_min   ? 
_exptl.absorpt_correction_type    ? 
_exptl.absorpt_process_details    ? 
_exptl.entry_id                   6XG0 
_exptl.crystals_number            1 
_exptl.details                    ? 
_exptl.method                     'X-RAY DIFFRACTION' 
_exptl.method_details             ? 
# 
_exptl_crystal.colour                      ? 
_exptl_crystal.density_diffrn              ? 
_exptl_crystal.density_Matthews            6.31 
_exptl_crystal.density_method              ? 
_exptl_crystal.density_percent_sol         80.51 
_exptl_crystal.description                 ? 
_exptl_crystal.F_000                       ? 
_exptl_crystal.id                          1 
_exptl_crystal.preparation                 ? 
_exptl_crystal.size_max                    ? 
_exptl_crystal.size_mid                    ? 
_exptl_crystal.size_min                    ? 
_exptl_crystal.size_rad                    ? 
_exptl_crystal.colour_lustre               ? 
_exptl_crystal.colour_modifier             ? 
_exptl_crystal.colour_primary              ? 
_exptl_crystal.density_meas                ? 
_exptl_crystal.density_meas_esd            ? 
_exptl_crystal.density_meas_gt             ? 
_exptl_crystal.density_meas_lt             ? 
_exptl_crystal.density_meas_temp           ? 
_exptl_crystal.density_meas_temp_esd       ? 
_exptl_crystal.density_meas_temp_gt        ? 
_exptl_crystal.density_meas_temp_lt        ? 
_exptl_crystal.pdbx_crystal_image_url      ? 
_exptl_crystal.pdbx_crystal_image_format   ? 
_exptl_crystal.pdbx_mosaicity              ? 
_exptl_crystal.pdbx_mosaicity_esd          ? 
# 
_exptl_crystal_grow.apparatus       ? 
_exptl_crystal_grow.atmosphere      ? 
_exptl_crystal_grow.crystal_id      1 
_exptl_crystal_grow.details         ? 
_exptl_crystal_grow.method          'VAPOR DIFFUSION, SITTING DROP' 
_exptl_crystal_grow.method_ref      ? 
_exptl_crystal_grow.pH              ? 
_exptl_crystal_grow.pressure        ? 
_exptl_crystal_grow.pressure_esd    ? 
_exptl_crystal_grow.seeding         ? 
_exptl_crystal_grow.seeding_ref     ? 
_exptl_crystal_grow.temp            298 
_exptl_crystal_grow.temp_details    'temperature gradient generated from 60 to 25 C at 0.3 degrees per hour' 
_exptl_crystal_grow.temp_esd        ? 
_exptl_crystal_grow.time            ? 
_exptl_crystal_grow.pdbx_details    
;0.5 mL of 0.05 M Cacodylate pH 6.5 with 36 mM MgCl2, 2.25 mM spermine, and 5% PEG 400 was added to the reservoir with 2 uL added to the drop containing 4 uL of DNA stock
;
_exptl_crystal_grow.pdbx_pH_range   ? 
# 
_diffrn.ambient_environment              ? 
_diffrn.ambient_temp                     100 
_diffrn.ambient_temp_details             ? 
_diffrn.ambient_temp_esd                 ? 
_diffrn.crystal_id                       1 
_diffrn.crystal_support                  ? 
_diffrn.crystal_treatment                ? 
_diffrn.details                          ? 
_diffrn.id                               1 
_diffrn.ambient_pressure                 ? 
_diffrn.ambient_pressure_esd             ? 
_diffrn.ambient_pressure_gt              ? 
_diffrn.ambient_pressure_lt              ? 
_diffrn.ambient_temp_gt                  ? 
_diffrn.ambient_temp_lt                  ? 
_diffrn.pdbx_serial_crystal_experiment   N 
# 
_diffrn_detector.details                      ? 
_diffrn_detector.detector                     PIXEL 
_diffrn_detector.diffrn_id                    1 
_diffrn_detector.type                         'DECTRIS PILATUS3 6M' 
_diffrn_detector.area_resol_mean              ? 
_diffrn_detector.dtime                        ? 
_diffrn_detector.pdbx_frames_total            ? 
_diffrn_detector.pdbx_collection_time_total   ? 
_diffrn_detector.pdbx_collection_date         2018-05-15 
_diffrn_detector.pdbx_frequency               ? 
# 
_diffrn_radiation.collimation                      ? 
_diffrn_radiation.diffrn_id                        1 
_diffrn_radiation.filter_edge                      ? 
_diffrn_radiation.inhomogeneity                    ? 
_diffrn_radiation.monochromator                    ? 
_diffrn_radiation.polarisn_norm                    ? 
_diffrn_radiation.polarisn_ratio                   ? 
_diffrn_radiation.probe                            ? 
_diffrn_radiation.type                             ? 
_diffrn_radiation.xray_symbol                      ? 
_diffrn_radiation.wavelength_id                    1 
_diffrn_radiation.pdbx_monochromatic_or_laue_m_l   M 
_diffrn_radiation.pdbx_wavelength_list             ? 
_diffrn_radiation.pdbx_wavelength                  ? 
_diffrn_radiation.pdbx_diffrn_protocol             'SINGLE WAVELENGTH' 
_diffrn_radiation.pdbx_analyzer                    ? 
_diffrn_radiation.pdbx_scattering_type             x-ray 
# 
_diffrn_radiation_wavelength.id           1 
_diffrn_radiation_wavelength.wavelength   1 
_diffrn_radiation_wavelength.wt           1.0 
# 
_diffrn_source.current                     ? 
_diffrn_source.details                     ? 
_diffrn_source.diffrn_id                   1 
_diffrn_source.power                       ? 
_diffrn_source.size                        ? 
_diffrn_source.source                      SYNCHROTRON 
_diffrn_source.target                      ? 
_diffrn_source.type                        'ALS BEAMLINE 5.0.2' 
_diffrn_source.voltage                     ? 
_diffrn_source.take-off_angle              ? 
_diffrn_source.pdbx_wavelength_list        1 
_diffrn_source.pdbx_wavelength             ? 
_diffrn_source.pdbx_synchrotron_beamline   5.0.2 
_diffrn_source.pdbx_synchrotron_site       ALS 
# 
_reflns.B_iso_Wilson_estimate            95.340 
_reflns.entry_id                         6XG0 
_reflns.data_reduction_details           ? 
_reflns.data_reduction_method            ? 
_reflns.d_resolution_high                3.150 
_reflns.d_resolution_low                 50.000 
_reflns.details                          ? 
_reflns.limit_h_max                      ? 
_reflns.limit_h_min                      ? 
_reflns.limit_k_max                      ? 
_reflns.limit_k_min                      ? 
_reflns.limit_l_max                      ? 
_reflns.limit_l_min                      ? 
_reflns.number_all                       ? 
_reflns.number_obs                       4650 
_reflns.observed_criterion               ? 
_reflns.observed_criterion_F_max         ? 
_reflns.observed_criterion_F_min         ? 
_reflns.observed_criterion_I_max         ? 
_reflns.observed_criterion_I_min         ? 
_reflns.observed_criterion_sigma_F       ? 
_reflns.observed_criterion_sigma_I       ? 
_reflns.percent_possible_obs             88.300 
_reflns.R_free_details                   ? 
_reflns.Rmerge_F_all                     ? 
_reflns.Rmerge_F_obs                     ? 
_reflns.Friedel_coverage                 ? 
_reflns.number_gt                        ? 
_reflns.threshold_expression             ? 
_reflns.pdbx_redundancy                  9.000 
_reflns.pdbx_Rmerge_I_obs                0.108 
_reflns.pdbx_Rmerge_I_all                ? 
_reflns.pdbx_Rsym_value                  ? 
_reflns.pdbx_netI_over_av_sigmaI         ? 
_reflns.pdbx_netI_over_sigmaI            6.600 
_reflns.pdbx_res_netI_over_av_sigmaI_2   ? 
_reflns.pdbx_res_netI_over_sigmaI_2      ? 
_reflns.pdbx_chi_squared                 2.111 
_reflns.pdbx_scaling_rejects             ? 
_reflns.pdbx_d_res_high_opt              ? 
_reflns.pdbx_d_res_low_opt               ? 
_reflns.pdbx_d_res_opt_method            ? 
_reflns.phase_calculation_details        ? 
_reflns.pdbx_Rrim_I_all                  0.115 
_reflns.pdbx_Rpim_I_all                  0.038 
_reflns.pdbx_d_opt                       ? 
_reflns.pdbx_number_measured_all         ? 
_reflns.pdbx_diffrn_id                   1 
_reflns.pdbx_ordinal                     1 
_reflns.pdbx_CC_half                     0.981 
_reflns.pdbx_CC_star                     ? 
_reflns.pdbx_R_split                     ? 
# 
loop_
_reflns_shell.d_res_high 
_reflns_shell.d_res_low 
_reflns_shell.meanI_over_sigI_all 
_reflns_shell.meanI_over_sigI_obs 
_reflns_shell.number_measured_all 
_reflns_shell.number_measured_obs 
_reflns_shell.number_possible 
_reflns_shell.number_unique_all 
_reflns_shell.number_unique_obs 
_reflns_shell.percent_possible_all 
_reflns_shell.percent_possible_obs 
_reflns_shell.Rmerge_F_all 
_reflns_shell.Rmerge_F_obs 
_reflns_shell.Rmerge_I_all 
_reflns_shell.Rmerge_I_obs 
_reflns_shell.meanI_over_sigI_gt 
_reflns_shell.meanI_over_uI_all 
_reflns_shell.meanI_over_uI_gt 
_reflns_shell.number_measured_gt 
_reflns_shell.number_unique_gt 
_reflns_shell.percent_possible_gt 
_reflns_shell.Rmerge_F_gt 
_reflns_shell.Rmerge_I_gt 
_reflns_shell.pdbx_redundancy 
_reflns_shell.pdbx_Rsym_value 
_reflns_shell.pdbx_chi_squared 
_reflns_shell.pdbx_netI_over_sigmaI_all 
_reflns_shell.pdbx_netI_over_sigmaI_obs 
_reflns_shell.pdbx_Rrim_I_all 
_reflns_shell.pdbx_Rpim_I_all 
_reflns_shell.pdbx_rejects 
_reflns_shell.pdbx_ordinal 
_reflns_shell.pdbx_diffrn_id 
_reflns_shell.pdbx_CC_half 
_reflns_shell.pdbx_CC_star 
_reflns_shell.pdbx_R_split 
3.150 3.200  ? ? ? ? ? ? 183 62.200  ? ? ? ? 0.429 ? ? ? ? ? ? ? ? 5.600  ? 1.007 ? ? 0.463 0.166 ? 1  1 0.947 ? ? 
3.200 3.260  ? ? ? ? ? ? 163 66.000  ? ? ? ? 0.269 ? ? ? ? ? ? ? ? 6.700  ? 2.776 ? ? 0.287 0.096 ? 2  1 0.976 ? ? 
3.260 3.330  ? ? ? ? ? ? 176 68.000  ? ? ? ? 0.421 ? ? ? ? ? ? ? ? 6.900  ? 1.109 ? ? 0.448 0.147 ? 3  1 0.963 ? ? 
3.330 3.390  ? ? ? ? ? ? 196 73.100  ? ? ? ? 0.321 ? ? ? ? ? ? ? ? 7.200  ? 1.811 ? ? 0.342 0.114 ? 4  1 0.961 ? ? 
3.390 3.470  ? ? ? ? ? ? 208 75.400  ? ? ? ? 0.451 ? ? ? ? ? ? ? ? 7.200  ? 1.558 ? ? 0.481 0.163 ? 5  1 0.970 ? ? 
3.470 3.550  ? ? ? ? ? ? 192 79.700  ? ? ? ? 0.563 ? ? ? ? ? ? ? ? 7.700  ? 0.851 ? ? 0.601 0.203 ? 6  1 0.914 ? ? 
3.550 3.640  ? ? ? ? ? ? 228 81.700  ? ? ? ? 0.580 ? ? ? ? ? ? ? ? 7.700  ? 0.798 ? ? 0.619 0.211 ? 7  1 0.941 ? ? 
3.640 3.730  ? ? ? ? ? ? 215 85.000  ? ? ? ? 0.714 ? ? ? ? ? ? ? ? 8.300  ? 0.666 ? ? 0.761 0.257 ? 8  1 0.847 ? ? 
3.730 3.840  ? ? ? ? ? ? 242 89.300  ? ? ? ? 0.559 ? ? ? ? ? ? ? ? 8.500  ? 1.347 ? ? 0.595 0.198 ? 9  1 0.930 ? ? 
3.840 3.970  ? ? ? ? ? ? 246 96.900  ? ? ? ? 0.467 ? ? ? ? ? ? ? ? 8.800  ? 0.862 ? ? 0.494 0.162 ? 10 1 0.960 ? ? 
3.970 4.110  ? ? ? ? ? ? 253 99.600  ? ? ? ? 0.378 ? ? ? ? ? ? ? ? 10.000 ? 0.929 ? ? 0.398 0.125 ? 11 1 0.968 ? ? 
4.110 4.270  ? ? ? ? ? ? 274 99.600  ? ? ? ? 0.399 ? ? ? ? ? ? ? ? 10.300 ? 0.960 ? ? 0.420 0.130 ? 12 1 0.967 ? ? 
4.270 4.470  ? ? ? ? ? ? 259 100.000 ? ? ? ? 0.344 ? ? ? ? ? ? ? ? 10.600 ? 1.056 ? ? 0.362 0.111 ? 13 1 0.980 ? ? 
4.470 4.700  ? ? ? ? ? ? 253 100.000 ? ? ? ? 0.271 ? ? ? ? ? ? ? ? 10.600 ? 1.281 ? ? 0.285 0.088 ? 14 1 0.978 ? ? 
4.700 5.000  ? ? ? ? ? ? 271 100.000 ? ? ? ? 0.209 ? ? ? ? ? ? ? ? 9.800  ? 1.786 ? ? 0.221 0.070 ? 15 1 0.985 ? ? 
5.000 5.380  ? ? ? ? ? ? 258 100.000 ? ? ? ? 0.157 ? ? ? ? ? ? ? ? 10.300 ? 3.015 ? ? 0.165 0.051 ? 16 1 0.993 ? ? 
5.380 5.930  ? ? ? ? ? ? 271 100.000 ? ? ? ? 0.136 ? ? ? ? ? ? ? ? 10.900 ? 3.971 ? ? 0.143 0.044 ? 17 1 0.992 ? ? 
5.930 6.780  ? ? ? ? ? ? 256 100.000 ? ? ? ? 0.118 ? ? ? ? ? ? ? ? 10.600 ? 3.144 ? ? 0.124 0.038 ? 18 1 0.993 ? ? 
6.780 8.540  ? ? ? ? ? ? 260 99.600  ? ? ? ? 0.085 ? ? ? ? ? ? ? ? 9.700  ? 4.680 ? ? 0.090 0.030 ? 19 1 0.996 ? ? 
8.540 50.000 ? ? ? ? ? ? 246 92.500  ? ? ? ? 0.079 ? ? ? ? ? ? ? ? 9.400  ? 5.809 ? ? 0.085 0.030 ? 20 1 0.995 ? ? 
# 
_refine.aniso_B[1][1]                            ? 
_refine.aniso_B[1][2]                            ? 
_refine.aniso_B[1][3]                            ? 
_refine.aniso_B[2][2]                            ? 
_refine.aniso_B[2][3]                            ? 
_refine.aniso_B[3][3]                            ? 
_refine.B_iso_max                                278.420 
_refine.B_iso_mean                               158.0580 
_refine.B_iso_min                                93.680 
_refine.correlation_coeff_Fo_to_Fc               ? 
_refine.correlation_coeff_Fo_to_Fc_free          ? 
_refine.details                                  ? 
_refine.diff_density_max                         ? 
_refine.diff_density_max_esd                     ? 
_refine.diff_density_min                         ? 
_refine.diff_density_min_esd                     ? 
_refine.diff_density_rms                         ? 
_refine.diff_density_rms_esd                     ? 
_refine.entry_id                                 6XG0 
_refine.pdbx_refine_id                           'X-RAY DIFFRACTION' 
_refine.ls_abs_structure_details                 ? 
_refine.ls_abs_structure_Flack                   ? 
_refine.ls_abs_structure_Flack_esd               ? 
_refine.ls_abs_structure_Rogers                  ? 
_refine.ls_abs_structure_Rogers_esd              ? 
_refine.ls_d_res_high                            3.1780 
_refine.ls_d_res_low                             34.4440 
_refine.ls_extinction_coef                       ? 
_refine.ls_extinction_coef_esd                   ? 
_refine.ls_extinction_expression                 ? 
_refine.ls_extinction_method                     ? 
_refine.ls_goodness_of_fit_all                   ? 
_refine.ls_goodness_of_fit_all_esd               ? 
_refine.ls_goodness_of_fit_obs                   ? 
_refine.ls_goodness_of_fit_obs_esd               ? 
_refine.ls_hydrogen_treatment                    ? 
_refine.ls_matrix_type                           ? 
_refine.ls_number_constraints                    ? 
_refine.ls_number_parameters                     ? 
_refine.ls_number_reflns_all                     ? 
_refine.ls_number_reflns_obs                     4599 
_refine.ls_number_reflns_R_free                  223 
_refine.ls_number_reflns_R_work                  4376 
_refine.ls_number_restraints                     ? 
_refine.ls_percent_reflns_obs                    87.2200 
_refine.ls_percent_reflns_R_free                 4.8500 
_refine.ls_R_factor_all                          ? 
_refine.ls_R_factor_obs                          0.2403 
_refine.ls_R_factor_R_free                       0.2614 
_refine.ls_R_factor_R_free_error                 ? 
_refine.ls_R_factor_R_free_error_details         ? 
_refine.ls_R_factor_R_work                       0.2388 
_refine.ls_R_Fsqd_factor_obs                     ? 
_refine.ls_R_I_factor_obs                        ? 
_refine.ls_redundancy_reflns_all                 ? 
_refine.ls_redundancy_reflns_obs                 ? 
_refine.ls_restrained_S_all                      ? 
_refine.ls_restrained_S_obs                      ? 
_refine.ls_shift_over_esd_max                    ? 
_refine.ls_shift_over_esd_mean                   ? 
_refine.ls_structure_factor_coef                 ? 
_refine.ls_weighting_details                     ? 
_refine.ls_weighting_scheme                      ? 
_refine.ls_wR_factor_all                         ? 
_refine.ls_wR_factor_obs                         ? 
_refine.ls_wR_factor_R_free                      ? 
_refine.ls_wR_factor_R_work                      ? 
_refine.occupancy_max                            ? 
_refine.occupancy_min                            ? 
_refine.solvent_model_details                    'FLAT BULK SOLVENT MODEL' 
_refine.solvent_model_param_bsol                 ? 
_refine.solvent_model_param_ksol                 ? 
_refine.pdbx_R_complete                          ? 
_refine.ls_R_factor_gt                           ? 
_refine.ls_goodness_of_fit_gt                    ? 
_refine.ls_goodness_of_fit_ref                   ? 
_refine.ls_shift_over_su_max                     ? 
_refine.ls_shift_over_su_max_lt                  ? 
_refine.ls_shift_over_su_mean                    ? 
_refine.ls_shift_over_su_mean_lt                 ? 
_refine.pdbx_ls_sigma_I                          ? 
_refine.pdbx_ls_sigma_F                          1.970 
_refine.pdbx_ls_sigma_Fsqd                       ? 
_refine.pdbx_data_cutoff_high_absF               ? 
_refine.pdbx_data_cutoff_high_rms_absF           ? 
_refine.pdbx_data_cutoff_low_absF                ? 
_refine.pdbx_isotropic_thermal_model             ? 
_refine.pdbx_ls_cross_valid_method               THROUGHOUT 
_refine.pdbx_method_to_determine_struct          'MOLECULAR REPLACEMENT' 
_refine.pdbx_starting_model                      6x8c 
_refine.pdbx_stereochemistry_target_values       ML 
_refine.pdbx_R_Free_selection_details            ? 
_refine.pdbx_stereochem_target_val_spec_case     ? 
_refine.pdbx_overall_ESU_R                       ? 
_refine.pdbx_overall_ESU_R_Free                  ? 
_refine.pdbx_solvent_vdw_probe_radii             1.1100 
_refine.pdbx_solvent_ion_probe_radii             ? 
_refine.pdbx_solvent_shrinkage_radii             0.9000 
_refine.pdbx_real_space_R                        ? 
_refine.pdbx_density_correlation                 ? 
_refine.pdbx_pd_number_of_powder_patterns        ? 
_refine.pdbx_pd_number_of_points                 ? 
_refine.pdbx_pd_meas_number_of_points            ? 
_refine.pdbx_pd_proc_ls_prof_R_factor            ? 
_refine.pdbx_pd_proc_ls_prof_wR_factor           ? 
_refine.pdbx_pd_Marquardt_correlation_coeff      ? 
_refine.pdbx_pd_Fsqrd_R_factor                   ? 
_refine.pdbx_pd_ls_matrix_band_width             ? 
_refine.pdbx_overall_phase_error                 38.6000 
_refine.pdbx_overall_SU_R_free_Cruickshank_DPI   ? 
_refine.pdbx_overall_SU_R_free_Blow_DPI          ? 
_refine.pdbx_overall_SU_R_Blow_DPI               ? 
_refine.pdbx_TLS_residual_ADP_flag               ? 
_refine.pdbx_diffrn_id                           1 
_refine.overall_SU_B                             ? 
_refine.overall_SU_ML                            0.3700 
_refine.overall_SU_R_Cruickshank_DPI             ? 
_refine.overall_SU_R_free                        ? 
_refine.overall_FOM_free_R_set                   ? 
_refine.overall_FOM_work_R_set                   ? 
_refine.pdbx_average_fsc_overall                 ? 
_refine.pdbx_average_fsc_work                    ? 
_refine.pdbx_average_fsc_free                    ? 
# 
_refine_hist.pdbx_refine_id                   'X-RAY DIFFRACTION' 
_refine_hist.cycle_id                         final 
_refine_hist.details                          ? 
_refine_hist.d_res_high                       3.1780 
_refine_hist.d_res_low                        34.4440 
_refine_hist.number_atoms_solvent             0 
_refine_hist.number_atoms_total               857 
_refine_hist.number_reflns_all                ? 
_refine_hist.number_reflns_obs                ? 
_refine_hist.number_reflns_R_free             ? 
_refine_hist.number_reflns_R_work             ? 
_refine_hist.R_factor_all                     ? 
_refine_hist.R_factor_obs                     ? 
_refine_hist.R_factor_R_free                  ? 
_refine_hist.R_factor_R_work                  ? 
_refine_hist.pdbx_number_residues_total       42 
_refine_hist.pdbx_B_iso_mean_ligand           264.61 
_refine_hist.pdbx_B_iso_mean_solvent          ? 
_refine_hist.pdbx_number_atoms_protein        0 
_refine_hist.pdbx_number_atoms_nucleic_acid   855 
_refine_hist.pdbx_number_atoms_ligand         2 
_refine_hist.pdbx_number_atoms_lipid          ? 
_refine_hist.pdbx_number_atoms_carb           ? 
_refine_hist.pdbx_pseudo_atom_details         ? 
# 
loop_
_refine_ls_restr.pdbx_refine_id 
_refine_ls_restr.criterion 
_refine_ls_restr.dev_ideal 
_refine_ls_restr.dev_ideal_target 
_refine_ls_restr.number 
_refine_ls_restr.rejects 
_refine_ls_restr.type 
_refine_ls_restr.weight 
_refine_ls_restr.pdbx_restraint_function 
'X-RAY DIFFRACTION' ? 0.004  ? 956  ? f_bond_d           ? ? 
'X-RAY DIFFRACTION' ? 0.657  ? 1467 ? f_angle_d          ? ? 
'X-RAY DIFFRACTION' ? 0.032  ? 166  ? f_chiral_restr     ? ? 
'X-RAY DIFFRACTION' ? 0.003  ? 42   ? f_plane_restr      ? ? 
'X-RAY DIFFRACTION' ? 35.243 ? 406  ? f_dihedral_angle_d ? ? 
# 
loop_
_refine_ls_shell.pdbx_refine_id 
_refine_ls_shell.d_res_high 
_refine_ls_shell.d_res_low 
_refine_ls_shell.number_reflns_all 
_refine_ls_shell.number_reflns_obs 
_refine_ls_shell.number_reflns_R_free 
_refine_ls_shell.number_reflns_R_work 
_refine_ls_shell.percent_reflns_obs 
_refine_ls_shell.percent_reflns_R_free 
_refine_ls_shell.R_factor_all 
_refine_ls_shell.R_factor_obs 
_refine_ls_shell.R_factor_R_free 
_refine_ls_shell.R_factor_R_free_error 
_refine_ls_shell.R_factor_R_work 
_refine_ls_shell.redundancy_reflns_all 
_refine_ls_shell.redundancy_reflns_obs 
_refine_ls_shell.wR_factor_all 
_refine_ls_shell.wR_factor_obs 
_refine_ls_shell.wR_factor_R_free 
_refine_ls_shell.wR_factor_R_work 
_refine_ls_shell.pdbx_R_complete 
_refine_ls_shell.pdbx_total_number_of_bins_used 
_refine_ls_shell.pdbx_phase_error 
_refine_ls_shell.pdbx_fsc_work 
_refine_ls_shell.pdbx_fsc_free 
'X-RAY DIFFRACTION' 3.1781 4.0031 . . 98  1879 75.0000 . . . 0.4102 0.0000 0.3889 . . . . . . . . . . . 
'X-RAY DIFFRACTION' 4.0031 34.444 . . 125 2497 99.0000 . . . 0.2259 0.0000 0.2095 . . . . . . . . . . . 
# 
_struct.entry_id                     6XG0 
_struct.title                        
'Self-assembly of a 3D DNA crystal lattice (4x5 junction version) containing the J31 immobile Holliday junction' 
_struct.pdbx_model_details           ? 
_struct.pdbx_formula_weight          ? 
_struct.pdbx_formula_weight_method   ? 
_struct.pdbx_model_type_details      ? 
_struct.pdbx_CASP_flag               N 
# 
_struct_keywords.entry_id        6XG0 
_struct_keywords.text            
'Structural DNA nanotechnology, immobile Holliday junctions, 3D DNA self-assembly, designer DNA crystals, DNA' 
_struct_keywords.pdbx_keywords   DNA 
# 
loop_
_struct_asym.id 
_struct_asym.pdbx_blank_PDB_chainid_flag 
_struct_asym.pdbx_modified 
_struct_asym.entity_id 
_struct_asym.details 
A N N 1 ? 
B N N 2 ? 
C N N 3 ? 
D N N 4 ? 
E N N 5 ? 
F N N 5 ? 
# 
loop_
_struct_conn.id 
_struct_conn.conn_type_id 
_struct_conn.pdbx_leaving_atom_flag 
_struct_conn.pdbx_PDB_id 
_struct_conn.ptnr1_label_asym_id 
_struct_conn.ptnr1_label_comp_id 
_struct_conn.ptnr1_label_seq_id 
_struct_conn.ptnr1_label_atom_id 
_struct_conn.pdbx_ptnr1_label_alt_id 
_struct_conn.pdbx_ptnr1_PDB_ins_code 
_struct_conn.pdbx_ptnr1_standard_comp_id 
_struct_conn.ptnr1_symmetry 
_struct_conn.ptnr2_label_asym_id 
_struct_conn.ptnr2_label_comp_id 
_struct_conn.ptnr2_label_seq_id 
_struct_conn.ptnr2_label_atom_id 
_struct_conn.pdbx_ptnr2_label_alt_id 
_struct_conn.pdbx_ptnr2_PDB_ins_code 
_struct_conn.ptnr1_auth_asym_id 
_struct_conn.ptnr1_auth_comp_id 
_struct_conn.ptnr1_auth_seq_id 
_struct_conn.ptnr2_auth_asym_id 
_struct_conn.ptnr2_auth_comp_id 
_struct_conn.ptnr2_auth_seq_id 
_struct_conn.ptnr2_symmetry 
_struct_conn.pdbx_ptnr3_label_atom_id 
_struct_conn.pdbx_ptnr3_label_seq_id 
_struct_conn.pdbx_ptnr3_label_comp_id 
_struct_conn.pdbx_ptnr3_label_asym_id 
_struct_conn.pdbx_ptnr3_label_alt_id 
_struct_conn.pdbx_ptnr3_PDB_ins_code 
_struct_conn.details 
_struct_conn.pdbx_dist_value 
_struct_conn.pdbx_value_order 
_struct_conn.pdbx_role 
hydrog1  hydrog ? ? A DG 3  N1 ? ? ? 1_555 D DC 16 N3 ? ? A DG 3  D DC 16 1_555 ? ? ? ? ? ? WATSON-CRICK ? ? ? 
hydrog2  hydrog ? ? A DG 3  N2 ? ? ? 1_555 D DC 16 O2 ? ? A DG 3  D DC 16 1_555 ? ? ? ? ? ? WATSON-CRICK ? ? ? 
hydrog3  hydrog ? ? A DG 3  O6 ? ? ? 1_555 D DC 16 N4 ? ? A DG 3  D DC 16 1_555 ? ? ? ? ? ? WATSON-CRICK ? ? ? 
hydrog4  hydrog ? ? A DC 4  N3 ? ? ? 1_555 D DG 15 N1 ? ? A DC 4  D DG 15 1_555 ? ? ? ? ? ? WATSON-CRICK ? ? ? 
hydrog5  hydrog ? ? A DC 4  N4 ? ? ? 1_555 D DG 15 O6 ? ? A DC 4  D DG 15 1_555 ? ? ? ? ? ? WATSON-CRICK ? ? ? 
hydrog6  hydrog ? ? A DC 4  O2 ? ? ? 1_555 D DG 15 N2 ? ? A DC 4  D DG 15 1_555 ? ? ? ? ? ? WATSON-CRICK ? ? ? 
hydrog7  hydrog ? ? A DA 5  N1 ? ? ? 1_555 D DT 14 N3 ? ? A DA 5  D DT 14 1_555 ? ? ? ? ? ? WATSON-CRICK ? ? ? 
hydrog8  hydrog ? ? A DA 5  N6 ? ? ? 1_555 D DT 14 O4 ? ? A DA 5  D DT 14 1_555 ? ? ? ? ? ? WATSON-CRICK ? ? ? 
hydrog9  hydrog ? ? A DG 6  N1 ? ? ? 1_555 D DC 13 N3 ? ? A DG 6  D DC 13 1_555 ? ? ? ? ? ? WATSON-CRICK ? ? ? 
hydrog10 hydrog ? ? A DG 6  N2 ? ? ? 1_555 D DC 13 O2 ? ? A DG 6  D DC 13 1_555 ? ? ? ? ? ? WATSON-CRICK ? ? ? 
hydrog11 hydrog ? ? A DG 6  O6 ? ? ? 1_555 D DC 13 N4 ? ? A DG 6  D DC 13 1_555 ? ? ? ? ? ? WATSON-CRICK ? ? ? 
hydrog12 hydrog ? ? A DA 7  N1 ? ? ? 1_555 D DT 12 N3 ? ? A DA 7  D DT 12 1_555 ? ? ? ? ? ? WATSON-CRICK ? ? ? 
hydrog13 hydrog ? ? A DA 7  N6 ? ? ? 1_555 D DT 12 O4 ? ? A DA 7  D DT 12 1_555 ? ? ? ? ? ? WATSON-CRICK ? ? ? 
hydrog14 hydrog ? ? A DC 8  N3 ? ? ? 1_555 D DG 11 N1 ? ? A DC 8  D DG 11 1_555 ? ? ? ? ? ? WATSON-CRICK ? ? ? 
hydrog15 hydrog ? ? A DC 8  N4 ? ? ? 1_555 D DG 11 O6 ? ? A DC 8  D DG 11 1_555 ? ? ? ? ? ? WATSON-CRICK ? ? ? 
hydrog16 hydrog ? ? A DC 8  O2 ? ? ? 1_555 D DG 11 N2 ? ? A DC 8  D DG 11 1_555 ? ? ? ? ? ? WATSON-CRICK ? ? ? 
hydrog17 hydrog ? ? A DC 9  N3 ? ? ? 1_555 D DG 10 N1 ? ? A DC 9  D DG 10 1_555 ? ? ? ? ? ? WATSON-CRICK ? ? ? 
hydrog18 hydrog ? ? A DC 9  N4 ? ? ? 1_555 D DG 10 O6 ? ? A DC 9  D DG 10 1_555 ? ? ? ? ? ? WATSON-CRICK ? ? ? 
hydrog19 hydrog ? ? A DC 9  O2 ? ? ? 1_555 D DG 10 N2 ? ? A DC 9  D DG 10 1_555 ? ? ? ? ? ? WATSON-CRICK ? ? ? 
hydrog20 hydrog ? ? A DA 10 N1 ? ? ? 1_555 C DT 2  N3 ? ? A DA 10 C DT 2  1_555 ? ? ? ? ? ? WATSON-CRICK ? ? ? 
hydrog21 hydrog ? ? A DA 10 N6 ? ? ? 1_555 C DT 2  O4 ? ? A DA 10 C DT 2  1_555 ? ? ? ? ? ? WATSON-CRICK ? ? ? 
hydrog22 hydrog ? ? A DG 11 N1 ? ? ? 1_555 C DC 1  O2 ? ? A DG 11 C DC 1  1_555 ? ? ? ? ? ? 'DG-DC PAIR' ? ? ? 
hydrog23 hydrog ? ? B DA 1  N1 ? ? ? 1_555 C DT 5  N3 ? ? B DA 12 C DT 5  1_555 ? ? ? ? ? ? 'DA-DT PAIR' ? ? ? 
hydrog24 hydrog ? ? B DC 2  N3 ? ? ? 1_555 C DG 4  N1 ? ? B DC 13 C DG 4  1_555 ? ? ? ? ? ? WATSON-CRICK ? ? ? 
hydrog25 hydrog ? ? B DC 2  N4 ? ? ? 1_555 C DG 4  O6 ? ? B DC 13 C DG 4  1_555 ? ? ? ? ? ? WATSON-CRICK ? ? ? 
hydrog26 hydrog ? ? B DC 2  O2 ? ? ? 1_555 C DG 4  N2 ? ? B DC 13 C DG 4  1_555 ? ? ? ? ? ? WATSON-CRICK ? ? ? 
hydrog27 hydrog ? ? B DG 3  N1 ? ? ? 1_555 C DC 3  N3 ? ? B DG 14 C DC 3  1_555 ? ? ? ? ? ? WATSON-CRICK ? ? ? 
hydrog28 hydrog ? ? B DG 3  N2 ? ? ? 1_555 C DC 3  O2 ? ? B DG 14 C DC 3  1_555 ? ? ? ? ? ? WATSON-CRICK ? ? ? 
hydrog29 hydrog ? ? B DG 3  O6 ? ? ? 1_555 C DC 3  N4 ? ? B DG 14 C DC 3  1_555 ? ? ? ? ? ? WATSON-CRICK ? ? ? 
hydrog30 hydrog ? ? B DC 4  N3 ? ? ? 1_555 D DG 9  N1 ? ? B DC 15 D DG 9  1_555 ? ? ? ? ? ? WATSON-CRICK ? ? ? 
hydrog31 hydrog ? ? B DC 4  N4 ? ? ? 1_555 D DG 9  O6 ? ? B DC 15 D DG 9  1_555 ? ? ? ? ? ? WATSON-CRICK ? ? ? 
hydrog32 hydrog ? ? B DC 4  O2 ? ? ? 1_555 D DG 9  N2 ? ? B DC 15 D DG 9  1_555 ? ? ? ? ? ? WATSON-CRICK ? ? ? 
hydrog33 hydrog ? ? B DC 5  N3 ? ? ? 1_555 D DG 8  N1 ? ? B DC 16 D DG 8  1_555 ? ? ? ? ? ? WATSON-CRICK ? ? ? 
hydrog34 hydrog ? ? B DC 5  N4 ? ? ? 1_555 D DG 8  O6 ? ? B DC 16 D DG 8  1_555 ? ? ? ? ? ? WATSON-CRICK ? ? ? 
hydrog35 hydrog ? ? B DC 5  O2 ? ? ? 1_555 D DG 8  N2 ? ? B DC 16 D DG 8  1_555 ? ? ? ? ? ? WATSON-CRICK ? ? ? 
hydrog36 hydrog ? ? B DA 6  N1 ? ? ? 1_555 D DT 7  N3 ? ? B DA 17 D DT 7  1_555 ? ? ? ? ? ? WATSON-CRICK ? ? ? 
hydrog37 hydrog ? ? B DA 6  N6 ? ? ? 1_555 D DT 7  O4 ? ? B DA 17 D DT 7  1_555 ? ? ? ? ? ? WATSON-CRICK ? ? ? 
hydrog38 hydrog ? ? B DC 7  N3 ? ? ? 1_555 D DG 6  N1 ? ? B DC 18 D DG 6  1_555 ? ? ? ? ? ? WATSON-CRICK ? ? ? 
hydrog39 hydrog ? ? B DC 7  N4 ? ? ? 1_555 D DG 6  O6 ? ? B DC 18 D DG 6  1_555 ? ? ? ? ? ? WATSON-CRICK ? ? ? 
hydrog40 hydrog ? ? B DC 7  O2 ? ? ? 1_555 D DG 6  N2 ? ? B DC 18 D DG 6  1_555 ? ? ? ? ? ? WATSON-CRICK ? ? ? 
hydrog41 hydrog ? ? B DT 8  N3 ? ? ? 1_555 D DA 5  N1 ? ? B DT 19 D DA 5  1_555 ? ? ? ? ? ? WATSON-CRICK ? ? ? 
hydrog42 hydrog ? ? B DT 8  O4 ? ? ? 1_555 D DA 5  N6 ? ? B DT 19 D DA 5  1_555 ? ? ? ? ? ? WATSON-CRICK ? ? ? 
hydrog43 hydrog ? ? B DC 9  N3 ? ? ? 1_555 D DG 4  N1 ? ? B DC 20 D DG 4  1_555 ? ? ? ? ? ? WATSON-CRICK ? ? ? 
hydrog44 hydrog ? ? B DC 9  N4 ? ? ? 1_555 D DG 4  O6 ? ? B DC 20 D DG 4  1_555 ? ? ? ? ? ? WATSON-CRICK ? ? ? 
hydrog45 hydrog ? ? B DC 9  O2 ? ? ? 1_555 D DG 4  N2 ? ? B DC 20 D DG 4  1_555 ? ? ? ? ? ? WATSON-CRICK ? ? ? 
hydrog46 hydrog ? ? B DA 10 N1 ? ? ? 1_555 D DT 3  N3 ? ? B DA 21 D DT 3  1_555 ? ? ? ? ? ? 'DA-DT PAIR' ? ? ? 
# 
_struct_conn_type.id          hydrog 
_struct_conn_type.criteria    ? 
_struct_conn_type.reference   ? 
# 
_struct_site.id                   AC1 
_struct_site.pdbx_evidence_code   Software 
_struct_site.pdbx_auth_asym_id    D 
_struct_site.pdbx_auth_comp_id    CAC 
_struct_site.pdbx_auth_seq_id     102 
_struct_site.pdbx_auth_ins_code   ? 
_struct_site.pdbx_num_residues    1 
_struct_site.details              'binding site for residue CAC D 102' 
# 
_struct_site_gen.id                   1 
_struct_site_gen.site_id              AC1 
_struct_site_gen.pdbx_num_res         1 
_struct_site_gen.label_comp_id        DG 
_struct_site_gen.label_asym_id        D 
_struct_site_gen.label_seq_id         9 
_struct_site_gen.pdbx_auth_ins_code   ? 
_struct_site_gen.auth_comp_id         DG 
_struct_site_gen.auth_asym_id         D 
_struct_site_gen.auth_seq_id          9 
_struct_site_gen.label_atom_id        . 
_struct_site_gen.label_alt_id         ? 
_struct_site_gen.symmetry             1_555 
_struct_site_gen.details              ? 
# 
_atom_sites.entry_id                    6XG0 
_atom_sites.Cartn_transf_matrix[1][1]   ? 
_atom_sites.Cartn_transf_matrix[1][2]   ? 
_atom_sites.Cartn_transf_matrix[1][3]   ? 
_atom_sites.Cartn_transf_matrix[2][1]   ? 
_atom_sites.Cartn_transf_matrix[2][2]   ? 
_atom_sites.Cartn_transf_matrix[2][3]   ? 
_atom_sites.Cartn_transf_matrix[3][1]   ? 
_atom_sites.Cartn_transf_matrix[3][2]   ? 
_atom_sites.Cartn_transf_matrix[3][3]   ? 
_atom_sites.Cartn_transf_vector[1]      ? 
_atom_sites.Cartn_transf_vector[2]      ? 
_atom_sites.Cartn_transf_vector[3]      ? 
_atom_sites.fract_transf_matrix[1][1]   -0.00370500 
_atom_sites.fract_transf_matrix[1][2]   -0.00191287 
_atom_sites.fract_transf_matrix[1][3]   0.01623482 
_atom_sites.fract_transf_matrix[2][1]   -0.01588233 
_atom_sites.fract_transf_matrix[2][2]   -0.00251413 
_atom_sites.fract_transf_matrix[2][3]   0.00473236 
_atom_sites.fract_transf_matrix[3][1]   0.00221380 
_atom_sites.fract_transf_matrix[3][2]   -0.01674865 
_atom_sites.fract_transf_matrix[3][3]   -0.00146819 
_atom_sites.fract_transf_vector[1]      0.161527 
_atom_sites.fract_transf_vector[2]      0.288467 
_atom_sites.fract_transf_vector[3]      -0.156560 
_atom_sites.solution_primary            ? 
_atom_sites.solution_secondary          ? 
_atom_sites.solution_hydrogens          ? 
_atom_sites.special_details             ? 
# 
loop_
_atom_type.symbol 
AS 
C  
N  
O  
P  
# 
loop_
_atom_site.group_PDB 
_atom_site.id 
_atom_site.type_symbol 
_atom_site.label_atom_id 
_atom_site.label_alt_id 
_atom_site.label_comp_id 
_atom_site.label_asym_id 
_atom_site.label_entity_id 
_atom_site.label_seq_id 
_atom_site.pdbx_PDB_ins_code 
_atom_site.Cartn_x 
_atom_site.Cartn_y 
_atom_site.Cartn_z 
_atom_site.occupancy 
_atom_site.B_iso_or_equiv 
_atom_site.pdbx_formal_charge 
_atom_site.auth_seq_id 
_atom_site.auth_comp_id 
_atom_site.auth_asym_id 
_atom_site.auth_atom_id 
_atom_site.pdbx_PDB_model_num 
ATOM   1   O  "O5'" . DG  A 1 1  ? -9.162  9.260   24.476  1.00 232.83 ? 1   DG  A "O5'" 1 
ATOM   2   C  "C5'" . DG  A 1 1  ? -8.262  8.727   23.514  1.00 215.03 ? 1   DG  A "C5'" 1 
ATOM   3   C  "C4'" . DG  A 1 1  ? -8.773  7.402   22.980  1.00 204.34 ? 1   DG  A "C4'" 1 
ATOM   4   O  "O4'" . DG  A 1 1  ? -10.205 7.480   22.807  1.00 202.95 ? 1   DG  A "O4'" 1 
ATOM   5   C  "C3'" . DG  A 1 1  ? -8.172  6.981   21.643  1.00 203.03 ? 1   DG  A "C3'" 1 
ATOM   6   O  "O3'" . DG  A 1 1  ? -7.282  5.885   21.846  1.00 208.59 ? 1   DG  A "O3'" 1 
ATOM   7   C  "C2'" . DG  A 1 1  ? -9.363  6.566   20.778  1.00 197.23 ? 1   DG  A "C2'" 1 
ATOM   8   C  "C1'" . DG  A 1 1  ? -10.581 7.116   21.503  1.00 193.56 ? 1   DG  A "C1'" 1 
ATOM   9   N  N9    . DG  A 1 1  ? -11.185 8.268   20.855  1.00 186.60 ? 1   DG  A N9    1 
ATOM   10  C  C8    . DG  A 1 1  ? -10.977 9.593   21.158  1.00 182.01 ? 1   DG  A C8    1 
ATOM   11  N  N7    . DG  A 1 1  ? -11.675 10.406  20.416  1.00 179.24 ? 1   DG  A N7    1 
ATOM   12  C  C5    . DG  A 1 1  ? -12.392 9.565   19.574  1.00 180.49 ? 1   DG  A C5    1 
ATOM   13  C  C6    . DG  A 1 1  ? -13.318 9.868   18.550  1.00 179.22 ? 1   DG  A C6    1 
ATOM   14  O  O6    . DG  A 1 1  ? -13.707 10.981  18.174  1.00 174.73 ? 1   DG  A O6    1 
ATOM   15  N  N1    . DG  A 1 1  ? -13.809 8.715   17.945  1.00 177.48 ? 1   DG  A N1    1 
ATOM   16  C  C2    . DG  A 1 1  ? -13.451 7.431   18.283  1.00 180.01 ? 1   DG  A C2    1 
ATOM   17  N  N2    . DG  A 1 1  ? -14.026 6.446   17.585  1.00 175.00 ? 1   DG  A N2    1 
ATOM   18  N  N3    . DG  A 1 1  ? -12.585 7.136   19.241  1.00 181.53 ? 1   DG  A N3    1 
ATOM   19  C  C4    . DG  A 1 1  ? -12.097 8.247   19.838  1.00 182.93 ? 1   DG  A C4    1 
ATOM   20  P  P     . DA  A 1 2  ? -6.089  5.604   20.805  1.00 199.58 ? 2   DA  A P     1 
ATOM   21  O  OP1   . DA  A 1 2  ? -4.841  5.517   21.594  1.00 198.44 ? 2   DA  A OP1   1 
ATOM   22  O  OP2   . DA  A 1 2  ? -6.206  6.586   19.707  1.00 191.25 ? 2   DA  A OP2   1 
ATOM   23  O  "O5'" . DA  A 1 2  ? -6.407  4.149   20.210  1.00 192.09 ? 2   DA  A "O5'" 1 
ATOM   24  C  "C5'" . DA  A 1 2  ? -7.729  3.617   20.259  1.00 193.76 ? 2   DA  A "C5'" 1 
ATOM   25  C  "C4'" . DA  A 1 2  ? -8.277  3.402   18.860  1.00 186.77 ? 2   DA  A "C4'" 1 
ATOM   26  O  "O4'" . DA  A 1 2  ? -9.100  4.537   18.470  1.00 184.65 ? 2   DA  A "O4'" 1 
ATOM   27  C  "C3'" . DA  A 1 2  ? -7.218  3.257   17.770  1.00 187.18 ? 2   DA  A "C3'" 1 
ATOM   28  O  "O3'" . DA  A 1 2  ? -7.611  2.251   16.856  1.00 187.79 ? 2   DA  A "O3'" 1 
ATOM   29  C  "C2'" . DA  A 1 2  ? -7.219  4.634   17.113  1.00 190.38 ? 2   DA  A "C2'" 1 
ATOM   30  C  "C1'" . DA  A 1 2  ? -8.692  4.986   17.202  1.00 184.58 ? 2   DA  A "C1'" 1 
ATOM   31  N  N9    . DA  A 1 2  ? -8.968  6.415   17.093  1.00 184.98 ? 2   DA  A N9    1 
ATOM   32  C  C8    . DA  A 1 2  ? -8.321  7.437   17.732  1.00 185.07 ? 2   DA  A C8    1 
ATOM   33  N  N7    . DA  A 1 2  ? -8.790  8.627   17.436  1.00 183.56 ? 2   DA  A N7    1 
ATOM   34  C  C5    . DA  A 1 2  ? -9.816  8.367   16.540  1.00 185.23 ? 2   DA  A C5    1 
ATOM   35  C  C6    . DA  A 1 2  ? -10.711 9.207   15.849  1.00 185.34 ? 2   DA  A C6    1 
ATOM   36  N  N6    . DA  A 1 2  ? -10.711 10.540  15.966  1.00 182.46 ? 2   DA  A N6    1 
ATOM   37  N  N1    . DA  A 1 2  ? -11.613 8.621   15.029  1.00 183.99 ? 2   DA  A N1    1 
ATOM   38  C  C2    . DA  A 1 2  ? -11.610 7.287   14.915  1.00 182.62 ? 2   DA  A C2    1 
ATOM   39  N  N3    . DA  A 1 2  ? -10.820 6.397   15.512  1.00 185.28 ? 2   DA  A N3    1 
ATOM   40  C  C4    . DA  A 1 2  ? -9.936  7.008   16.319  1.00 185.96 ? 2   DA  A C4    1 
ATOM   41  P  P     . DG  A 1 3  ? -6.503  1.414   16.051  1.00 197.36 ? 3   DG  A P     1 
ATOM   42  O  OP1   . DG  A 1 3  ? -6.445  0.060   16.647  1.00 192.25 ? 3   DG  A OP1   1 
ATOM   43  O  OP2   . DG  A 1 3  ? -5.277  2.239   15.989  1.00 196.76 ? 3   DG  A OP2   1 
ATOM   44  O  "O5'" . DG  A 1 3  ? -7.117  1.296   14.581  1.00 182.80 ? 3   DG  A "O5'" 1 
ATOM   45  C  "C5'" . DG  A 1 3  ? -8.351  0.626   14.392  1.00 180.08 ? 3   DG  A "C5'" 1 
ATOM   46  C  "C4'" . DG  A 1 3  ? -9.104  1.193   13.202  1.00 184.04 ? 3   DG  A "C4'" 1 
ATOM   47  O  "O4'" . DG  A 1 3  ? -9.447  2.583   13.450  1.00 182.04 ? 3   DG  A "O4'" 1 
ATOM   48  C  "C3'" . DG  A 1 3  ? -8.340  1.177   11.879  1.00 187.23 ? 3   DG  A "C3'" 1 
ATOM   49  O  "O3'" . DG  A 1 3  ? -9.232  0.834   10.834  1.00 188.25 ? 3   DG  A "O3'" 1 
ATOM   50  C  "C2'" . DG  A 1 3  ? -7.853  2.621   11.749  1.00 188.91 ? 3   DG  A "C2'" 1 
ATOM   51  C  "C1'" . DG  A 1 3  ? -9.017  3.376   12.365  1.00 188.37 ? 3   DG  A "C1'" 1 
ATOM   52  N  N9    . DG  A 1 3  ? -8.665  4.697   12.878  1.00 186.33 ? 3   DG  A N9    1 
ATOM   53  C  C8    . DG  A 1 3  ? -7.763  4.982   13.871  1.00 180.90 ? 3   DG  A C8    1 
ATOM   54  N  N7    . DG  A 1 3  ? -7.665  6.255   14.136  1.00 177.09 ? 3   DG  A N7    1 
ATOM   55  C  C5    . DG  A 1 3  ? -8.562  6.853   13.263  1.00 181.72 ? 3   DG  A C5    1 
ATOM   56  C  C6    . DG  A 1 3  ? -8.890  8.220   13.088  1.00 179.67 ? 3   DG  A C6    1 
ATOM   57  O  O6    . DG  A 1 3  ? -8.434  9.202   13.689  1.00 177.45 ? 3   DG  A O6    1 
ATOM   58  N  N1    . DG  A 1 3  ? -9.851  8.394   12.095  1.00 176.54 ? 3   DG  A N1    1 
ATOM   59  C  C2    . DG  A 1 3  ? -10.422 7.378   11.365  1.00 178.80 ? 3   DG  A C2    1 
ATOM   60  N  N2    . DG  A 1 3  ? -11.332 7.743   10.450  1.00 179.38 ? 3   DG  A N2    1 
ATOM   61  N  N3    . DG  A 1 3  ? -10.124 6.094   11.520  1.00 178.75 ? 3   DG  A N3    1 
ATOM   62  C  C4    . DG  A 1 3  ? -9.190  5.907   12.483  1.00 183.16 ? 3   DG  A C4    1 
ATOM   63  P  P     . DC  A 1 4  ? -8.679  0.321   9.416   1.00 198.63 ? 4   DC  A P     1 
ATOM   64  O  OP1   . DC  A 1 4  ? -8.892  -1.142  9.363   1.00 191.21 ? 4   DC  A OP1   1 
ATOM   65  O  OP2   . DC  A 1 4  ? -7.320  0.872   9.214   1.00 194.32 ? 4   DC  A OP2   1 
ATOM   66  O  "O5'" . DC  A 1 4  ? -9.654  1.028   8.364   1.00 196.82 ? 4   DC  A "O5'" 1 
ATOM   67  C  "C5'" . DC  A 1 4  ? -10.277 2.265   8.705   1.00 191.58 ? 4   DC  A "C5'" 1 
ATOM   68  C  "C4'" . DC  A 1 4  ? -10.266 3.222   7.527   1.00 192.21 ? 4   DC  A "C4'" 1 
ATOM   69  O  "O4'" . DC  A 1 4  ? -10.062 4.578   8.011   1.00 190.53 ? 4   DC  A "O4'" 1 
ATOM   70  C  "C3'" . DC  A 1 4  ? -9.152  2.976   6.512   1.00 189.95 ? 4   DC  A "C3'" 1 
ATOM   71  O  "O3'" . DC  A 1 4  ? -9.595  3.341   5.211   1.00 192.69 ? 4   DC  A "O3'" 1 
ATOM   72  C  "C2'" . DC  A 1 4  ? -8.055  3.910   7.007   1.00 187.12 ? 4   DC  A "C2'" 1 
ATOM   73  C  "C1'" . DC  A 1 4  ? -8.882  5.110   7.447   1.00 185.58 ? 4   DC  A "C1'" 1 
ATOM   74  N  N1    . DC  A 1 4  ? -8.202  5.968   8.461   1.00 182.65 ? 4   DC  A N1    1 
ATOM   75  C  C2    . DC  A 1 4  ? -8.491  7.337   8.514   1.00 182.42 ? 4   DC  A C2    1 
ATOM   76  O  O2    . DC  A 1 4  ? -9.315  7.810   7.720   1.00 181.15 ? 4   DC  A O2    1 
ATOM   77  N  N3    . DC  A 1 4  ? -7.862  8.105   9.438   1.00 183.02 ? 4   DC  A N3    1 
ATOM   78  C  C4    . DC  A 1 4  ? -6.981  7.557   10.277  1.00 178.30 ? 4   DC  A C4    1 
ATOM   79  N  N4    . DC  A 1 4  ? -6.386  8.355   11.169  1.00 174.21 ? 4   DC  A N4    1 
ATOM   80  C  C5    . DC  A 1 4  ? -6.669  6.165   10.235  1.00 174.49 ? 4   DC  A C5    1 
ATOM   81  C  C6    . DC  A 1 4  ? -7.296  5.416   9.321   1.00 178.71 ? 4   DC  A C6    1 
ATOM   82  P  P     . DA  A 1 5  ? -9.233  2.422   3.943   1.00 208.33 ? 5   DA  A P     1 
ATOM   83  O  OP1   . DA  A 1 5  ? -10.224 1.325   3.890   1.00 199.21 ? 5   DA  A OP1   1 
ATOM   84  O  OP2   . DA  A 1 5  ? -7.788  2.111   4.013   1.00 197.75 ? 5   DA  A OP2   1 
ATOM   85  O  "O5'" . DA  A 1 5  ? -9.465  3.388   2.688   1.00 197.23 ? 5   DA  A "O5'" 1 
ATOM   86  C  "C5'" . DA  A 1 5  ? -10.769 3.876   2.394   1.00 189.59 ? 5   DA  A "C5'" 1 
ATOM   87  C  "C4'" . DA  A 1 5  ? -10.722 5.342   2.005   1.00 192.64 ? 5   DA  A "C4'" 1 
ATOM   88  O  "O4'" . DA  A 1 5  ? -10.206 6.120   3.117   1.00 185.60 ? 5   DA  A "O4'" 1 
ATOM   89  C  "C3'" . DA  A 1 5  ? -9.833  5.668   0.802   1.00 193.36 ? 5   DA  A "C3'" 1 
ATOM   90  O  "O3'" . DA  A 1 5  ? -10.484 6.603   -0.052  1.00 201.06 ? 5   DA  A "O3'" 1 
ATOM   91  C  "C2'" . DA  A 1 5  ? -8.577  6.262   1.437   1.00 186.75 ? 5   DA  A "C2'" 1 
ATOM   92  C  "C1'" . DA  A 1 5  ? -9.136  6.930   2.684   1.00 181.78 ? 5   DA  A "C1'" 1 
ATOM   93  N  N9    . DA  A 1 5  ? -8.164  7.023   3.769   1.00 179.53 ? 5   DA  A N9    1 
ATOM   94  C  C8    . DA  A 1 5  ? -7.459  5.995   4.328   1.00 180.31 ? 5   DA  A C8    1 
ATOM   95  N  N7    . DA  A 1 5  ? -6.649  6.370   5.291   1.00 178.95 ? 5   DA  A N7    1 
ATOM   96  C  C5    . DA  A 1 5  ? -6.836  7.740   5.368   1.00 180.03 ? 5   DA  A C5    1 
ATOM   97  C  C6    . DA  A 1 5  ? -6.267  8.732   6.192   1.00 178.73 ? 5   DA  A C6    1 
ATOM   98  N  N6    . DA  A 1 5  ? -5.354  8.472   7.136   1.00 169.98 ? 5   DA  A N6    1 
ATOM   99  N  N1    . DA  A 1 5  ? -6.672  10.007  6.008   1.00 181.15 ? 5   DA  A N1    1 
ATOM   100 C  C2    . DA  A 1 5  ? -7.587  10.264  5.063   1.00 180.69 ? 5   DA  A C2    1 
ATOM   101 N  N3    . DA  A 1 5  ? -8.190  9.418   4.228   1.00 178.34 ? 5   DA  A N3    1 
ATOM   102 C  C4    . DA  A 1 5  ? -7.767  8.161   4.435   1.00 179.98 ? 5   DA  A C4    1 
ATOM   103 P  P     . DG  A 1 6  ? -9.875  6.929   -1.503  1.00 205.28 ? 6   DG  A P     1 
ATOM   104 O  OP1   . DG  A 1 6  ? -10.990 7.359   -2.379  1.00 195.73 ? 6   DG  A OP1   1 
ATOM   105 O  OP2   . DG  A 1 6  ? -9.033  5.778   -1.898  1.00 196.44 ? 6   DG  A OP2   1 
ATOM   106 O  "O5'" . DG  A 1 6  ? -8.907  8.176   -1.241  1.00 191.96 ? 6   DG  A "O5'" 1 
ATOM   107 C  "C5'" . DG  A 1 6  ? -9.157  9.423   -1.886  1.00 191.99 ? 6   DG  A "C5'" 1 
ATOM   108 C  "C4'" . DG  A 1 6  ? -8.649  10.580  -1.043  1.00 188.26 ? 6   DG  A "C4'" 1 
ATOM   109 O  "O4'" . DG  A 1 6  ? -8.158  10.075  0.210   1.00 183.45 ? 6   DG  A "O4'" 1 
ATOM   110 C  "C3'" . DG  A 1 6  ? -7.481  11.355  -1.649  1.00 191.16 ? 6   DG  A "C3'" 1 
ATOM   111 O  "O3'" . DG  A 1 6  ? -7.948  12.561  -2.249  1.00 199.69 ? 6   DG  A "O3'" 1 
ATOM   112 C  "C2'" . DG  A 1 6  ? -6.545  11.645  -0.461  1.00 181.77 ? 6   DG  A "C2'" 1 
ATOM   113 C  "C1'" . DG  A 1 6  ? -7.247  11.004  0.733   1.00 182.04 ? 6   DG  A "C1'" 1 
ATOM   114 N  N9    . DG  A 1 6  ? -6.337  10.303  1.634   1.00 183.00 ? 6   DG  A N9    1 
ATOM   115 C  C8    . DG  A 1 6  ? -6.105  8.951   1.689   1.00 183.39 ? 6   DG  A C8    1 
ATOM   116 N  N7    . DG  A 1 6  ? -5.234  8.609   2.598   1.00 182.26 ? 6   DG  A N7    1 
ATOM   117 C  C5    . DG  A 1 6  ? -4.862  9.812   3.184   1.00 180.54 ? 6   DG  A C5    1 
ATOM   118 C  C6    . DG  A 1 6  ? -3.946  10.072  4.233   1.00 177.17 ? 6   DG  A C6    1 
ATOM   119 O  O6    . DG  A 1 6  ? -3.259  9.262   4.872   1.00 173.95 ? 6   DG  A O6    1 
ATOM   120 N  N1    . DG  A 1 6  ? -3.867  11.433  4.522   1.00 177.93 ? 6   DG  A N1    1 
ATOM   121 C  C2    . DG  A 1 6  ? -4.583  12.418  3.880   1.00 179.23 ? 6   DG  A C2    1 
ATOM   122 N  N2    . DG  A 1 6  ? -4.371  13.675  4.298   1.00 175.65 ? 6   DG  A N2    1 
ATOM   123 N  N3    . DG  A 1 6  ? -5.444  12.188  2.896   1.00 179.88 ? 6   DG  A N3    1 
ATOM   124 C  C4    . DG  A 1 6  ? -5.531  10.868  2.601   1.00 181.81 ? 6   DG  A C4    1 
ATOM   125 P  P     . DA  A 1 7  ? -7.005  13.379  -3.262  1.00 209.79 ? 7   DA  A P     1 
ATOM   126 O  OP1   . DA  A 1 7  ? -7.862  14.318  -4.017  1.00 207.49 ? 7   DA  A OP1   1 
ATOM   127 O  OP2   . DA  A 1 7  ? -6.173  12.398  -3.994  1.00 194.79 ? 7   DA  A OP2   1 
ATOM   128 O  "O5'" . DA  A 1 7  ? -6.041  14.220  -2.301  1.00 192.16 ? 7   DA  A "O5'" 1 
ATOM   129 C  "C5'" . DA  A 1 7  ? -6.588  15.196  -1.422  1.00 190.48 ? 7   DA  A "C5'" 1 
ATOM   130 C  "C4'" . DA  A 1 7  ? -5.492  15.880  -0.624  1.00 193.46 ? 7   DA  A "C4'" 1 
ATOM   131 O  "O4'" . DA  A 1 7  ? -4.995  14.975  0.398   1.00 190.76 ? 7   DA  A "O4'" 1 
ATOM   132 C  "C3'" . DA  A 1 7  ? -4.271  16.315  -1.442  1.00 197.97 ? 7   DA  A "C3'" 1 
ATOM   133 O  "O3'" . DA  A 1 7  ? -3.912  17.653  -1.116  1.00 205.97 ? 7   DA  A "O3'" 1 
ATOM   134 C  "C2'" . DA  A 1 7  ? -3.183  15.327  -1.018  1.00 193.73 ? 7   DA  A "C2'" 1 
ATOM   135 C  "C1'" . DA  A 1 7  ? -3.589  15.027  0.413   1.00 188.40 ? 7   DA  A "C1'" 1 
ATOM   136 N  N9    . DA  A 1 7  ? -3.078  13.752  0.908   1.00 183.80 ? 7   DA  A N9    1 
ATOM   137 C  C8    . DA  A 1 7  ? -3.427  12.502  0.479   1.00 182.35 ? 7   DA  A C8    1 
ATOM   138 N  N7    . DA  A 1 7  ? -2.804  11.533  1.107   1.00 179.93 ? 7   DA  A N7    1 
ATOM   139 C  C5    . DA  A 1 7  ? -1.986  12.194  2.009   1.00 179.95 ? 7   DA  A C5    1 
ATOM   140 C  C6    . DA  A 1 7  ? -1.066  11.734  2.973   1.00 176.54 ? 7   DA  A C6    1 
ATOM   141 N  N6    . DA  A 1 7  ? -0.813  10.438  3.190   1.00 173.37 ? 7   DA  A N6    1 
ATOM   142 N  N1    . DA  A 1 7  ? -0.415  12.660  3.709   1.00 173.81 ? 7   DA  A N1    1 
ATOM   143 C  C2    . DA  A 1 7  ? -0.672  13.955  3.490   1.00 179.36 ? 7   DA  A C2    1 
ATOM   144 N  N3    . DA  A 1 7  ? -1.510  14.507  2.614   1.00 182.19 ? 7   DA  A N3    1 
ATOM   145 C  C4    . DA  A 1 7  ? -2.143  13.563  1.900   1.00 181.42 ? 7   DA  A C4    1 
ATOM   146 P  P     . DC  A 1 8  ? -2.763  18.406  -1.949  1.00 220.03 ? 8   DC  A P     1 
ATOM   147 O  OP1   . DC  A 1 8  ? -3.050  19.857  -1.889  1.00 217.76 ? 8   DC  A OP1   1 
ATOM   148 O  OP2   . DC  A 1 8  ? -2.652  17.736  -3.265  1.00 205.35 ? 8   DC  A OP2   1 
ATOM   149 O  "O5'" . DC  A 1 8  ? -1.424  18.106  -1.123  1.00 199.26 ? 8   DC  A "O5'" 1 
ATOM   150 C  "C5'" . DC  A 1 8  ? -1.289  18.592  0.210   1.00 190.07 ? 8   DC  A "C5'" 1 
ATOM   151 C  "C4'" . DC  A 1 8  ? 0.048   18.188  0.812   1.00 191.01 ? 8   DC  A "C4'" 1 
ATOM   152 O  "O4'" . DC  A 1 8  ? 0.036   16.775  1.152   1.00 193.10 ? 8   DC  A "O4'" 1 
ATOM   153 C  "C3'" . DC  A 1 8  ? 1.272   18.394  -0.095  1.00 190.06 ? 8   DC  A "C3'" 1 
ATOM   154 O  "O3'" . DC  A 1 8  ? 2.330   18.983  0.656   1.00 191.90 ? 8   DC  A "O3'" 1 
ATOM   155 C  "C2'" . DC  A 1 8  ? 1.623   16.970  -0.517  1.00 186.71 ? 8   DC  A "C2'" 1 
ATOM   156 C  "C1'" . DC  A 1 8  ? 1.254   16.207  0.739   1.00 186.17 ? 8   DC  A "C1'" 1 
ATOM   157 N  N1    . DC  A 1 8  ? 1.068   14.744  0.523   1.00 184.33 ? 8   DC  A N1    1 
ATOM   158 C  C2    . DC  A 1 8  ? 1.818   13.832  1.276   1.00 176.83 ? 8   DC  A C2    1 
ATOM   159 O  O2    . DC  A 1 8  ? 2.622   14.258  2.115   1.00 169.82 ? 8   DC  A O2    1 
ATOM   160 N  N3    . DC  A 1 8  ? 1.641   12.505  1.063   1.00 175.04 ? 8   DC  A N3    1 
ATOM   161 C  C4    . DC  A 1 8  ? 0.764   12.085  0.149   1.00 175.83 ? 8   DC  A C4    1 
ATOM   162 N  N4    . DC  A 1 8  ? 0.624   10.765  -0.022  1.00 172.88 ? 8   DC  A N4    1 
ATOM   163 C  C5    . DC  A 1 8  ? -0.007  12.998  -0.629  1.00 177.94 ? 8   DC  A C5    1 
ATOM   164 C  C6    . DC  A 1 8  ? 0.177   14.305  -0.413  1.00 181.86 ? 8   DC  A C6    1 
ATOM   165 P  P     . DC  A 1 9  ? 3.628   19.584  -0.079  1.00 205.37 ? 9   DC  A P     1 
ATOM   166 O  OP1   . DC  A 1 9  ? 3.224   20.841  -0.748  1.00 199.19 ? 9   DC  A OP1   1 
ATOM   167 O  OP2   . DC  A 1 9  ? 4.279   18.512  -0.863  1.00 192.74 ? 9   DC  A OP2   1 
ATOM   168 O  "O5'" . DC  A 1 9  ? 4.612   19.932  1.132   1.00 186.70 ? 9   DC  A "O5'" 1 
ATOM   169 C  "C5'" . DC  A 1 9  ? 4.312   19.460  2.438   1.00 184.78 ? 9   DC  A "C5'" 1 
ATOM   170 C  "C4'" . DC  A 1 9  ? 5.315   18.409  2.886   1.00 187.46 ? 9   DC  A "C4'" 1 
ATOM   171 O  "O4'" . DC  A 1 9  ? 4.891   17.088  2.452   1.00 186.32 ? 9   DC  A "O4'" 1 
ATOM   172 C  "C3'" . DC  A 1 9  ? 6.745   18.591  2.355   1.00 180.35 ? 9   DC  A "C3'" 1 
ATOM   173 O  "O3'" . DC  A 1 9  ? 7.667   18.545  3.452   1.00 185.52 ? 9   DC  A "O3'" 1 
ATOM   174 C  "C2'" . DC  A 1 9  ? 6.919   17.404  1.402   1.00 180.22 ? 9   DC  A "C2'" 1 
ATOM   175 C  "C1'" . DC  A 1 9  ? 6.040   16.373  2.075   1.00 184.75 ? 9   DC  A "C1'" 1 
ATOM   176 N  N1    . DC  A 1 9  ? 5.652   15.231  1.195   1.00 184.45 ? 9   DC  A N1    1 
ATOM   177 C  C2    . DC  A 1 9  ? 6.251   13.979  1.388   1.00 173.61 ? 9   DC  A C2    1 
ATOM   178 O  O2    . DC  A 1 9  ? 7.090   13.844  2.288   1.00 168.84 ? 9   DC  A O2    1 
ATOM   179 N  N3    . DC  A 1 9  ? 5.892   12.948  0.582   1.00 164.92 ? 9   DC  A N3    1 
ATOM   180 C  C4    . DC  A 1 9  ? 4.983   13.134  -0.377  1.00 166.84 ? 9   DC  A C4    1 
ATOM   181 N  N4    . DC  A 1 9  ? 4.661   12.088  -1.144  1.00 156.05 ? 9   DC  A N4    1 
ATOM   182 C  C5    . DC  A 1 9  ? 4.367   14.403  -0.591  1.00 176.55 ? 9   DC  A C5    1 
ATOM   183 C  C6    . DC  A 1 9  ? 4.726   15.413  0.210   1.00 182.73 ? 9   DC  A C6    1 
ATOM   184 P  P     . DA  A 1 10 ? 9.197   18.085  3.249   1.00 200.53 ? 10  DA  A P     1 
ATOM   185 O  OP1   . DA  A 1 10 ? 9.931   18.504  4.462   1.00 202.81 ? 10  DA  A OP1   1 
ATOM   186 O  OP2   . DA  A 1 10 ? 9.682   18.551  1.930   1.00 194.48 ? 10  DA  A OP2   1 
ATOM   187 O  "O5'" . DA  A 1 10 ? 9.119   16.485  3.234   1.00 193.34 ? 10  DA  A "O5'" 1 
ATOM   188 C  "C5'" . DA  A 1 10 ? 9.680   15.727  4.299   1.00 196.56 ? 10  DA  A "C5'" 1 
ATOM   189 C  "C4'" . DA  A 1 10 ? 10.860  14.913  3.802   1.00 189.80 ? 10  DA  A "C4'" 1 
ATOM   190 O  "O4'" . DA  A 1 10 ? 10.375  13.776  3.071   1.00 186.56 ? 10  DA  A "O4'" 1 
ATOM   191 C  "C3'" . DA  A 1 10 ? 11.782  15.663  2.854   1.00 187.16 ? 10  DA  A "C3'" 1 
ATOM   192 O  "O3'" . DA  A 1 10 ? 12.913  16.140  3.583   1.00 194.96 ? 10  DA  A "O3'" 1 
ATOM   193 C  "C2'" . DA  A 1 10 ? 12.175  14.631  1.778   1.00 175.57 ? 10  DA  A "C2'" 1 
ATOM   194 C  "C1'" . DA  A 1 10 ? 11.295  13.411  2.071   1.00 171.40 ? 10  DA  A "C1'" 1 
ATOM   195 N  N9    . DA  A 1 10 ? 10.522  12.938  0.924   1.00 160.34 ? 10  DA  A N9    1 
ATOM   196 C  C8    . DA  A 1 10 ? 9.761   13.695  0.076   1.00 166.52 ? 10  DA  A C8    1 
ATOM   197 N  N7    . DA  A 1 10 ? 9.148   12.996  -0.852  1.00 163.74 ? 10  DA  A N7    1 
ATOM   198 C  C5    . DA  A 1 10 ? 9.522   11.689  -0.586  1.00 160.23 ? 10  DA  A C5    1 
ATOM   199 C  C6    . DA  A 1 10 ? 9.206   10.464  -1.211  1.00 151.82 ? 10  DA  A C6    1 
ATOM   200 N  N6    . DA  A 1 10 ? 8.407   10.365  -2.279  1.00 144.27 ? 10  DA  A N6    1 
ATOM   201 N  N1    . DA  A 1 10 ? 9.749   9.340   -0.693  1.00 151.29 ? 10  DA  A N1    1 
ATOM   202 C  C2    . DA  A 1 10 ? 10.550  9.443   0.375   1.00 145.66 ? 10  DA  A C2    1 
ATOM   203 N  N3    . DA  A 1 10 ? 10.917  10.534  1.047   1.00 148.73 ? 10  DA  A N3    1 
ATOM   204 C  C4    . DA  A 1 10 ? 10.364  11.634  0.511   1.00 158.29 ? 10  DA  A C4    1 
ATOM   205 P  P     . DG  A 1 11 ? 14.114  16.907  2.842   1.00 207.43 ? 11  DG  A P     1 
ATOM   206 O  OP1   . DG  A 1 11 ? 14.710  17.835  3.828   1.00 200.81 ? 11  DG  A OP1   1 
ATOM   207 O  OP2   . DG  A 1 11 ? 13.610  17.440  1.557   1.00 189.96 ? 11  DG  A OP2   1 
ATOM   208 O  "O5'" . DG  A 1 11 ? 15.159  15.739  2.529   1.00 188.04 ? 11  DG  A "O5'" 1 
ATOM   209 C  "C5'" . DG  A 1 11 ? 15.349  14.687  3.472   1.00 177.93 ? 11  DG  A "C5'" 1 
ATOM   210 C  "C4'" . DG  A 1 11 ? 15.885  13.445  2.788   1.00 173.72 ? 11  DG  A "C4'" 1 
ATOM   211 O  "O4'" . DG  A 1 11 ? 14.875  12.901  1.905   1.00 178.68 ? 11  DG  A "O4'" 1 
ATOM   212 C  "C3'" . DG  A 1 11 ? 17.133  13.676  1.931   1.00 168.40 ? 11  DG  A "C3'" 1 
ATOM   213 O  "O3'" . DG  A 1 11 ? 18.188  12.843  2.384   1.00 165.19 ? 11  DG  A "O3'" 1 
ATOM   214 C  "C2'" . DG  A 1 11 ? 16.691  13.322  0.503   1.00 159.41 ? 11  DG  A "C2'" 1 
ATOM   215 C  "C1'" . DG  A 1 11 ? 15.494  12.414  0.742   1.00 162.04 ? 11  DG  A "C1'" 1 
ATOM   216 N  N9    . DG  A 1 11 ? 14.520  12.434  -0.346  1.00 161.63 ? 11  DG  A N9    1 
ATOM   217 C  C8    . DG  A 1 11 ? 13.959  13.540  -0.935  1.00 162.29 ? 11  DG  A C8    1 
ATOM   218 N  N7    . DG  A 1 11 ? 13.114  13.254  -1.887  1.00 161.95 ? 11  DG  A N7    1 
ATOM   219 C  C5    . DG  A 1 11 ? 13.115  11.865  -1.934  1.00 158.21 ? 11  DG  A C5    1 
ATOM   220 C  C6    . DG  A 1 11 ? 12.392  10.980  -2.769  1.00 154.23 ? 11  DG  A C6    1 
ATOM   221 O  O6    . DG  A 1 11 ? 11.582  11.255  -3.667  1.00 149.92 ? 11  DG  A O6    1 
ATOM   222 N  N1    . DG  A 1 11 ? 12.689  9.647   -2.484  1.00 152.25 ? 11  DG  A N1    1 
ATOM   223 C  C2    . DG  A 1 11 ? 13.572  9.227   -1.518  1.00 153.07 ? 11  DG  A C2    1 
ATOM   224 N  N2    . DG  A 1 11 ? 13.727  7.900   -1.392  1.00 147.10 ? 11  DG  A N2    1 
ATOM   225 N  N3    . DG  A 1 11 ? 14.254  10.044  -0.729  1.00 158.52 ? 11  DG  A N3    1 
ATOM   226 C  C4    . DG  A 1 11 ? 13.976  11.344  -0.993  1.00 159.11 ? 11  DG  A C4    1 
ATOM   227 P  P     . DA  B 2 1  ? 19.880  -7.604  -13.741 1.00 164.31 ? 12  DA  B P     1 
ATOM   228 O  OP1   . DA  B 2 1  ? 21.145  -7.755  -12.982 1.00 164.46 ? 12  DA  B OP1   1 
ATOM   229 O  OP2   . DA  B 2 1  ? 19.076  -6.364  -13.653 1.00 154.71 ? 12  DA  B OP2   1 
ATOM   230 O  "O5'" . DA  B 2 1  ? 18.929  -8.843  -13.400 1.00 157.70 ? 12  DA  B "O5'" 1 
ATOM   231 C  "C5'" . DA  B 2 1  ? 19.180  -10.099 -14.015 1.00 160.94 ? 12  DA  B "C5'" 1 
ATOM   232 C  "C4'" . DA  B 2 1  ? 19.122  -11.226 -13.004 1.00 160.10 ? 12  DA  B "C4'" 1 
ATOM   233 O  "O4'" . DA  B 2 1  ? 19.766  -10.813 -11.773 1.00 161.49 ? 12  DA  B "O4'" 1 
ATOM   234 C  "C3'" . DA  B 2 1  ? 17.723  -11.648 -12.598 1.00 158.23 ? 12  DA  B "C3'" 1 
ATOM   235 O  "O3'" . DA  B 2 1  ? 17.227  -12.620 -13.524 1.00 160.77 ? 12  DA  B "O3'" 1 
ATOM   236 C  "C2'" . DA  B 2 1  ? 17.968  -12.243 -11.219 1.00 157.82 ? 12  DA  B "C2'" 1 
ATOM   237 C  "C1'" . DA  B 2 1  ? 19.044  -11.316 -10.664 1.00 156.32 ? 12  DA  B "C1'" 1 
ATOM   238 N  N9    . DA  B 2 1  ? 18.533  -10.180 -9.890  1.00 155.86 ? 12  DA  B N9    1 
ATOM   239 C  C8    . DA  B 2 1  ? 18.066  -8.989  -10.378 1.00 154.52 ? 12  DA  B C8    1 
ATOM   240 N  N7    . DA  B 2 1  ? 17.695  -8.142  -9.444  1.00 151.30 ? 12  DA  B N7    1 
ATOM   241 C  C5    . DA  B 2 1  ? 17.944  -8.819  -8.262  1.00 149.43 ? 12  DA  B C5    1 
ATOM   242 C  C6    . DA  B 2 1  ? 17.765  -8.465  -6.908  1.00 149.78 ? 12  DA  B C6    1 
ATOM   243 N  N6    . DA  B 2 1  ? 17.274  -7.285  -6.514  1.00 147.85 ? 12  DA  B N6    1 
ATOM   244 N  N1    . DA  B 2 1  ? 18.116  -9.374  -5.972  1.00 143.70 ? 12  DA  B N1    1 
ATOM   245 C  C2    . DA  B 2 1  ? 18.607  -10.554 -6.370  1.00 149.83 ? 12  DA  B C2    1 
ATOM   246 N  N3    . DA  B 2 1  ? 18.822  -10.999 -7.610  1.00 156.04 ? 12  DA  B N3    1 
ATOM   247 C  C4    . DA  B 2 1  ? 18.465  -10.076 -8.518  1.00 152.97 ? 12  DA  B C4    1 
ATOM   248 P  P     . DC  B 2 2  ? 15.966  -13.548 -13.158 1.00 171.74 ? 13  DC  B P     1 
ATOM   249 O  OP1   . DC  B 2 2  ? 16.469  -14.741 -12.442 1.00 161.88 ? 13  DC  B OP1   1 
ATOM   250 O  OP2   . DC  B 2 2  ? 15.176  -13.731 -14.397 1.00 179.07 ? 13  DC  B OP2   1 
ATOM   251 O  "O5'" . DC  B 2 2  ? 15.085  -12.647 -12.173 1.00 156.46 ? 13  DC  B "O5'" 1 
ATOM   252 C  "C5'" . DC  B 2 2  ? 14.168  -13.262 -11.276 1.00 153.29 ? 13  DC  B "C5'" 1 
ATOM   253 C  "C4'" . DC  B 2 2  ? 14.839  -13.558 -9.949  1.00 144.55 ? 13  DC  B "C4'" 1 
ATOM   254 O  "O4'" . DC  B 2 2  ? 15.548  -12.387 -9.511  1.00 149.71 ? 13  DC  B "O4'" 1 
ATOM   255 C  "C3'" . DC  B 2 2  ? 13.892  -13.909 -8.820  1.00 145.84 ? 13  DC  B "C3'" 1 
ATOM   256 O  "O3'" . DC  B 2 2  ? 13.720  -15.312 -8.782  1.00 150.13 ? 13  DC  B "O3'" 1 
ATOM   257 C  "C2'" . DC  B 2 2  ? 14.624  -13.406 -7.572  1.00 146.29 ? 13  DC  B "C2'" 1 
ATOM   258 C  "C1'" . DC  B 2 2  ? 15.524  -12.286 -8.107  1.00 151.73 ? 13  DC  B "C1'" 1 
ATOM   259 N  N1    . DC  B 2 2  ? 15.078  -10.902 -7.766  1.00 145.87 ? 13  DC  B N1    1 
ATOM   260 C  C2    . DC  B 2 2  ? 15.118  -10.450 -6.440  1.00 142.64 ? 13  DC  B C2    1 
ATOM   261 O  O2    . DC  B 2 2  ? 15.503  -11.216 -5.545  1.00 139.60 ? 13  DC  B O2    1 
ATOM   262 N  N3    . DC  B 2 2  ? 14.721  -9.181  -6.171  1.00 139.53 ? 13  DC  B N3    1 
ATOM   263 C  C4    . DC  B 2 2  ? 14.314  -8.382  -7.163  1.00 143.55 ? 13  DC  B C4    1 
ATOM   264 N  N4    . DC  B 2 2  ? 13.933  -7.141  -6.847  1.00 147.88 ? 13  DC  B N4    1 
ATOM   265 C  C5    . DC  B 2 2  ? 14.279  -8.823  -8.517  1.00 134.59 ? 13  DC  B C5    1 
ATOM   266 C  C6    . DC  B 2 2  ? 14.669  -10.073 -8.770  1.00 138.01 ? 13  DC  B C6    1 
ATOM   267 P  P     . DG  B 2 3  ? 12.311  -15.965 -9.188  1.00 171.85 ? 14  DG  B P     1 
ATOM   268 O  OP1   . DG  B 2 3  ? 12.595  -17.243 -9.878  1.00 164.72 ? 14  DG  B OP1   1 
ATOM   269 O  OP2   . DG  B 2 3  ? 11.513  -14.928 -9.881  1.00 156.98 ? 14  DG  B OP2   1 
ATOM   270 O  "O5'" . DG  B 2 3  ? 11.631  -16.268 -7.775  1.00 151.99 ? 14  DG  B "O5'" 1 
ATOM   271 C  "C5'" . DG  B 2 3  ? 12.356  -16.992 -6.793  1.00 144.64 ? 14  DG  B "C5'" 1 
ATOM   272 C  "C4'" . DG  B 2 3  ? 12.030  -16.491 -5.399  1.00 152.96 ? 14  DG  B "C4'" 1 
ATOM   273 O  "O4'" . DG  B 2 3  ? 12.419  -15.096 -5.275  1.00 142.25 ? 14  DG  B "O4'" 1 
ATOM   274 C  "C3'" . DG  B 2 3  ? 10.549  -16.551 -5.016  1.00 151.14 ? 14  DG  B "C3'" 1 
ATOM   275 O  "O3'" . DG  B 2 3  ? 10.423  -17.004 -3.674  1.00 154.80 ? 14  DG  B "O3'" 1 
ATOM   276 C  "C2'" . DG  B 2 3  ? 10.097  -15.101 -5.163  1.00 142.19 ? 14  DG  B "C2'" 1 
ATOM   277 C  "C1'" . DG  B 2 3  ? 11.349  -14.363 -4.726  1.00 139.35 ? 14  DG  B "C1'" 1 
ATOM   278 N  N9    . DG  B 2 3  ? 11.422  -12.989 -5.211  1.00 124.98 ? 14  DG  B N9    1 
ATOM   279 C  C8    . DG  B 2 3  ? 11.661  -12.579 -6.498  1.00 126.64 ? 14  DG  B C8    1 
ATOM   280 N  N7    . DG  B 2 3  ? 11.674  -11.284 -6.639  1.00 124.31 ? 14  DG  B N7    1 
ATOM   281 C  C5    . DG  B 2 3  ? 11.423  -10.802 -5.361  1.00 117.94 ? 14  DG  B C5    1 
ATOM   282 C  C6    . DG  B 2 3  ? 11.316  -9.472  -4.898  1.00 115.22 ? 14  DG  B C6    1 
ATOM   283 O  O6    . DG  B 2 3  ? 11.425  -8.424  -5.545  1.00 111.12 ? 14  DG  B O6    1 
ATOM   284 N  N1    . DG  B 2 3  ? 11.053  -9.422  -3.528  1.00 104.41 ? 14  DG  B N1    1 
ATOM   285 C  C2    . DG  B 2 3  ? 10.913  -10.522 -2.716  1.00 106.47 ? 14  DG  B C2    1 
ATOM   286 N  N2    . DG  B 2 3  ? 10.660  -10.278 -1.423  1.00 107.06 ? 14  DG  B N2    1 
ATOM   287 N  N3    . DG  B 2 3  ? 11.010  -11.776 -3.140  1.00 110.69 ? 14  DG  B N3    1 
ATOM   288 C  C4    . DG  B 2 3  ? 11.267  -11.838 -4.473  1.00 118.99 ? 14  DG  B C4    1 
ATOM   289 P  P     . DC  B 2 4  ? 8.972   -17.276 -3.042  1.00 153.93 ? 15  DC  B P     1 
ATOM   290 O  OP1   . DC  B 2 4  ? 9.151   -18.160 -1.869  1.00 152.84 ? 15  DC  B OP1   1 
ATOM   291 O  OP2   . DC  B 2 4  ? 8.079   -17.679 -4.150  1.00 152.15 ? 15  DC  B OP2   1 
ATOM   292 O  "O5'" . DC  B 2 4  ? 8.504   -15.836 -2.529  1.00 139.73 ? 15  DC  B "O5'" 1 
ATOM   293 C  "C5'" . DC  B 2 4  ? 9.290   -15.129 -1.572  1.00 135.85 ? 15  DC  B "C5'" 1 
ATOM   294 C  "C4'" . DC  B 2 4  ? 8.441   -14.700 -0.388  1.00 129.96 ? 15  DC  B "C4'" 1 
ATOM   295 O  "O4'" . DC  B 2 4  ? 8.324   -13.259 -0.367  1.00 123.08 ? 15  DC  B "O4'" 1 
ATOM   296 C  "C3'" . DC  B 2 4  ? 7.017   -15.209 -0.405  1.00 137.46 ? 15  DC  B "C3'" 1 
ATOM   297 O  "O3'" . DC  B 2 4  ? 6.518   -15.296 0.925   1.00 150.63 ? 15  DC  B "O3'" 1 
ATOM   298 C  "C2'" . DC  B 2 4  ? 6.285   -14.137 -1.222  1.00 140.01 ? 15  DC  B "C2'" 1 
ATOM   299 C  "C1'" . DC  B 2 4  ? 7.084   -12.863 -0.925  1.00 126.51 ? 15  DC  B "C1'" 1 
ATOM   300 N  N1    . DC  B 2 4  ? 7.370   -12.025 -2.136  1.00 116.47 ? 15  DC  B N1    1 
ATOM   301 C  C2    . DC  B 2 4  ? 7.341   -10.629 -2.034  1.00 109.48 ? 15  DC  B C2    1 
ATOM   302 O  O2    . DC  B 2 4  ? 7.062   -10.106 -0.946  1.00 105.01 ? 15  DC  B O2    1 
ATOM   303 N  N3    . DC  B 2 4  ? 7.616   -9.885  -3.137  1.00 102.04 ? 15  DC  B N3    1 
ATOM   304 C  C4    . DC  B 2 4  ? 7.913   -10.485 -4.292  1.00 107.26 ? 15  DC  B C4    1 
ATOM   305 N  N4    . DC  B 2 4  ? 8.177   -9.711  -5.350  1.00 107.73 ? 15  DC  B N4    1 
ATOM   306 C  C5    . DC  B 2 4  ? 7.951   -11.905 -4.412  1.00 111.67 ? 15  DC  B C5    1 
ATOM   307 C  C6    . DC  B 2 4  ? 7.679   -12.628 -3.322  1.00 113.61 ? 15  DC  B C6    1 
ATOM   308 P  P     . DC  B 2 5  ? 5.184   -16.136 1.240   1.00 164.19 ? 16  DC  B P     1 
ATOM   309 O  OP1   . DC  B 2 5  ? 5.391   -16.859 2.515   1.00 151.81 ? 16  DC  B OP1   1 
ATOM   310 O  OP2   . DC  B 2 5  ? 4.813   -16.880 0.016   1.00 139.41 ? 16  DC  B OP2   1 
ATOM   311 O  "O5'" . DC  B 2 5  ? 4.081   -15.008 1.480   1.00 145.83 ? 16  DC  B "O5'" 1 
ATOM   312 C  "C5'" . DC  B 2 5  ? 4.365   -13.911 2.346   1.00 143.38 ? 16  DC  B "C5'" 1 
ATOM   313 C  "C4'" . DC  B 2 5  ? 3.353   -12.797 2.154   1.00 137.54 ? 16  DC  B "C4'" 1 
ATOM   314 O  "O4'" . DC  B 2 5  ? 3.709   -12.000 0.990   1.00 127.18 ? 16  DC  B "O4'" 1 
ATOM   315 C  "C3'" . DC  B 2 5  ? 1.921   -13.262 1.901   1.00 136.20 ? 16  DC  B "C3'" 1 
ATOM   316 O  "O3'" . DC  B 2 5  ? 1.025   -12.327 2.464   1.00 131.41 ? 16  DC  B "O3'" 1 
ATOM   317 C  "C2'" . DC  B 2 5  ? 1.845   -13.233 0.381   1.00 133.64 ? 16  DC  B "C2'" 1 
ATOM   318 C  "C1'" . DC  B 2 5  ? 2.602   -11.948 0.119   1.00 117.10 ? 16  DC  B "C1'" 1 
ATOM   319 N  N1    . DC  B 2 5  ? 3.094   -11.806 -1.262  1.00 115.45 ? 16  DC  B N1    1 
ATOM   320 C  C2    . DC  B 2 5  ? 3.359   -10.530 -1.763  1.00 115.76 ? 16  DC  B C2    1 
ATOM   321 O  O2    . DC  B 2 5  ? 3.172   -9.548  -1.031  1.00 117.33 ? 16  DC  B O2    1 
ATOM   322 N  N3    . DC  B 2 5  ? 3.815   -10.405 -3.035  1.00 111.54 ? 16  DC  B N3    1 
ATOM   323 C  C4    . DC  B 2 5  ? 4.002   -11.492 -3.787  1.00 113.92 ? 16  DC  B C4    1 
ATOM   324 N  N4    . DC  B 2 5  ? 4.453   -11.320 -5.035  1.00 116.13 ? 16  DC  B N4    1 
ATOM   325 C  C5    . DC  B 2 5  ? 3.735   -12.803 -3.290  1.00 121.46 ? 16  DC  B C5    1 
ATOM   326 C  C6    . DC  B 2 5  ? 3.282   -12.912 -2.035  1.00 120.88 ? 16  DC  B C6    1 
ATOM   327 P  P     . DA  B 2 6  ? -0.241  -12.828 3.308   1.00 142.42 ? 17  DA  B P     1 
ATOM   328 O  OP1   . DA  B 2 6  ? 0.273   -13.340 4.599   1.00 133.30 ? 17  DA  B OP1   1 
ATOM   329 O  OP2   . DA  B 2 6  ? -1.041  -13.702 2.418   1.00 133.06 ? 17  DA  B OP2   1 
ATOM   330 O  "O5'" . DA  B 2 6  ? -1.078  -11.488 3.569   1.00 140.77 ? 17  DA  B "O5'" 1 
ATOM   331 C  "C5'" . DA  B 2 6  ? -0.565  -10.480 4.439   1.00 131.76 ? 17  DA  B "C5'" 1 
ATOM   332 C  "C4'" . DA  B 2 6  ? -0.774  -9.086  3.859   1.00 133.70 ? 17  DA  B "C4'" 1 
ATOM   333 O  "O4'" . DA  B 2 6  ? -0.199  -9.019  2.529   1.00 129.92 ? 17  DA  B "O4'" 1 
ATOM   334 C  "C3'" . DA  B 2 6  ? -2.222  -8.651  3.693   1.00 141.56 ? 17  DA  B "C3'" 1 
ATOM   335 O  "O3'" . DA  B 2 6  ? -2.305  -7.231  3.792   1.00 150.42 ? 17  DA  B "O3'" 1 
ATOM   336 C  "C2'" . DA  B 2 6  ? -2.547  -9.131  2.280   1.00 128.73 ? 17  DA  B "C2'" 1 
ATOM   337 C  "C1'" . DA  B 2 6  ? -1.224  -8.891  1.559   1.00 121.79 ? 17  DA  B "C1'" 1 
ATOM   338 N  N9    . DA  B 2 6  ? -0.951  -9.848  0.492   1.00 125.47 ? 17  DA  B N9    1 
ATOM   339 C  C8    . DA  B 2 6  ? -1.092  -11.205 0.551   1.00 125.27 ? 17  DA  B C8    1 
ATOM   340 N  N7    . DA  B 2 6  ? -0.761  -11.819 -0.560  1.00 123.05 ? 17  DA  B N7    1 
ATOM   341 C  C5    . DA  B 2 6  ? -0.361  -10.795 -1.402  1.00 120.72 ? 17  DA  B C5    1 
ATOM   342 C  C6    . DA  B 2 6  ? 0.105   -10.784 -2.733  1.00 118.80 ? 17  DA  B C6    1 
ATOM   343 N  N6    . DA  B 2 6  ? 0.260   -11.891 -3.468  1.00 118.09 ? 17  DA  B N6    1 
ATOM   344 N  N1    . DA  B 2 6  ? 0.405   -9.587  -3.281  1.00 119.51 ? 17  DA  B N1    1 
ATOM   345 C  C2    . DA  B 2 6  ? 0.251   -8.481  -2.543  1.00 116.11 ? 17  DA  B C2    1 
ATOM   346 N  N3    . DA  B 2 6  ? -0.184  -8.366  -1.289  1.00 118.57 ? 17  DA  B N3    1 
ATOM   347 C  C4    . DA  B 2 6  ? -0.473  -9.571  -0.771  1.00 123.22 ? 17  DA  B C4    1 
ATOM   348 P  P     . DC  B 2 7  ? -3.669  -6.520  4.260   1.00 152.11 ? 18  DC  B P     1 
ATOM   349 O  OP1   . DC  B 2 7  ? -3.340  -5.584  5.358   1.00 128.72 ? 18  DC  B OP1   1 
ATOM   350 O  OP2   . DC  B 2 7  ? -4.671  -7.585  4.481   1.00 151.70 ? 18  DC  B OP2   1 
ATOM   351 O  "O5'" . DC  B 2 7  ? -4.122  -5.676  2.974   1.00 141.98 ? 18  DC  B "O5'" 1 
ATOM   352 C  "C5'" . DC  B 2 7  ? -4.788  -6.322  1.893   1.00 133.84 ? 18  DC  B "C5'" 1 
ATOM   353 C  "C4'" . DC  B 2 7  ? -4.139  -5.972  0.566   1.00 131.47 ? 18  DC  B "C4'" 1 
ATOM   354 O  "O4'" . DC  B 2 7  ? -3.520  -7.144  0.020   1.00 122.90 ? 18  DC  B "O4'" 1 
ATOM   355 C  "C3'" . DC  B 2 7  ? -5.109  -5.495  -0.511  1.00 145.12 ? 18  DC  B "C3'" 1 
ATOM   356 O  "O3'" . DC  B 2 7  ? -5.064  -4.077  -0.612  1.00 151.64 ? 18  DC  B "O3'" 1 
ATOM   357 C  "C2'" . DC  B 2 7  ? -4.622  -6.169  -1.809  1.00 129.94 ? 18  DC  B "C2'" 1 
ATOM   358 C  "C1'" . DC  B 2 7  ? -3.426  -6.994  -1.372  1.00 124.09 ? 18  DC  B "C1'" 1 
ATOM   359 N  N1    . DC  B 2 7  ? -3.333  -8.356  -1.987  1.00 122.36 ? 18  DC  B N1    1 
ATOM   360 C  C2    . DC  B 2 7  ? -2.857  -8.504  -3.298  1.00 124.99 ? 18  DC  B C2    1 
ATOM   361 O  O2    . DC  B 2 7  ? -2.555  -7.496  -3.948  1.00 127.73 ? 18  DC  B O2    1 
ATOM   362 N  N3    . DC  B 2 7  ? -2.740  -9.752  -3.817  1.00 121.36 ? 18  DC  B N3    1 
ATOM   363 C  C4    . DC  B 2 7  ? -3.076  -10.815 -3.084  1.00 126.54 ? 18  DC  B C4    1 
ATOM   364 N  N4    . DC  B 2 7  ? -2.944  -12.025 -3.640  1.00 129.96 ? 18  DC  B N4    1 
ATOM   365 C  C5    . DC  B 2 7  ? -3.555  -10.685 -1.746  1.00 119.29 ? 18  DC  B C5    1 
ATOM   366 C  C6    . DC  B 2 7  ? -3.663  -9.451  -1.243  1.00 118.75 ? 18  DC  B C6    1 
ATOM   367 P  P     . DT  B 2 8  ? -6.085  -3.179  0.246   1.00 172.32 ? 19  DT  B P     1 
ATOM   368 O  OP1   . DT  B 2 8  ? -5.288  -2.325  1.152   1.00 170.97 ? 19  DT  B OP1   1 
ATOM   369 O  OP2   . DT  B 2 8  ? -7.120  -4.079  0.806   1.00 152.47 ? 19  DT  B OP2   1 
ATOM   370 O  "O5'" . DT  B 2 8  ? -6.785  -2.246  -0.843  1.00 155.16 ? 19  DT  B "O5'" 1 
ATOM   371 C  "C5'" . DT  B 2 8  ? -7.408  -2.826  -1.973  1.00 147.56 ? 19  DT  B "C5'" 1 
ATOM   372 C  "C4'" . DT  B 2 8  ? -6.838  -2.248  -3.250  1.00 153.59 ? 19  DT  B "C4'" 1 
ATOM   373 O  "O4'" . DT  B 2 8  ? -6.016  -3.248  -3.903  1.00 143.62 ? 19  DT  B "O4'" 1 
ATOM   374 C  "C3'" . DT  B 2 8  ? -7.870  -1.879  -4.291  1.00 165.67 ? 19  DT  B "C3'" 1 
ATOM   375 O  "O3'" . DT  B 2 8  ? -7.287  -1.000  -5.237  1.00 165.25 ? 19  DT  B "O3'" 1 
ATOM   376 C  "C2'" . DT  B 2 8  ? -8.152  -3.242  -4.906  1.00 164.57 ? 19  DT  B "C2'" 1 
ATOM   377 C  "C1'" . DT  B 2 8  ? -6.745  -3.824  -4.980  1.00 151.00 ? 19  DT  B "C1'" 1 
ATOM   378 N  N1    . DT  B 2 8  ? -6.683  -5.306  -4.831  1.00 146.84 ? 19  DT  B N1    1 
ATOM   379 C  C2    . DT  B 2 8  ? -6.072  -6.052  -5.809  1.00 137.40 ? 19  DT  B C2    1 
ATOM   380 O  O2    . DT  B 2 8  ? -5.592  -5.565  -6.817  1.00 126.23 ? 19  DT  B O2    1 
ATOM   381 N  N3    . DT  B 2 8  ? -6.044  -7.402  -5.567  1.00 134.26 ? 19  DT  B N3    1 
ATOM   382 C  C4    . DT  B 2 8  ? -6.555  -8.064  -4.464  1.00 129.81 ? 19  DT  B C4    1 
ATOM   383 O  O4    . DT  B 2 8  ? -6.482  -9.283  -4.335  1.00 121.55 ? 19  DT  B O4    1 
ATOM   384 C  C5    . DT  B 2 8  ? -7.185  -7.222  -3.477  1.00 133.03 ? 19  DT  B C5    1 
ATOM   385 C  C7    . DT  B 2 8  ? -7.771  -7.827  -2.236  1.00 134.13 ? 19  DT  B C7    1 
ATOM   386 C  C6    . DT  B 2 8  ? -7.221  -5.899  -3.706  1.00 141.49 ? 19  DT  B C6    1 
ATOM   387 P  P     . DC  B 2 9  ? -8.205  0.011   -6.080  1.00 176.95 ? 20  DC  B P     1 
ATOM   388 O  OP1   . DC  B 2 9  ? -7.352  1.154   -6.471  1.00 175.70 ? 20  DC  B OP1   1 
ATOM   389 O  OP2   . DC  B 2 9  ? -9.450  0.243   -5.314  1.00 169.42 ? 20  DC  B OP2   1 
ATOM   390 O  "O5'" . DC  B 2 9  ? -8.571  -0.820  -7.394  1.00 169.60 ? 20  DC  B "O5'" 1 
ATOM   391 C  "C5'" . DC  B 2 9  ? -7.534  -1.426  -8.155  1.00 162.34 ? 20  DC  B "C5'" 1 
ATOM   392 C  "C4'" . DC  B 2 9  ? -8.106  -2.267  -9.285  1.00 168.72 ? 20  DC  B "C4'" 1 
ATOM   393 O  "O4'" . DC  B 2 9  ? -8.205  -3.655  -8.871  1.00 168.98 ? 20  DC  B "O4'" 1 
ATOM   394 C  "C3'" . DC  B 2 9  ? -9.504  -1.874  -9.753  1.00 169.99 ? 20  DC  B "C3'" 1 
ATOM   395 O  "O3'" . DC  B 2 9  ? -9.602  -2.105  -11.142 1.00 169.95 ? 20  DC  B "O3'" 1 
ATOM   396 C  "C2'" . DC  B 2 9  ? -10.392 -2.836  -8.968  1.00 167.53 ? 20  DC  B "C2'" 1 
ATOM   397 C  "C1'" . DC  B 2 9  ? -9.542  -4.096  -9.002  1.00 165.85 ? 20  DC  B "C1'" 1 
ATOM   398 N  N1    . DC  B 2 9  ? -9.823  -5.053  -7.896  1.00 154.38 ? 20  DC  B N1    1 
ATOM   399 C  C2    . DC  B 2 9  ? -9.342  -6.364  -7.985  1.00 150.81 ? 20  DC  B C2    1 
ATOM   400 O  O2    . DC  B 2 9  ? -8.704  -6.705  -8.988  1.00 156.58 ? 20  DC  B O2    1 
ATOM   401 N  N3    . DC  B 2 9  ? -9.592  -7.224  -6.968  1.00 143.67 ? 20  DC  B N3    1 
ATOM   402 C  C4    . DC  B 2 9  ? -10.282 -6.817  -5.905  1.00 142.74 ? 20  DC  B C4    1 
ATOM   403 N  N4    . DC  B 2 9  ? -10.501 -7.702  -4.930  1.00 137.17 ? 20  DC  B N4    1 
ATOM   404 C  C5    . DC  B 2 9  ? -10.778 -5.485  -5.795  1.00 147.50 ? 20  DC  B C5    1 
ATOM   405 C  C6    . DC  B 2 9  ? -10.530 -4.646  -6.806  1.00 154.41 ? 20  DC  B C6    1 
ATOM   406 P  P     . DA  B 2 10 ? -10.657 -1.296  -12.040 1.00 179.57 ? 21  DA  B P     1 
ATOM   407 O  OP1   . DA  B 2 10 ? -9.998  -0.050  -12.491 1.00 181.13 ? 21  DA  B OP1   1 
ATOM   408 O  OP2   . DA  B 2 10 ? -11.929 -1.217  -11.285 1.00 172.38 ? 21  DA  B OP2   1 
ATOM   409 O  "O5'" . DA  B 2 10 ? -10.871 -2.256  -13.303 1.00 181.66 ? 21  DA  B "O5'" 1 
ATOM   410 C  "C5'" . DA  B 2 10 ? -9.737  -2.756  -14.012 1.00 177.90 ? 21  DA  B "C5'" 1 
ATOM   411 C  "C4'" . DA  B 2 10 ? -9.793  -4.272  -14.144 1.00 179.42 ? 21  DA  B "C4'" 1 
ATOM   412 O  "O4'" . DA  B 2 10 ? -10.024 -4.870  -12.841 1.00 178.31 ? 21  DA  B "O4'" 1 
ATOM   413 C  "C3'" . DA  B 2 10 ? -10.897 -4.808  -15.052 1.00 177.84 ? 21  DA  B "C3'" 1 
ATOM   414 O  "O3'" . DA  B 2 10 ? -10.428 -5.951  -15.757 1.00 182.34 ? 21  DA  B "O3'" 1 
ATOM   415 C  "C2'" . DA  B 2 10 ? -11.998 -5.177  -14.062 1.00 177.69 ? 21  DA  B "C2'" 1 
ATOM   416 C  "C1'" . DA  B 2 10 ? -11.178 -5.685  -12.888 1.00 171.62 ? 21  DA  B "C1'" 1 
ATOM   417 N  N9    . DA  B 2 10 ? -11.864 -5.584  -11.603 1.00 169.18 ? 21  DA  B N9    1 
ATOM   418 C  C8    . DA  B 2 10 ? -12.517 -4.494  -11.100 1.00 169.04 ? 21  DA  B C8    1 
ATOM   419 N  N7    . DA  B 2 10 ? -13.038 -4.692  -9.910  1.00 166.68 ? 21  DA  B N7    1 
ATOM   420 C  C5    . DA  B 2 10 ? -12.703 -6.002  -9.614  1.00 167.60 ? 21  DA  B C5    1 
ATOM   421 C  C6    . DA  B 2 10 ? -12.956 -6.821  -8.493  1.00 166.99 ? 21  DA  B C6    1 
ATOM   422 N  N6    . DA  B 2 10 ? -13.646 -6.410  -7.423  1.00 164.66 ? 21  DA  B N6    1 
ATOM   423 N  N1    . DA  B 2 10 ? -12.479 -8.083  -8.521  1.00 163.93 ? 21  DA  B N1    1 
ATOM   424 C  C2    . DA  B 2 10 ? -11.792 -8.493  -9.595  1.00 164.67 ? 21  DA  B C2    1 
ATOM   425 N  N3    . DA  B 2 10 ? -11.489 -7.816  -10.701 1.00 167.24 ? 21  DA  B N3    1 
ATOM   426 C  C4    . DA  B 2 10 ? -11.977 -6.568  -10.648 1.00 167.95 ? 21  DA  B C4    1 
ATOM   427 P  P     . DC  C 3 1  ? 8.427   3.416   -10.427 1.00 143.87 ? 1   DC  C P     1 
ATOM   428 O  OP1   . DC  C 3 1  ? 9.530   3.622   -11.396 1.00 134.35 ? 1   DC  C OP1   1 
ATOM   429 O  OP2   . DC  C 3 1  ? 7.457   2.308   -10.604 1.00 119.81 ? 1   DC  C OP2   1 
ATOM   430 O  "O5'" . DC  C 3 1  ? 9.067   3.337   -8.958  1.00 134.57 ? 1   DC  C "O5'" 1 
ATOM   431 C  "C5'" . DC  C 3 1  ? 10.477  3.481   -8.792  1.00 134.09 ? 1   DC  C "C5'" 1 
ATOM   432 C  "C4'" . DC  C 3 1  ? 10.885  3.361   -7.330  1.00 129.47 ? 1   DC  C "C4'" 1 
ATOM   433 O  "O4'" . DC  C 3 1  ? 10.988  4.682   -6.731  1.00 136.70 ? 1   DC  C "O4'" 1 
ATOM   434 C  "C3'" . DC  C 3 1  ? 9.925   2.585   -6.440  1.00 121.27 ? 1   DC  C "C3'" 1 
ATOM   435 O  "O3'" . DC  C 3 1  ? 10.655  1.948   -5.407  1.00 119.00 ? 1   DC  C "O3'" 1 
ATOM   436 C  "C2'" . DC  C 3 1  ? 9.052   3.696   -5.878  1.00 134.55 ? 1   DC  C "C2'" 1 
ATOM   437 C  "C1'" . DC  C 3 1  ? 10.092  4.778   -5.641  1.00 130.52 ? 1   DC  C "C1'" 1 
ATOM   438 N  N1    . DC  C 3 1  ? 9.534   6.149   -5.621  1.00 138.21 ? 1   DC  C N1    1 
ATOM   439 C  C2    . DC  C 3 1  ? 10.186  7.151   -4.894  1.00 134.16 ? 1   DC  C C2    1 
ATOM   440 O  O2    . DC  C 3 1  ? 11.213  6.867   -4.261  1.00 126.67 ? 1   DC  C O2    1 
ATOM   441 N  N3    . DC  C 3 1  ? 9.668   8.403   -4.891  1.00 139.06 ? 1   DC  C N3    1 
ATOM   442 C  C4    . DC  C 3 1  ? 8.556   8.665   -5.586  1.00 145.51 ? 1   DC  C C4    1 
ATOM   443 N  N4    . DC  C 3 1  ? 8.081   9.916   -5.558  1.00 146.93 ? 1   DC  C N4    1 
ATOM   444 C  C5    . DC  C 3 1  ? 7.883   7.660   -6.343  1.00 146.22 ? 1   DC  C C5    1 
ATOM   445 C  C6    . DC  C 3 1  ? 8.404   6.429   -6.332  1.00 141.72 ? 1   DC  C C6    1 
ATOM   446 P  P     . DT  C 3 2  ? 10.523  0.366   -5.159  1.00 124.84 ? 2   DT  C P     1 
ATOM   447 O  OP1   . DT  C 3 2  ? 11.617  -0.286  -5.913  1.00 94.31  ? 2   DT  C OP1   1 
ATOM   448 O  OP2   . DT  C 3 2  ? 9.120   -0.047  -5.402  1.00 116.52 ? 2   DT  C OP2   1 
ATOM   449 O  "O5'" . DT  C 3 2  ? 10.812  0.224   -3.594  1.00 113.51 ? 2   DT  C "O5'" 1 
ATOM   450 C  "C5'" . DT  C 3 2  ? 11.985  0.812   -3.047  1.00 120.85 ? 2   DT  C "C5'" 1 
ATOM   451 C  "C4'" . DT  C 3 2  ? 11.676  1.596   -1.783  1.00 108.00 ? 2   DT  C "C4'" 1 
ATOM   452 O  "O4'" . DT  C 3 2  ? 11.143  2.905   -2.111  1.00 124.29 ? 2   DT  C "O4'" 1 
ATOM   453 C  "C3'" . DT  C 3 2  ? 10.650  0.950   -0.847  1.00 108.88 ? 2   DT  C "C3'" 1 
ATOM   454 O  "O3'" . DT  C 3 2  ? 11.190  0.865   0.453   1.00 101.55 ? 2   DT  C "O3'" 1 
ATOM   455 C  "C2'" . DT  C 3 2  ? 9.471   1.924   -0.891  1.00 114.70 ? 2   DT  C "C2'" 1 
ATOM   456 C  "C1'" . DT  C 3 2  ? 10.204  3.225   -1.125  1.00 113.91 ? 2   DT  C "C1'" 1 
ATOM   457 N  N1    . DT  C 3 2  ? 9.343   4.331   -1.601  1.00 111.19 ? 2   DT  C N1    1 
ATOM   458 C  C2    . DT  C 3 2  ? 9.577   5.602   -1.137  1.00 121.34 ? 2   DT  C C2    1 
ATOM   459 O  O2    . DT  C 3 2  ? 10.468  5.872   -0.352  1.00 127.44 ? 2   DT  C O2    1 
ATOM   460 N  N3    . DT  C 3 2  ? 8.729   6.554   -1.627  1.00 119.39 ? 2   DT  C N3    1 
ATOM   461 C  C4    . DT  C 3 2  ? 7.691   6.366   -2.514  1.00 122.99 ? 2   DT  C C4    1 
ATOM   462 O  O4    . DT  C 3 2  ? 6.982   7.289   -2.897  1.00 129.99 ? 2   DT  C O4    1 
ATOM   463 C  C5    . DT  C 3 2  ? 7.495   5.008   -2.958  1.00 123.75 ? 2   DT  C C5    1 
ATOM   464 C  C7    . DT  C 3 2  ? 6.388   4.683   -3.922  1.00 137.43 ? 2   DT  C C7    1 
ATOM   465 C  C6    . DT  C 3 2  ? 8.321   4.064   -2.482  1.00 117.36 ? 2   DT  C C6    1 
ATOM   466 P  P     . DC  C 3 3  ? 12.031  -0.431  0.882   1.00 131.18 ? 3   DC  C P     1 
ATOM   467 O  OP1   . DC  C 3 3  ? 12.323  -0.330  2.331   1.00 115.52 ? 3   DC  C OP1   1 
ATOM   468 O  OP2   . DC  C 3 3  ? 13.127  -0.595  -0.101  1.00 110.94 ? 3   DC  C OP2   1 
ATOM   469 O  "O5'" . DC  C 3 3  ? 11.002  -1.630  0.671   1.00 105.64 ? 3   DC  C "O5'" 1 
ATOM   470 C  "C5'" . DC  C 3 3  ? 9.991   -1.877  1.629   1.00 105.63 ? 3   DC  C "C5'" 1 
ATOM   471 C  "C4'" . DC  C 3 3  ? 9.721   -3.361  1.714   1.00 106.69 ? 3   DC  C "C4'" 1 
ATOM   472 O  "O4'" . DC  C 3 3  ? 9.236   -3.820  0.442   1.00 103.35 ? 3   DC  C "O4'" 1 
ATOM   473 C  "C3'" . DC  C 3 3  ? 10.954  -4.205  1.967   1.00 116.26 ? 3   DC  C "C3'" 1 
ATOM   474 O  "O3'" . DC  C 3 3  ? 11.199  -4.312  3.365   1.00 121.69 ? 3   DC  C "O3'" 1 
ATOM   475 C  "C2'" . DC  C 3 3  ? 10.571  -5.556  1.364   1.00 107.06 ? 3   DC  C "C2'" 1 
ATOM   476 C  "C1'" . DC  C 3 3  ? 9.533   -5.190  0.297   1.00 96.06  ? 3   DC  C "C1'" 1 
ATOM   477 N  N1    . DC  C 3 3  ? 9.976   -5.445  -1.110  1.00 102.38 ? 3   DC  C N1    1 
ATOM   478 C  C2    . DC  C 3 3  ? 10.196  -6.757  -1.546  1.00 105.06 ? 3   DC  C C2    1 
ATOM   479 O  O2    . DC  C 3 3  ? 10.036  -7.694  -0.753  1.00 103.53 ? 3   DC  C O2    1 
ATOM   480 N  N3    . DC  C 3 3  ? 10.583  -6.967  -2.827  1.00 98.28  ? 3   DC  C N3    1 
ATOM   481 C  C4    . DC  C 3 3  ? 10.745  -5.934  -3.655  1.00 106.43 ? 3   DC  C C4    1 
ATOM   482 N  N4    . DC  C 3 3  ? 11.127  -6.191  -4.908  1.00 119.09 ? 3   DC  C N4    1 
ATOM   483 C  C5    . DC  C 3 3  ? 10.522  -4.592  -3.231  1.00 106.74 ? 3   DC  C C5    1 
ATOM   484 C  C6    . DC  C 3 3  ? 10.142  -4.393  -1.964  1.00 106.23 ? 3   DC  C C6    1 
ATOM   485 P  P     . DG  C 3 4  ? 12.708  -4.338  3.915   1.00 137.12 ? 4   DG  C P     1 
ATOM   486 O  OP1   . DG  C 3 4  ? 12.654  -4.121  5.379   1.00 130.09 ? 4   DG  C OP1   1 
ATOM   487 O  OP2   . DG  C 3 4  ? 13.504  -3.427  3.057   1.00 115.65 ? 4   DG  C OP2   1 
ATOM   488 O  "O5'" . DG  C 3 4  ? 13.197  -5.835  3.629   1.00 119.92 ? 4   DG  C "O5'" 1 
ATOM   489 C  "C5'" . DG  C 3 4  ? 12.516  -6.937  4.229   1.00 115.62 ? 4   DG  C "C5'" 1 
ATOM   490 C  "C4'" . DG  C 3 4  ? 12.688  -8.189  3.390   1.00 114.80 ? 4   DG  C "C4'" 1 
ATOM   491 O  "O4'" . DG  C 3 4  ? 12.438  -7.862  2.013   1.00 114.14 ? 4   DG  C "O4'" 1 
ATOM   492 C  "C3'" . DG  C 3 4  ? 14.086  -8.800  3.435   1.00 130.26 ? 4   DG  C "C3'" 1 
ATOM   493 O  "O3'" . DG  C 3 4  ? 14.055  -10.022 4.150   1.00 142.55 ? 4   DG  C "O3'" 1 
ATOM   494 C  "C2'" . DG  C 3 4  ? 14.483  -9.017  1.965   1.00 120.14 ? 4   DG  C "C2'" 1 
ATOM   495 C  "C1'" . DG  C 3 4  ? 13.228  -8.662  1.180   1.00 106.01 ? 4   DG  C "C1'" 1 
ATOM   496 N  N9    . DG  C 3 4  ? 13.513  -7.906  -0.033  1.00 108.42 ? 4   DG  C N9    1 
ATOM   497 C  C8    . DG  C 3 4  ? 13.493  -6.540  -0.182  1.00 112.62 ? 4   DG  C C8    1 
ATOM   498 N  N7    . DG  C 3 4  ? 13.798  -6.143  -1.387  1.00 110.16 ? 4   DG  C N7    1 
ATOM   499 C  C5    . DG  C 3 4  ? 14.038  -7.320  -2.081  1.00 112.20 ? 4   DG  C C5    1 
ATOM   500 C  C6    . DG  C 3 4  ? 14.410  -7.527  -3.434  1.00 115.51 ? 4   DG  C C6    1 
ATOM   501 O  O6    . DG  C 3 4  ? 14.609  -6.675  -4.316  1.00 119.95 ? 4   DG  C O6    1 
ATOM   502 N  N1    . DG  C 3 4  ? 14.550  -8.881  -3.726  1.00 119.81 ? 4   DG  C N1    1 
ATOM   503 C  C2    . DG  C 3 4  ? 14.356  -9.907  -2.829  1.00 120.06 ? 4   DG  C C2    1 
ATOM   504 N  N2    . DG  C 3 4  ? 14.540  -11.150 -3.297  1.00 120.07 ? 4   DG  C N2    1 
ATOM   505 N  N3    . DG  C 3 4  ? 14.008  -9.728  -1.560  1.00 110.14 ? 4   DG  C N3    1 
ATOM   506 C  C4    . DG  C 3 4  ? 13.868  -8.417  -1.260  1.00 111.47 ? 4   DG  C C4    1 
ATOM   507 P  P     . DT  C 3 5  ? 15.414  -10.649 4.737   1.00 151.44 ? 5   DT  C P     1 
ATOM   508 O  OP1   . DT  C 3 5  ? 15.266  -10.674 6.211   1.00 145.68 ? 5   DT  C OP1   1 
ATOM   509 O  OP2   . DT  C 3 5  ? 16.563  -9.917  4.150   1.00 131.62 ? 5   DT  C OP2   1 
ATOM   510 O  "O5'" . DT  C 3 5  ? 15.411  -12.149 4.167   1.00 139.61 ? 5   DT  C "O5'" 1 
ATOM   511 C  "C5'" . DT  C 3 5  ? 14.839  -12.433 2.885   1.00 132.87 ? 5   DT  C "C5'" 1 
ATOM   512 C  "C4'" . DT  C 3 5  ? 15.875  -13.048 1.965   1.00 124.39 ? 5   DT  C "C4'" 1 
ATOM   513 O  "O4'" . DT  C 3 5  ? 15.733  -12.499 0.641   1.00 124.79 ? 5   DT  C "O4'" 1 
ATOM   514 C  "C3'" . DT  C 3 5  ? 17.308  -12.750 2.347   1.00 127.55 ? 5   DT  C "C3'" 1 
ATOM   515 O  "O3'" . DT  C 3 5  ? 17.767  -13.716 3.283   1.00 139.41 ? 5   DT  C "O3'" 1 
ATOM   516 C  "C2'" . DT  C 3 5  ? 18.049  -12.876 1.019   1.00 134.73 ? 5   DT  C "C2'" 1 
ATOM   517 C  "C1'" . DT  C 3 5  ? 16.969  -12.602 -0.032  1.00 125.53 ? 5   DT  C "C1'" 1 
ATOM   518 N  N1    . DT  C 3 5  ? 17.211  -11.348 -0.788  1.00 126.46 ? 5   DT  C N1    1 
ATOM   519 C  C2    . DT  C 3 5  ? 17.500  -11.419 -2.129  1.00 133.13 ? 5   DT  C C2    1 
ATOM   520 O  O2    . DT  C 3 5  ? 17.546  -12.468 -2.746  1.00 139.32 ? 5   DT  C O2    1 
ATOM   521 N  N3    . DT  C 3 5  ? 17.723  -10.209 -2.730  1.00 130.96 ? 5   DT  C N3    1 
ATOM   522 C  C4    . DT  C 3 5  ? 17.695  -8.962  -2.134  1.00 126.11 ? 5   DT  C C4    1 
ATOM   523 O  O4    . DT  C 3 5  ? 17.909  -7.929  -2.761  1.00 123.06 ? 5   DT  C O4    1 
ATOM   524 C  C5    . DT  C 3 5  ? 17.395  -8.961  -0.723  1.00 115.41 ? 5   DT  C C5    1 
ATOM   525 C  C7    . DT  C 3 5  ? 17.336  -7.670  0.036   1.00 116.83 ? 5   DT  C C7    1 
ATOM   526 C  C6    . DT  C 3 5  ? 17.175  -10.141 -0.124  1.00 121.29 ? 5   DT  C C6    1 
ATOM   527 O  "O5'" . DT  D 4 1  ? -21.867 -9.991  0.588   1.00 167.94 ? 1   DT  D "O5'" 1 
ATOM   528 C  "C5'" . DT  D 4 1  ? -21.764 -9.763  -0.813  1.00 168.07 ? 1   DT  D "C5'" 1 
ATOM   529 C  "C4'" . DT  D 4 1  ? -21.646 -11.076 -1.563  1.00 168.73 ? 1   DT  D "C4'" 1 
ATOM   530 O  "O4'" . DT  D 4 1  ? -21.759 -10.833 -2.992  1.00 162.55 ? 1   DT  D "O4'" 1 
ATOM   531 C  "C3'" . DT  D 4 1  ? -20.324 -11.811 -1.370  1.00 173.56 ? 1   DT  D "C3'" 1 
ATOM   532 O  "O3'" . DT  D 4 1  ? -20.553 -13.213 -1.368  1.00 176.02 ? 1   DT  D "O3'" 1 
ATOM   533 C  "C2'" . DT  D 4 1  ? -19.522 -11.374 -2.592  1.00 173.72 ? 1   DT  D "C2'" 1 
ATOM   534 C  "C1'" . DT  D 4 1  ? -20.610 -11.326 -3.649  1.00 168.14 ? 1   DT  D "C1'" 1 
ATOM   535 N  N1    . DT  D 4 1  ? -20.308 -10.423 -4.801  1.00 178.14 ? 1   DT  D N1    1 
ATOM   536 C  C2    . DT  D 4 1  ? -19.994 -10.971 -6.023  1.00 181.96 ? 1   DT  D C2    1 
ATOM   537 O  O2    . DT  D 4 1  ? -19.920 -12.172 -6.216  1.00 183.25 ? 1   DT  D O2    1 
ATOM   538 N  N3    . DT  D 4 1  ? -19.748 -10.058 -7.015  1.00 181.01 ? 1   DT  D N3    1 
ATOM   539 C  C4    . DT  D 4 1  ? -19.794 -8.680  -6.913  1.00 180.74 ? 1   DT  D C4    1 
ATOM   540 O  O4    . DT  D 4 1  ? -19.559 -7.941  -7.867  1.00 173.83 ? 1   DT  D O4    1 
ATOM   541 C  C5    . DT  D 4 1  ? -20.139 -8.171  -5.608  1.00 185.54 ? 1   DT  D C5    1 
ATOM   542 C  C7    . DT  D 4 1  ? -20.217 -6.691  -5.375  1.00 189.92 ? 1   DT  D C7    1 
ATOM   543 C  C6    . DT  D 4 1  ? -20.380 -9.057  -4.626  1.00 181.26 ? 1   DT  D C6    1 
ATOM   544 P  P     . DC  D 4 2  ? -19.457 -14.213 -0.751  1.00 187.54 ? 2   DC  D P     1 
ATOM   545 O  OP1   . DC  D 4 2  ? -20.109 -15.527 -0.558  1.00 187.49 ? 2   DC  D OP1   1 
ATOM   546 O  OP2   . DC  D 4 2  ? -18.829 -13.532 0.403   1.00 179.35 ? 2   DC  D OP2   1 
ATOM   547 O  "O5'" . DC  D 4 2  ? -18.381 -14.367 -1.925  1.00 183.65 ? 2   DC  D "O5'" 1 
ATOM   548 C  "C5'" . DC  D 4 2  ? -17.339 -15.330 -1.821  1.00 176.20 ? 2   DC  D "C5'" 1 
ATOM   549 C  "C4'" . DC  D 4 2  ? -17.238 -16.146 -3.097  1.00 176.91 ? 2   DC  D "C4'" 1 
ATOM   550 O  "O4'" . DC  D 4 2  ? -17.689 -15.340 -4.220  1.00 170.39 ? 2   DC  D "O4'" 1 
ATOM   551 C  "C3'" . DC  D 4 2  ? -15.830 -16.589 -3.465  1.00 182.47 ? 2   DC  D "C3'" 1 
ATOM   552 O  "O3'" . DC  D 4 2  ? -15.886 -17.775 -4.245  1.00 190.51 ? 2   DC  D "O3'" 1 
ATOM   553 C  "C2'" . DC  D 4 2  ? -15.343 -15.410 -4.291  1.00 180.03 ? 2   DC  D "C2'" 1 
ATOM   554 C  "C1'" . DC  D 4 2  ? -16.600 -15.077 -5.085  1.00 171.49 ? 2   DC  D "C1'" 1 
ATOM   555 N  N1    . DC  D 4 2  ? -16.667 -13.654 -5.512  1.00 169.39 ? 2   DC  D N1    1 
ATOM   556 C  C2    . DC  D 4 2  ? -16.427 -13.318 -6.850  1.00 170.62 ? 2   DC  D C2    1 
ATOM   557 O  O2    . DC  D 4 2  ? -16.165 -14.216 -7.660  1.00 171.48 ? 2   DC  D O2    1 
ATOM   558 N  N3    . DC  D 4 2  ? -16.490 -12.014 -7.220  1.00 169.40 ? 2   DC  D N3    1 
ATOM   559 C  C4    . DC  D 4 2  ? -16.774 -11.076 -6.315  1.00 170.37 ? 2   DC  D C4    1 
ATOM   560 N  N4    . DC  D 4 2  ? -16.825 -9.804  -6.726  1.00 167.32 ? 2   DC  D N4    1 
ATOM   561 C  C5    . DC  D 4 2  ? -17.017 -11.401 -4.948  1.00 166.43 ? 2   DC  D C5    1 
ATOM   562 C  C6    . DC  D 4 2  ? -16.956 -12.690 -4.595  1.00 168.06 ? 2   DC  D C6    1 
ATOM   563 P  P     . DT  D 4 3  ? -14.564 -18.662 -4.462  1.00 213.00 ? 3   DT  D P     1 
ATOM   564 O  OP1   . DT  D 4 3  ? -14.988 -19.953 -5.048  1.00 208.27 ? 3   DT  D OP1   1 
ATOM   565 O  OP2   . DT  D 4 3  ? -13.801 -18.643 -3.194  1.00 203.51 ? 3   DT  D OP2   1 
ATOM   566 O  "O5'" . DT  D 4 3  ? -13.736 -17.863 -5.576  1.00 196.07 ? 3   DT  D "O5'" 1 
ATOM   567 C  "C5'" . DT  D 4 3  ? -14.292 -17.657 -6.875  1.00 188.22 ? 3   DT  D "C5'" 1 
ATOM   568 C  "C4'" . DT  D 4 3  ? -13.267 -17.031 -7.805  1.00 189.67 ? 3   DT  D "C4'" 1 
ATOM   569 O  "O4'" . DT  D 4 3  ? -13.498 -15.597 -7.905  1.00 187.33 ? 3   DT  D "O4'" 1 
ATOM   570 C  "C3'" . DT  D 4 3  ? -11.810 -17.187 -7.362  1.00 182.71 ? 3   DT  D "C3'" 1 
ATOM   571 O  "O3'" . DT  D 4 3  ? -10.984 -17.389 -8.498  1.00 188.17 ? 3   DT  D "O3'" 1 
ATOM   572 C  "C2'" . DT  D 4 3  ? -11.523 -15.837 -6.716  1.00 173.36 ? 3   DT  D "C2'" 1 
ATOM   573 C  "C1'" . DT  D 4 3  ? -12.282 -14.927 -7.663  1.00 177.06 ? 3   DT  D "C1'" 1 
ATOM   574 N  N1    . DT  D 4 3  ? -12.571 -13.572 -7.114  1.00 170.93 ? 3   DT  D N1    1 
ATOM   575 C  C2    . DT  D 4 3  ? -12.537 -12.487 -7.960  1.00 166.82 ? 3   DT  D C2    1 
ATOM   576 O  O2    . DT  D 4 3  ? -12.289 -12.574 -9.151  1.00 162.75 ? 3   DT  D O2    1 
ATOM   577 N  N3    . DT  D 4 3  ? -12.812 -11.286 -7.361  1.00 162.73 ? 3   DT  D N3    1 
ATOM   578 C  C4    . DT  D 4 3  ? -13.110 -11.065 -6.029  1.00 159.55 ? 3   DT  D C4    1 
ATOM   579 O  O4    . DT  D 4 3  ? -13.344 -9.944  -5.586  1.00 160.05 ? 3   DT  D O4    1 
ATOM   580 C  C5    . DT  D 4 3  ? -13.125 -12.245 -5.196  1.00 161.17 ? 3   DT  D C5    1 
ATOM   581 C  C7    . DT  D 4 3  ? -13.434 -12.130 -3.732  1.00 159.28 ? 3   DT  D C7    1 
ATOM   582 C  C6    . DT  D 4 3  ? -12.855 -13.427 -5.772  1.00 165.73 ? 3   DT  D C6    1 
ATOM   583 P  P     . DG  D 4 4  ? -10.515 -18.867 -8.919  1.00 199.78 ? 4   DG  D P     1 
ATOM   584 O  OP1   . DG  D 4 4  ? -11.729 -19.647 -9.248  1.00 199.35 ? 4   DG  D OP1   1 
ATOM   585 O  OP2   . DG  D 4 4  ? -9.587  -19.354 -7.873  1.00 192.07 ? 4   DG  D OP2   1 
ATOM   586 O  "O5'" . DG  D 4 4  ? -9.666  -18.630 -10.257 1.00 186.84 ? 4   DG  D "O5'" 1 
ATOM   587 C  "C5'" . DG  D 4 4  ? -9.937  -17.501 -11.091 1.00 178.61 ? 4   DG  D "C5'" 1 
ATOM   588 C  "C4'" . DG  D 4 4  ? -8.748  -16.553 -11.119 1.00 179.69 ? 4   DG  D "C4'" 1 
ATOM   589 O  "O4'" . DG  D 4 4  ? -9.065  -15.370 -10.365 1.00 177.37 ? 4   DG  D "O4'" 1 
ATOM   590 C  "C3'" . DG  D 4 4  ? -7.471  -17.117 -10.503 1.00 176.40 ? 4   DG  D "C3'" 1 
ATOM   591 O  "O3'" . DG  D 4 4  ? -6.561  -17.560 -11.549 1.00 172.27 ? 4   DG  D "O3'" 1 
ATOM   592 C  "C2'" . DG  D 4 4  ? -6.908  -15.986 -9.619  1.00 164.89 ? 4   DG  D "C2'" 1 
ATOM   593 C  "C1'" . DG  D 4 4  ? -7.888  -14.826 -9.818  1.00 165.79 ? 4   DG  D "C1'" 1 
ATOM   594 N  N9    . DG  D 4 4  ? -8.256  -14.138 -8.580  1.00 157.12 ? 4   DG  D N9    1 
ATOM   595 C  C8    . DG  D 4 4  ? -8.446  -14.704 -7.342  1.00 154.71 ? 4   DG  D C8    1 
ATOM   596 N  N7    . DG  D 4 4  ? -8.793  -13.843 -6.424  1.00 148.10 ? 4   DG  D N7    1 
ATOM   597 C  C5    . DG  D 4 4  ? -8.842  -12.629 -7.096  1.00 145.76 ? 4   DG  D C5    1 
ATOM   598 C  C6    . DG  D 4 4  ? -9.160  -11.334 -6.619  1.00 141.35 ? 4   DG  D C6    1 
ATOM   599 O  O6    . DG  D 4 4  ? -9.472  -10.995 -5.470  1.00 137.35 ? 4   DG  D O6    1 
ATOM   600 N  N1    . DG  D 4 4  ? -9.088  -10.381 -7.633  1.00 141.15 ? 4   DG  D N1    1 
ATOM   601 C  C2    . DG  D 4 4  ? -8.753  -10.645 -8.941  1.00 147.47 ? 4   DG  D C2    1 
ATOM   602 N  N2    . DG  D 4 4  ? -8.738  -9.596  -9.776  1.00 147.22 ? 4   DG  D N2    1 
ATOM   603 N  N3    . DG  D 4 4  ? -8.453  -11.854 -9.400  1.00 147.94 ? 4   DG  D N3    1 
ATOM   604 C  C4    . DG  D 4 4  ? -8.517  -12.794 -8.425  1.00 149.76 ? 4   DG  D C4    1 
ATOM   605 P  P     . DA  D 4 5  ? -5.349  -16.652 -12.108 1.00 176.72 ? 5   DA  D P     1 
ATOM   606 O  OP1   . DA  D 4 5  ? -4.971  -17.246 -13.409 1.00 164.69 ? 5   DA  D OP1   1 
ATOM   607 O  OP2   . DA  D 4 5  ? -4.310  -16.519 -11.061 1.00 172.59 ? 5   DA  D OP2   1 
ATOM   608 O  "O5'" . DA  D 4 5  ? -6.001  -15.220 -12.409 1.00 171.40 ? 5   DA  D "O5'" 1 
ATOM   609 C  "C5'" . DA  D 4 5  ? -5.683  -14.531 -13.621 1.00 168.40 ? 5   DA  D "C5'" 1 
ATOM   610 C  "C4'" . DA  D 4 5  ? -4.889  -13.261 -13.348 1.00 163.83 ? 5   DA  D "C4'" 1 
ATOM   611 O  "O4'" . DA  D 4 5  ? -5.297  -12.684 -12.074 1.00 165.29 ? 5   DA  D "O4'" 1 
ATOM   612 C  "C3'" . DA  D 4 5  ? -3.372  -13.443 -13.244 1.00 155.03 ? 5   DA  D "C3'" 1 
ATOM   613 O  "O3'" . DA  D 4 5  ? -2.724  -12.286 -13.741 1.00 153.75 ? 5   DA  D "O3'" 1 
ATOM   614 C  "C2'" . DA  D 4 5  ? -3.174  -13.551 -11.741 1.00 154.23 ? 5   DA  D "C2'" 1 
ATOM   615 C  "C1'" . DA  D 4 5  ? -4.144  -12.479 -11.286 1.00 150.90 ? 5   DA  D "C1'" 1 
ATOM   616 N  N9    . DA  D 4 5  ? -4.508  -12.561 -9.878  1.00 144.94 ? 5   DA  D N9    1 
ATOM   617 C  C8    . DA  D 4 5  ? -4.545  -13.681 -9.098  1.00 154.99 ? 5   DA  D C8    1 
ATOM   618 N  N7    . DA  D 4 5  ? -4.910  -13.451 -7.858  1.00 152.83 ? 5   DA  D N7    1 
ATOM   619 C  C5    . DA  D 4 5  ? -5.121  -12.082 -7.823  1.00 148.83 ? 5   DA  D C5    1 
ATOM   620 C  C6    . DA  D 4 5  ? -5.523  -11.206 -6.794  1.00 138.47 ? 5   DA  D C6    1 
ATOM   621 N  N6    . DA  D 4 5  ? -5.795  -11.611 -5.547  1.00 138.61 ? 5   DA  D N6    1 
ATOM   622 N  N1    . DA  D 4 5  ? -5.637  -9.895  -7.097  1.00 137.94 ? 5   DA  D N1    1 
ATOM   623 C  C2    . DA  D 4 5  ? -5.365  -9.493  -8.346  1.00 135.34 ? 5   DA  D C2    1 
ATOM   624 N  N3    . DA  D 4 5  ? -4.980  -10.221 -9.394  1.00 137.08 ? 5   DA  D N3    1 
ATOM   625 C  C4    . DA  D 4 5  ? -4.876  -11.518 -9.062  1.00 145.69 ? 5   DA  D C4    1 
ATOM   626 P  P     . DG  D 4 6  ? -2.215  -12.216 -15.261 1.00 182.11 ? 6   DG  D P     1 
ATOM   627 O  OP1   . DG  D 4 6  ? -3.394  -12.366 -16.142 1.00 183.40 ? 6   DG  D OP1   1 
ATOM   628 O  OP2   . DG  D 4 6  ? -1.071  -13.144 -15.398 1.00 176.22 ? 6   DG  D OP2   1 
ATOM   629 O  "O5'" . DG  D 4 6  ? -1.655  -10.725 -15.399 1.00 165.85 ? 6   DG  D "O5'" 1 
ATOM   630 C  "C5'" . DG  D 4 6  ? -0.514  -10.331 -14.648 1.00 159.83 ? 6   DG  D "C5'" 1 
ATOM   631 C  "C4'" . DG  D 4 6  ? -0.826  -9.151  -13.744 1.00 155.53 ? 6   DG  D "C4'" 1 
ATOM   632 O  "O4'" . DG  D 4 6  ? -1.545  -9.616  -12.561 1.00 149.94 ? 6   DG  D "O4'" 1 
ATOM   633 C  "C3'" . DG  D 4 6  ? 0.407   -8.420  -13.212 1.00 145.43 ? 6   DG  D "C3'" 1 
ATOM   634 O  "O3'" . DG  D 4 6  ? 0.140   -7.023  -13.095 1.00 146.84 ? 6   DG  D "O3'" 1 
ATOM   635 C  "C2'" . DG  D 4 6  ? 0.587   -9.057  -11.843 1.00 143.13 ? 6   DG  D "C2'" 1 
ATOM   636 C  "C1'" . DG  D 4 6  ? -0.860  -9.170  -11.411 1.00 138.51 ? 6   DG  D "C1'" 1 
ATOM   637 N  N9    . DG  D 4 6  ? -1.064  -10.117 -10.322 1.00 134.08 ? 6   DG  D N9    1 
ATOM   638 C  C8    . DG  D 4 6  ? -0.877  -11.477 -10.362 1.00 137.80 ? 6   DG  D C8    1 
ATOM   639 N  N7    . DG  D 4 6  ? -1.127  -12.070 -9.228  1.00 134.37 ? 6   DG  D N7    1 
ATOM   640 C  C5    . DG  D 4 6  ? -1.495  -11.037 -8.377  1.00 131.03 ? 6   DG  D C5    1 
ATOM   641 C  C6    . DG  D 4 6  ? -1.880  -11.068 -7.011  1.00 124.63 ? 6   DG  D C6    1 
ATOM   642 O  O6    . DG  D 4 6  ? -1.973  -12.051 -6.261  1.00 120.76 ? 6   DG  D O6    1 
ATOM   643 N  N1    . DG  D 4 6  ? -2.174  -9.795  -6.531  1.00 119.33 ? 6   DG  D N1    1 
ATOM   644 C  C2    . DG  D 4 6  ? -2.105  -8.636  -7.271  1.00 125.97 ? 6   DG  D C2    1 
ATOM   645 N  N2    . DG  D 4 6  ? -2.426  -7.502  -6.632  1.00 118.09 ? 6   DG  D N2    1 
ATOM   646 N  N3    . DG  D 4 6  ? -1.747  -8.593  -8.550  1.00 120.78 ? 6   DG  D N3    1 
ATOM   647 C  C4    . DG  D 4 6  ? -1.459  -9.827  -9.034  1.00 128.82 ? 6   DG  D C4    1 
ATOM   648 P  P     . DT  D 4 7  ? 1.110   -5.941  -13.784 1.00 149.16 ? 7   DT  D P     1 
ATOM   649 O  OP1   . DT  D 4 7  ? 0.364   -4.669  -13.893 1.00 150.49 ? 7   DT  D OP1   1 
ATOM   650 O  OP2   . DT  D 4 7  ? 1.688   -6.566  -14.994 1.00 145.13 ? 7   DT  D OP2   1 
ATOM   651 O  "O5'" . DT  D 4 7  ? 2.303   -5.742  -12.738 1.00 144.63 ? 7   DT  D "O5'" 1 
ATOM   652 C  "C5'" . DT  D 4 7  ? 2.118   -6.062  -11.370 1.00 130.90 ? 7   DT  D "C5'" 1 
ATOM   653 C  "C4'" . DT  D 4 7  ? 1.516   -4.906  -10.604 1.00 135.66 ? 7   DT  D "C4'" 1 
ATOM   654 O  "O4'" . DT  D 4 7  ? 0.709   -5.440  -9.524  1.00 137.76 ? 7   DT  D "O4'" 1 
ATOM   655 C  "C3'" . DT  D 4 7  ? 2.543   -4.038  -9.908  1.00 139.08 ? 7   DT  D "C3'" 1 
ATOM   656 O  "O3'" . DT  D 4 7  ? 1.972   -2.781  -9.536  1.00 144.51 ? 7   DT  D "O3'" 1 
ATOM   657 C  "C2'" . DT  D 4 7  ? 2.845   -4.893  -8.691  1.00 133.42 ? 7   DT  D "C2'" 1 
ATOM   658 C  "C1'" . DT  D 4 7  ? 1.453   -5.394  -8.316  1.00 126.35 ? 7   DT  D "C1'" 1 
ATOM   659 N  N1    . DT  D 4 7  ? 1.449   -6.761  -7.691  1.00 117.14 ? 7   DT  D N1    1 
ATOM   660 C  C2    . DT  D 4 7  ? 1.046   -6.902  -6.381  1.00 123.49 ? 7   DT  D C2    1 
ATOM   661 O  O2    . DT  D 4 7  ? 0.683   -5.968  -5.688  1.00 124.55 ? 7   DT  D O2    1 
ATOM   662 N  N3    . DT  D 4 7  ? 1.079   -8.188  -5.906  1.00 118.50 ? 7   DT  D N3    1 
ATOM   663 C  C4    . DT  D 4 7  ? 1.469   -9.323  -6.593  1.00 115.62 ? 7   DT  D C4    1 
ATOM   664 O  O4    . DT  D 4 7  ? 1.464   -10.438 -6.077  1.00 115.17 ? 7   DT  D O4    1 
ATOM   665 C  C5    . DT  D 4 7  ? 1.882   -9.106  -7.959  1.00 112.54 ? 7   DT  D C5    1 
ATOM   666 C  C7    . DT  D 4 7  ? 2.327   -10.262 -8.804  1.00 113.81 ? 7   DT  D C7    1 
ATOM   667 C  C6    . DT  D 4 7  ? 1.854   -7.850  -8.435  1.00 117.13 ? 7   DT  D C6    1 
ATOM   668 P  P     . DG  D 4 8  ? 2.925   -1.562  -9.090  1.00 160.29 ? 8   DG  D P     1 
ATOM   669 O  OP1   . DG  D 4 8  ? 2.734   -0.478  -10.079 1.00 137.18 ? 8   DG  D OP1   1 
ATOM   670 O  OP2   . DG  D 4 8  ? 4.279   -2.107  -8.855  1.00 143.08 ? 8   DG  D OP2   1 
ATOM   671 O  "O5'" . DG  D 4 8  ? 2.340   -1.095  -7.669  1.00 131.99 ? 8   DG  D "O5'" 1 
ATOM   672 C  "C5'" . DG  D 4 8  ? 2.038   -2.069  -6.673  1.00 116.16 ? 8   DG  D "C5'" 1 
ATOM   673 C  "C4'" . DG  D 4 8  ? 2.020   -1.461  -5.279  1.00 118.53 ? 8   DG  D "C4'" 1 
ATOM   674 O  "O4'" . DG  D 4 8  ? 2.282   -2.490  -4.305  1.00 130.96 ? 8   DG  D "O4'" 1 
ATOM   675 C  "C3'" . DG  D 4 8  ? 3.100   -0.449  -4.996  1.00 116.44 ? 8   DG  D "C3'" 1 
ATOM   676 O  "O3'" . DG  D 4 8  ? 2.732   0.289   -3.832  1.00 117.66 ? 8   DG  D "O3'" 1 
ATOM   677 C  "C2'" . DG  D 4 8  ? 4.314   -1.350  -4.736  1.00 125.58 ? 8   DG  D "C2'" 1 
ATOM   678 C  "C1'" . DG  D 4 8  ? 3.681   -2.617  -4.135  1.00 117.50 ? 8   DG  D "C1'" 1 
ATOM   679 N  N9    . DG  D 4 8  ? 4.081   -3.854  -4.797  1.00 117.52 ? 8   DG  D N9    1 
ATOM   680 C  C8    . DG  D 4 8  ? 4.557   -3.990  -6.076  1.00 116.83 ? 8   DG  D C8    1 
ATOM   681 N  N7    . DG  D 4 8  ? 4.807   -5.222  -6.411  1.00 113.34 ? 8   DG  D N7    1 
ATOM   682 C  C5    . DG  D 4 8  ? 4.466   -5.956  -5.287  1.00 112.89 ? 8   DG  D C5    1 
ATOM   683 C  C6    . DG  D 4 8  ? 4.531   -7.349  -5.060  1.00 109.10 ? 8   DG  D C6    1 
ATOM   684 O  O6    . DG  D 4 8  ? 4.909   -8.237  -5.840  1.00 107.77 ? 8   DG  D O6    1 
ATOM   685 N  N1    . DG  D 4 8  ? 4.098   -7.681  -3.777  1.00 107.47 ? 8   DG  D N1    1 
ATOM   686 C  C2    . DG  D 4 8  ? 3.662   -6.776  -2.838  1.00 107.04 ? 8   DG  D C2    1 
ATOM   687 N  N2    . DG  D 4 8  ? 3.285   -7.283  -1.654  1.00 109.51 ? 8   DG  D N2    1 
ATOM   688 N  N3    . DG  D 4 8  ? 3.599   -5.467  -3.040  1.00 102.89 ? 8   DG  D N3    1 
ATOM   689 C  C4    . DG  D 4 8  ? 4.016   -5.131  -4.283  1.00 109.33 ? 8   DG  D C4    1 
ATOM   690 P  P     . DG  D 4 9  ? 3.719   1.383   -3.190  1.00 129.83 ? 9   DG  D P     1 
ATOM   691 O  OP1   . DG  D 4 9  ? 2.881   2.301   -2.387  1.00 124.84 ? 9   DG  D OP1   1 
ATOM   692 O  OP2   . DG  D 4 9  ? 4.570   1.921   -4.272  1.00 128.83 ? 9   DG  D OP2   1 
ATOM   693 O  "O5'" . DG  D 4 9  ? 4.631   0.536   -2.184  1.00 114.98 ? 9   DG  D "O5'" 1 
ATOM   694 C  "C5'" . DG  D 4 9  ? 4.088   0.095   -0.940  1.00 122.55 ? 9   DG  D "C5'" 1 
ATOM   695 C  "C4'" . DG  D 4 9  ? 5.020   -0.887  -0.251  1.00 116.42 ? 9   DG  D "C4'" 1 
ATOM   696 O  "O4'" . DG  D 4 9  ? 5.226   -2.044  -1.098  1.00 125.76 ? 9   DG  D "O4'" 1 
ATOM   697 C  "C3'" . DG  D 4 9  ? 6.413   -0.340  0.077   1.00 108.79 ? 9   DG  D "C3'" 1 
ATOM   698 O  "O3'" . DG  D 4 9  ? 6.715   -0.578  1.440   1.00 112.20 ? 9   DG  D "O3'" 1 
ATOM   699 C  "C2'" . DG  D 4 9  ? 7.345   -1.126  -0.851  1.00 108.02 ? 9   DG  D "C2'" 1 
ATOM   700 C  "C1'" . DG  D 4 9  ? 6.577   -2.421  -1.038  1.00 111.18 ? 9   DG  D "C1'" 1 
ATOM   701 N  N9    . DG  D 4 9  ? 6.913   -3.125  -2.268  1.00 101.57 ? 9   DG  D N9    1 
ATOM   702 C  C8    . DG  D 4 9  ? 7.217   -2.567  -3.485  1.00 116.01 ? 9   DG  D C8    1 
ATOM   703 N  N7    . DG  D 4 9  ? 7.475   -3.449  -4.411  1.00 116.60 ? 9   DG  D N7    1 
ATOM   704 C  C5    . DG  D 4 9  ? 7.328   -4.670  -3.766  1.00 111.32 ? 9   DG  D C5    1 
ATOM   705 C  C6    . DG  D 4 9  ? 7.487   -5.988  -4.258  1.00 105.28 ? 9   DG  D C6    1 
ATOM   706 O  O6    . DG  D 4 9  ? 7.789   -6.348  -5.404  1.00 103.70 ? 9   DG  D O6    1 
ATOM   707 N  N1    . DG  D 4 9  ? 7.247   -6.940  -3.268  1.00 93.68  ? 9   DG  D N1    1 
ATOM   708 C  C2    . DG  D 4 9  ? 6.903   -6.652  -1.969  1.00 104.07 ? 9   DG  D C2    1 
ATOM   709 N  N2    . DG  D 4 9  ? 6.711   -7.698  -1.155  1.00 98.20  ? 9   DG  D N2    1 
ATOM   710 N  N3    . DG  D 4 9  ? 6.755   -5.423  -1.497  1.00 109.07 ? 9   DG  D N3    1 
ATOM   711 C  C4    . DG  D 4 9  ? 6.981   -4.487  -2.447  1.00 103.95 ? 9   DG  D C4    1 
ATOM   712 P  P     . DG  D 4 10 ? 6.230   0.462   2.563   1.00 133.33 ? 10  DG  D P     1 
ATOM   713 O  OP1   . DG  D 4 10 ? 5.741   -0.318  3.721   1.00 143.42 ? 10  DG  D OP1   1 
ATOM   714 O  OP2   . DG  D 4 10 ? 5.349   1.445   1.890   1.00 123.39 ? 10  DG  D OP2   1 
ATOM   715 O  "O5'" . DG  D 4 10 ? 7.560   1.235   2.994   1.00 116.79 ? 10  DG  D "O5'" 1 
ATOM   716 C  "C5'" . DG  D 4 10 ? 8.017   2.324   2.216   1.00 119.69 ? 10  DG  D "C5'" 1 
ATOM   717 C  "C4'" . DG  D 4 10 ? 8.838   3.287   3.050   1.00 122.66 ? 10  DG  D "C4'" 1 
ATOM   718 O  "O4'" . DG  D 4 10 ? 9.382   4.315   2.188   1.00 130.09 ? 10  DG  D "O4'" 1 
ATOM   719 C  "C3'" . DG  D 4 10 ? 8.054   4.006   4.147   1.00 132.38 ? 10  DG  D "C3'" 1 
ATOM   720 O  "O3'" . DG  D 4 10 ? 8.350   3.411   5.409   1.00 142.95 ? 10  DG  D "O3'" 1 
ATOM   721 C  "C2'" . DG  D 4 10 ? 8.567   5.443   4.080   1.00 132.31 ? 10  DG  D "C2'" 1 
ATOM   722 C  "C1'" . DG  D 4 10 ? 8.975   5.590   2.628   1.00 122.62 ? 10  DG  D "C1'" 1 
ATOM   723 N  N9    . DG  D 4 10 ? 7.910   6.072   1.751   1.00 121.05 ? 10  DG  D N9    1 
ATOM   724 C  C8    . DG  D 4 10 ? 7.110   5.317   0.928   1.00 124.95 ? 10  DG  D C8    1 
ATOM   725 N  N7    . DG  D 4 10 ? 6.254   6.023   0.246   1.00 135.65 ? 10  DG  D N7    1 
ATOM   726 C  C5    . DG  D 4 10 ? 6.502   7.332   0.636   1.00 136.51 ? 10  DG  D C5    1 
ATOM   727 C  C6    . DG  D 4 10 ? 5.881   8.539   0.232   1.00 140.45 ? 10  DG  D C6    1 
ATOM   728 O  O6    . DG  D 4 10 ? 4.957   8.693   -0.582  1.00 139.75 ? 10  DG  D O6    1 
ATOM   729 N  N1    . DG  D 4 10 ? 6.435   9.643   0.873   1.00 141.17 ? 10  DG  D N1    1 
ATOM   730 C  C2    . DG  D 4 10 ? 7.458   9.589   1.790   1.00 144.46 ? 10  DG  D C2    1 
ATOM   731 N  N2    . DG  D 4 10 ? 7.858   10.759  2.303   1.00 152.48 ? 10  DG  D N2    1 
ATOM   732 N  N3    . DG  D 4 10 ? 8.048   8.464   2.179   1.00 137.90 ? 10  DG  D N3    1 
ATOM   733 C  C4    . DG  D 4 10 ? 7.521   7.379   1.563   1.00 130.92 ? 10  DG  D C4    1 
ATOM   734 P  P     . DG  D 4 11 ? 7.307   3.511   6.625   1.00 143.67 ? 11  DG  D P     1 
ATOM   735 O  OP1   . DG  D 4 11 ? 7.953   2.896   7.809   1.00 137.01 ? 11  DG  D OP1   1 
ATOM   736 O  OP2   . DG  D 4 11 ? 6.005   2.996   6.143   1.00 131.10 ? 11  DG  D OP2   1 
ATOM   737 O  "O5'" . DG  D 4 11 ? 7.165   5.083   6.889   1.00 125.44 ? 11  DG  D "O5'" 1 
ATOM   738 C  "C5'" . DG  D 4 11 ? 8.217   5.796   7.535   1.00 128.81 ? 11  DG  D "C5'" 1 
ATOM   739 C  "C4'" . DG  D 4 11 ? 7.985   7.290   7.430   1.00 138.26 ? 11  DG  D "C4'" 1 
ATOM   740 O  "O4'" . DG  D 4 11 ? 7.675   7.622   6.069   1.00 129.24 ? 11  DG  D "O4'" 1 
ATOM   741 C  "C3'" . DG  D 4 11 ? 6.798   7.805   8.223   1.00 152.86 ? 11  DG  D "C3'" 1 
ATOM   742 O  "O3'" . DG  D 4 11 ? 7.209   8.146   9.535   1.00 156.61 ? 11  DG  D "O3'" 1 
ATOM   743 C  "C2'" . DG  D 4 11 ? 6.356   9.045   7.441   1.00 145.70 ? 11  DG  D "C2'" 1 
ATOM   744 C  "C1'" . DG  D 4 11 ? 6.903   8.801   6.034   1.00 125.39 ? 11  DG  D "C1'" 1 
ATOM   745 N  N9    . DG  D 4 11 ? 5.876   8.648   5.011   1.00 132.13 ? 11  DG  D N9    1 
ATOM   746 C  C8    . DG  D 4 11 ? 5.436   7.474   4.447   1.00 138.97 ? 11  DG  D C8    1 
ATOM   747 N  N7    . DG  D 4 11 ? 4.514   7.647   3.538   1.00 142.06 ? 11  DG  D N7    1 
ATOM   748 C  C5    . DG  D 4 11 ? 4.336   9.024   3.494   1.00 142.07 ? 11  DG  D C5    1 
ATOM   749 C  C6    . DG  D 4 11 ? 3.467   9.808   2.696   1.00 145.22 ? 11  DG  D C6    1 
ATOM   750 O  O6    . DG  D 4 11 ? 2.654   9.427   1.842   1.00 149.33 ? 11  DG  D O6    1 
ATOM   751 N  N1    . DG  D 4 11 ? 3.605   11.166  2.968   1.00 149.85 ? 11  DG  D N1    1 
ATOM   752 C  C2    . DG  D 4 11 ? 4.472   11.700  3.891   1.00 157.24 ? 11  DG  D C2    1 
ATOM   753 N  N2    . DG  D 4 11 ? 4.464   13.035  4.013   1.00 168.06 ? 11  DG  D N2    1 
ATOM   754 N  N3    . DG  D 4 11 ? 5.293   10.978  4.644   1.00 152.40 ? 11  DG  D N3    1 
ATOM   755 C  C4    . DG  D 4 11 ? 5.170   9.654   4.392   1.00 145.68 ? 11  DG  D C4    1 
ATOM   756 P  P     . DT  D 4 12 ? 6.112   8.330   10.689  1.00 152.83 ? 12  DT  D P     1 
ATOM   757 O  OP1   . DT  D 4 12 ? 6.809   8.158   11.985  1.00 151.93 ? 12  DT  D OP1   1 
ATOM   758 O  OP2   . DT  D 4 12 ? 4.957   7.475   10.327  1.00 143.28 ? 12  DT  D OP2   1 
ATOM   759 O  "O5'" . DT  D 4 12 ? 5.643   9.853   10.543  1.00 152.29 ? 12  DT  D "O5'" 1 
ATOM   760 C  "C5'" . DT  D 4 12 ? 6.554   10.907  10.828  1.00 152.31 ? 12  DT  D "C5'" 1 
ATOM   761 C  "C4'" . DT  D 4 12 ? 5.950   12.256  10.474  1.00 164.63 ? 12  DT  D "C4'" 1 
ATOM   762 O  "O4'" . DT  D 4 12 ? 5.389   12.208  9.133   1.00 155.60 ? 12  DT  D "O4'" 1 
ATOM   763 C  "C3'" . DT  D 4 12 ? 4.808   12.718  11.381  1.00 175.89 ? 12  DT  D "C3'" 1 
ATOM   764 O  "O3'" . DT  D 4 12 ? 4.886   14.128  11.552  1.00 185.50 ? 12  DT  D "O3'" 1 
ATOM   765 C  "C2'" . DT  D 4 12 ? 3.572   12.322  10.579  1.00 167.51 ? 12  DT  D "C2'" 1 
ATOM   766 C  "C1'" . DT  D 4 12 ? 4.046   12.641  9.175   1.00 154.93 ? 12  DT  D "C1'" 1 
ATOM   767 N  N1    . DT  D 4 12 ? 3.288   11.943  8.106   1.00 154.40 ? 12  DT  D N1    1 
ATOM   768 C  C2    . DT  D 4 12 ? 2.532   12.683  7.228   1.00 163.63 ? 12  DT  D C2    1 
ATOM   769 O  O2    . DT  D 4 12 ? 2.443   13.897  7.282   1.00 169.86 ? 12  DT  D O2    1 
ATOM   770 N  N3    . DT  D 4 12 ? 1.877   11.948  6.276   1.00 161.61 ? 12  DT  D N3    1 
ATOM   771 C  C4    . DT  D 4 12 ? 1.902   10.575  6.116   1.00 156.90 ? 12  DT  D C4    1 
ATOM   772 O  O4    . DT  D 4 12 ? 1.277   10.004  5.226   1.00 153.82 ? 12  DT  D O4    1 
ATOM   773 C  C5    . DT  D 4 12 ? 2.715   9.859   7.071   1.00 152.78 ? 12  DT  D C5    1 
ATOM   774 C  C7    . DT  D 4 12 ? 2.819   8.364   7.000   1.00 150.29 ? 12  DT  D C7    1 
ATOM   775 C  C6    . DT  D 4 12 ? 3.360   10.570  8.010   1.00 148.73 ? 12  DT  D C6    1 
ATOM   776 P  P     . DC  D 4 13 ? 3.718   14.922  12.316  1.00 197.73 ? 13  DC  D P     1 
ATOM   777 O  OP1   . DC  D 4 13 ? 4.302   16.188  12.813  1.00 188.92 ? 13  DC  D OP1   1 
ATOM   778 O  OP2   . DC  D 4 13 ? 3.068   13.988  13.262  1.00 191.94 ? 13  DC  D OP2   1 
ATOM   779 O  "O5'" . DC  D 4 13 ? 2.661   15.258  11.164  1.00 173.10 ? 13  DC  D "O5'" 1 
ATOM   780 C  "C5'" . DC  D 4 13 ? 1.308   15.468  11.505  1.00 178.38 ? 13  DC  D "C5'" 1 
ATOM   781 C  "C4'" . DC  D 4 13 ? 0.565   16.144  10.374  1.00 184.48 ? 13  DC  D "C4'" 1 
ATOM   782 O  "O4'" . DC  D 4 13 ? 0.503   15.246  9.234   1.00 175.92 ? 13  DC  D "O4'" 1 
ATOM   783 C  "C3'" . DC  D 4 13 ? -0.878  16.514  10.703  1.00 205.05 ? 13  DC  D "C3'" 1 
ATOM   784 O  "O3'" . DC  D 4 13 ? -1.205  17.771  10.130  1.00 219.14 ? 13  DC  D "O3'" 1 
ATOM   785 C  "C2'" . DC  D 4 13 ? -1.680  15.378  10.078  1.00 199.87 ? 13  DC  D "C2'" 1 
ATOM   786 C  "C1'" . DC  D 4 13 ? -0.843  15.044  8.855   1.00 189.83 ? 13  DC  D "C1'" 1 
ATOM   787 N  N1    . DC  D 4 13 ? -0.999  13.632  8.387   1.00 184.02 ? 13  DC  D N1    1 
ATOM   788 C  C2    . DC  D 4 13 ? -1.816  13.352  7.284   1.00 181.24 ? 13  DC  D C2    1 
ATOM   789 O  O2    . DC  D 4 13 ? -2.402  14.281  6.714   1.00 180.13 ? 13  DC  D O2    1 
ATOM   790 N  N3    . DC  D 4 13 ? -1.941  12.067  6.869   1.00 177.67 ? 13  DC  D N3    1 
ATOM   791 C  C4    . DC  D 4 13 ? -1.293  11.091  7.509   1.00 176.45 ? 13  DC  D C4    1 
ATOM   792 N  N4    . DC  D 4 13 ? -1.449  9.840   7.062   1.00 177.50 ? 13  DC  D N4    1 
ATOM   793 C  C5    . DC  D 4 13 ? -0.456  11.355  8.635   1.00 172.95 ? 13  DC  D C5    1 
ATOM   794 C  C6    . DC  D 4 13 ? -0.339  12.627  9.036   1.00 175.97 ? 13  DC  D C6    1 
ATOM   795 P  P     . DT  D 4 14 ? -2.272  18.731  10.854  1.00 229.05 ? 14  DT  D P     1 
ATOM   796 O  OP1   . DT  D 4 14 ? -2.053  20.104  10.349  1.00 228.24 ? 14  DT  D OP1   1 
ATOM   797 O  OP2   . DT  D 4 14 ? -2.202  18.461  12.308  1.00 213.07 ? 14  DT  D OP2   1 
ATOM   798 O  "O5'" . DT  D 4 14 ? -3.684  18.206  10.315  1.00 216.38 ? 14  DT  D "O5'" 1 
ATOM   799 C  "C5'" . DT  D 4 14 ? -4.013  18.335  8.934   1.00 210.21 ? 14  DT  D "C5'" 1 
ATOM   800 C  "C4'" . DT  D 4 14 ? -5.358  17.697  8.631   1.00 212.80 ? 14  DT  D "C4'" 1 
ATOM   801 O  "O4'" . DT  D 4 14 ? -5.180  16.279  8.349   1.00 208.46 ? 14  DT  D "O4'" 1 
ATOM   802 C  "C3'" . DT  D 4 14 ? -6.385  17.772  9.768   1.00 216.90 ? 14  DT  D "C3'" 1 
ATOM   803 O  "O3'" . DT  D 4 14 ? -7.690  18.020  9.235   1.00 216.89 ? 14  DT  D "O3'" 1 
ATOM   804 C  "C2'" . DT  D 4 14 ? -6.295  16.378  10.379  1.00 209.58 ? 14  DT  D "C2'" 1 
ATOM   805 C  "C1'" . DT  D 4 14 ? -6.104  15.549  9.120   1.00 209.19 ? 14  DT  D "C1'" 1 
ATOM   806 N  N1    . DT  D 4 14 ? -5.572  14.173  9.367   1.00 203.25 ? 14  DT  D N1    1 
ATOM   807 C  C2    . DT  D 4 14 ? -5.975  13.141  8.550   1.00 196.83 ? 14  DT  D C2    1 
ATOM   808 O  O2    . DT  D 4 14 ? -6.746  13.288  7.617   1.00 193.75 ? 14  DT  D O2    1 
ATOM   809 N  N3    . DT  D 4 14 ? -5.436  11.921  8.862   1.00 192.00 ? 14  DT  D N3    1 
ATOM   810 C  C4    . DT  D 4 14 ? -4.556  11.634  9.890   1.00 190.05 ? 14  DT  D C4    1 
ATOM   811 O  O4    . DT  D 4 14 ? -4.127  10.503  10.090  1.00 189.15 ? 14  DT  D O4    1 
ATOM   812 C  C5    . DT  D 4 14 ? -4.181  12.761  10.712  1.00 189.83 ? 14  DT  D C5    1 
ATOM   813 C  C7    . DT  D 4 14 ? -3.231  12.574  11.858  1.00 182.56 ? 14  DT  D C7    1 
ATOM   814 C  C6    . DT  D 4 14 ? -4.706  13.960  10.418  1.00 196.65 ? 14  DT  D C6    1 
ATOM   815 P  P     . DG  D 4 15 ? -8.338  19.489  9.317   1.00 224.92 ? 15  DG  D P     1 
ATOM   816 O  OP1   . DG  D 4 15 ? -8.263  20.084  7.964   1.00 212.44 ? 15  DG  D OP1   1 
ATOM   817 O  OP2   . DG  D 4 15 ? -7.719  20.189  10.464  1.00 221.60 ? 15  DG  D OP2   1 
ATOM   818 O  "O5'" . DG  D 4 15 ? -9.882  19.218  9.646   1.00 207.26 ? 15  DG  D "O5'" 1 
ATOM   819 C  "C5'" . DG  D 4 15 ? -10.885 19.560  8.691   1.00 199.89 ? 15  DG  D "C5'" 1 
ATOM   820 C  "C4'" . DG  D 4 15 ? -11.438 18.311  8.030   1.00 199.33 ? 15  DG  D "C4'" 1 
ATOM   821 O  "O4'" . DG  D 4 15 ? -10.461 17.256  8.138   1.00 195.54 ? 15  DG  D "O4'" 1 
ATOM   822 C  "C3'" . DG  D 4 15 ? -12.726 17.768  8.657   1.00 201.42 ? 15  DG  D "C3'" 1 
ATOM   823 O  "O3'" . DG  D 4 15 ? -13.864 17.946  7.768   1.00 203.35 ? 15  DG  D "O3'" 1 
ATOM   824 C  "C2'" . DG  D 4 15 ? -12.434 16.294  8.971   1.00 197.86 ? 15  DG  D "C2'" 1 
ATOM   825 C  "C1'" . DG  D 4 15 ? -11.117 16.022  8.253   1.00 198.69 ? 15  DG  D "C1'" 1 
ATOM   826 N  N9    . DG  D 4 15 ? -10.247 15.109  8.984   1.00 196.15 ? 15  DG  D N9    1 
ATOM   827 C  C8    . DG  D 4 15 ? -9.444  15.416  10.053  1.00 193.75 ? 15  DG  D C8    1 
ATOM   828 N  N7    . DG  D 4 15 ? -8.778  14.394  10.514  1.00 192.88 ? 15  DG  D N7    1 
ATOM   829 C  C5    . DG  D 4 15 ? -9.163  13.341  9.698   1.00 194.55 ? 15  DG  D C5    1 
ATOM   830 C  C6    . DG  D 4 15 ? -8.772  11.981  9.720   1.00 191.62 ? 15  DG  D C6    1 
ATOM   831 O  O6    . DG  D 4 15 ? -7.974  11.425  10.489  1.00 190.40 ? 15  DG  D O6    1 
ATOM   832 N  N1    . DG  D 4 15 ? -9.408  11.246  8.721   1.00 190.16 ? 15  DG  D N1    1 
ATOM   833 C  C2    . DG  D 4 15 ? -10.308 11.763  7.817   1.00 193.08 ? 15  DG  D C2    1 
ATOM   834 N  N2    . DG  D 4 15 ? -10.817 10.899  6.926   1.00 187.45 ? 15  DG  D N2    1 
ATOM   835 N  N3    . DG  D 4 15 ? -10.684 13.035  7.788   1.00 197.12 ? 15  DG  D N3    1 
ATOM   836 C  C4    . DG  D 4 15 ? -10.072 13.763  8.753   1.00 195.99 ? 15  DG  D C4    1 
ATOM   837 P  P     . DC  D 4 16 ? -14.078 17.054  6.440   1.00 212.23 ? 16  DC  D P     1 
ATOM   838 O  OP1   . DC  D 4 16 ? -12.808 16.908  5.698   1.00 207.12 ? 16  DC  D OP1   1 
ATOM   839 O  OP2   . DC  D 4 16 ? -15.245 17.637  5.744   1.00 206.10 ? 16  DC  D OP2   1 
ATOM   840 O  "O5'" . DC  D 4 16 ? -14.542 15.619  6.975   1.00 200.13 ? 16  DC  D "O5'" 1 
ATOM   841 C  "C5'" . DC  D 4 16 ? -14.608 14.519  6.073   1.00 199.18 ? 16  DC  D "C5'" 1 
ATOM   842 C  "C4'" . DC  D 4 16 ? -14.908 13.227  6.810   1.00 193.69 ? 16  DC  D "C4'" 1 
ATOM   843 O  "O4'" . DC  D 4 16 ? -13.777 12.854  7.618   1.00 188.72 ? 16  DC  D "O4'" 1 
ATOM   844 C  "C3'" . DC  D 4 16 ? -16.095 13.293  7.771   1.00 188.06 ? 16  DC  D "C3'" 1 
ATOM   845 O  "O3'" . DC  D 4 16 ? -17.213 12.619  7.207   1.00 177.53 ? 16  DC  D "O3'" 1 
ATOM   846 C  "C2'" . DC  D 4 16 ? -15.599 12.597  9.054   1.00 183.44 ? 16  DC  D "C2'" 1 
ATOM   847 C  "C1'" . DC  D 4 16 ? -14.239 12.032  8.651   1.00 185.92 ? 16  DC  D "C1'" 1 
ATOM   848 N  N1    . DC  D 4 16 ? -13.231 12.043  9.754   1.00 186.76 ? 16  DC  D N1    1 
ATOM   849 C  C2    . DC  D 4 16 ? -12.598 10.851  10.125  1.00 186.72 ? 16  DC  D C2    1 
ATOM   850 O  O2    . DC  D 4 16 ? -12.886 9.804   9.530   1.00 180.22 ? 16  DC  D O2    1 
ATOM   851 N  N3    . DC  D 4 16 ? -11.684 10.877  11.129  1.00 189.20 ? 16  DC  D N3    1 
ATOM   852 C  C4    . DC  D 4 16 ? -11.402 12.026  11.746  1.00 189.65 ? 16  DC  D C4    1 
ATOM   853 N  N4    . DC  D 4 16 ? -10.494 12.002  12.729  1.00 184.47 ? 16  DC  D N4    1 
ATOM   854 C  C5    . DC  D 4 16 ? -12.038 13.250  11.383  1.00 192.90 ? 16  DC  D C5    1 
ATOM   855 C  C6    . DC  D 4 16 ? -12.935 13.213  10.390  1.00 189.40 ? 16  DC  D C6    1 
HETATM 856 AS AS    . CAC E 5 .  ? 2.292   5.394   0.054   1.00 278.42 ? 101 CAC D AS    1 
HETATM 857 AS AS    . CAC F 5 .  ? 8.517   -5.054  -8.146  1.00 250.79 ? 102 CAC D AS    1 
# 
loop_
_pdbx_poly_seq_scheme.asym_id 
_pdbx_poly_seq_scheme.entity_id 
_pdbx_poly_seq_scheme.seq_id 
_pdbx_poly_seq_scheme.mon_id 
_pdbx_poly_seq_scheme.ndb_seq_num 
_pdbx_poly_seq_scheme.pdb_seq_num 
_pdbx_poly_seq_scheme.auth_seq_num 
_pdbx_poly_seq_scheme.pdb_mon_id 
_pdbx_poly_seq_scheme.auth_mon_id 
_pdbx_poly_seq_scheme.pdb_strand_id 
_pdbx_poly_seq_scheme.pdb_ins_code 
_pdbx_poly_seq_scheme.hetero 
A 1 1  DG 1  1  1  DG DG A . n 
A 1 2  DA 2  2  2  DA DA A . n 
A 1 3  DG 3  3  3  DG DG A . n 
A 1 4  DC 4  4  4  DC DC A . n 
A 1 5  DA 5  5  5  DA DA A . n 
A 1 6  DG 6  6  6  DG DG A . n 
A 1 7  DA 7  7  7  DA DA A . n 
A 1 8  DC 8  8  8  DC DC A . n 
A 1 9  DC 9  9  9  DC DC A . n 
A 1 10 DA 10 10 10 DA DA A . n 
A 1 11 DG 11 11 11 DG DG A . n 
B 2 1  DA 1  12 12 DA DA B . n 
B 2 2  DC 2  13 13 DC DC B . n 
B 2 3  DG 3  14 14 DG DG B . n 
B 2 4  DC 4  15 15 DC DC B . n 
B 2 5  DC 5  16 16 DC DC B . n 
B 2 6  DA 6  17 17 DA DA B . n 
B 2 7  DC 7  18 18 DC DC B . n 
B 2 8  DT 8  19 19 DT DT B . n 
B 2 9  DC 9  20 20 DC DC B . n 
B 2 10 DA 10 21 21 DA DA B . n 
C 3 1  DC 1  1  1  DC DC C . n 
C 3 2  DT 2  2  2  DT DT C . n 
C 3 3  DC 3  3  3  DC DC C . n 
C 3 4  DG 4  4  4  DG DG C . n 
C 3 5  DT 5  5  5  DT DT C . n 
D 4 1  DT 1  1  1  DT DT D . n 
D 4 2  DC 2  2  2  DC DC D . n 
D 4 3  DT 3  3  3  DT DT D . n 
D 4 4  DG 4  4  4  DG DG D . n 
D 4 5  DA 5  5  5  DA DA D . n 
D 4 6  DG 6  6  6  DG DG D . n 
D 4 7  DT 7  7  7  DT DT D . n 
D 4 8  DG 8  8  8  DG DG D . n 
D 4 9  DG 9  9  9  DG DG D . n 
D 4 10 DG 10 10 10 DG DG D . n 
D 4 11 DG 11 11 11 DG DG D . n 
D 4 12 DT 12 12 12 DT DT D . n 
D 4 13 DC 13 13 13 DC DC D . n 
D 4 14 DT 14 14 14 DT DT D . n 
D 4 15 DG 15 15 15 DG DG D . n 
D 4 16 DC 16 16 16 DC DC D . n 
# 
loop_
_pdbx_nonpoly_scheme.asym_id 
_pdbx_nonpoly_scheme.entity_id 
_pdbx_nonpoly_scheme.mon_id 
_pdbx_nonpoly_scheme.ndb_seq_num 
_pdbx_nonpoly_scheme.pdb_seq_num 
_pdbx_nonpoly_scheme.auth_seq_num 
_pdbx_nonpoly_scheme.pdb_mon_id 
_pdbx_nonpoly_scheme.auth_mon_id 
_pdbx_nonpoly_scheme.pdb_strand_id 
_pdbx_nonpoly_scheme.pdb_ins_code 
E 5 CAC 1 101 1 CAC AS D . 
F 5 CAC 1 102 2 CAC AS D . 
# 
_pdbx_struct_assembly.id                   1 
_pdbx_struct_assembly.details              author_and_software_defined_assembly 
_pdbx_struct_assembly.method_details       PISA 
_pdbx_struct_assembly.oligomeric_details   tetrameric 
_pdbx_struct_assembly.oligomeric_count     4 
# 
_pdbx_struct_assembly_gen.assembly_id       1 
_pdbx_struct_assembly_gen.oper_expression   1 
_pdbx_struct_assembly_gen.asym_id_list      A,B,C,D,E,F 
# 
loop_
_pdbx_struct_assembly_prop.biol_id 
_pdbx_struct_assembly_prop.type 
_pdbx_struct_assembly_prop.value 
_pdbx_struct_assembly_prop.details 
1 'ABSA (A^2)' 2680 ? 
1 MORE         -17  ? 
1 'SSA (A^2)'  7870 ? 
# 
_pdbx_struct_oper_list.id                   1 
_pdbx_struct_oper_list.type                 'identity operation' 
_pdbx_struct_oper_list.name                 1_555 
_pdbx_struct_oper_list.symmetry_operation   x,y,z 
_pdbx_struct_oper_list.matrix[1][1]         1.0000000000 
_pdbx_struct_oper_list.matrix[1][2]         0.0000000000 
_pdbx_struct_oper_list.matrix[1][3]         0.0000000000 
_pdbx_struct_oper_list.vector[1]            0.0000000000 
_pdbx_struct_oper_list.matrix[2][1]         0.0000000000 
_pdbx_struct_oper_list.matrix[2][2]         1.0000000000 
_pdbx_struct_oper_list.matrix[2][3]         0.0000000000 
_pdbx_struct_oper_list.vector[2]            0.0000000000 
_pdbx_struct_oper_list.matrix[3][1]         0.0000000000 
_pdbx_struct_oper_list.matrix[3][2]         0.0000000000 
_pdbx_struct_oper_list.matrix[3][3]         1.0000000000 
_pdbx_struct_oper_list.vector[3]            0.0000000000 
# 
loop_
_pdbx_audit_revision_history.ordinal 
_pdbx_audit_revision_history.data_content_type 
_pdbx_audit_revision_history.major_revision 
_pdbx_audit_revision_history.minor_revision 
_pdbx_audit_revision_history.revision_date 
1 'Structure model' 1 0 2021-07-14 
2 'Structure model' 1 1 2022-07-06 
3 'Structure model' 1 2 2023-10-18 
# 
_pdbx_audit_revision_details.ordinal             1 
_pdbx_audit_revision_details.revision_ordinal    1 
_pdbx_audit_revision_details.data_content_type   'Structure model' 
_pdbx_audit_revision_details.provider            repository 
_pdbx_audit_revision_details.type                'Initial release' 
_pdbx_audit_revision_details.description         ? 
_pdbx_audit_revision_details.details             ? 
# 
loop_
_pdbx_audit_revision_group.ordinal 
_pdbx_audit_revision_group.revision_ordinal 
_pdbx_audit_revision_group.data_content_type 
_pdbx_audit_revision_group.group 
1 2 'Structure model' 'Database references'    
2 3 'Structure model' 'Data collection'        
3 3 'Structure model' 'Refinement description' 
# 
loop_
_pdbx_audit_revision_category.ordinal 
_pdbx_audit_revision_category.revision_ordinal 
_pdbx_audit_revision_category.data_content_type 
_pdbx_audit_revision_category.category 
1 2 'Structure model' citation                      
2 2 'Structure model' citation_author               
3 2 'Structure model' database_2                    
4 3 'Structure model' chem_comp_atom                
5 3 'Structure model' chem_comp_bond                
6 3 'Structure model' pdbx_initial_refinement_model 
# 
loop_
_pdbx_audit_revision_item.ordinal 
_pdbx_audit_revision_item.revision_ordinal 
_pdbx_audit_revision_item.data_content_type 
_pdbx_audit_revision_item.item 
1  2 'Structure model' '_citation.country'                   
2  2 'Structure model' '_citation.journal_abbrev'            
3  2 'Structure model' '_citation.journal_id_CSD'            
4  2 'Structure model' '_citation.journal_id_ISSN'           
5  2 'Structure model' '_citation.journal_volume'            
6  2 'Structure model' '_citation.page_first'                
7  2 'Structure model' '_citation.page_last'                 
8  2 'Structure model' '_citation.pdbx_database_id_DOI'      
9  2 'Structure model' '_citation.pdbx_database_id_PubMed'   
10 2 'Structure model' '_citation.title'                     
11 2 'Structure model' '_citation.year'                      
12 2 'Structure model' '_database_2.pdbx_DOI'                
13 2 'Structure model' '_database_2.pdbx_database_accession' 
# 
loop_
_software.citation_id 
_software.classification 
_software.compiler_name 
_software.compiler_version 
_software.contact_author 
_software.contact_author_email 
_software.date 
_software.description 
_software.dependencies 
_software.hardware 
_software.language 
_software.location 
_software.mods 
_software.name 
_software.os 
_software.os_version 
_software.type 
_software.version 
_software.pdbx_ordinal 
? 'data reduction'  ? ? ? ? ? ? ? ? ? ? ? HKL-2000    ? ? ? .           1 
? 'data scaling'    ? ? ? ? ? ? ? ? ? ? ? HKL-2000    ? ? ? .           2 
? refinement        ? ? ? ? ? ? ? ? ? ? ? PHENIX      ? ? ? 1.11.1_2575 3 
? 'data extraction' ? ? ? ? ? ? ? ? ? ? ? PDB_EXTRACT ? ? ? 3.25        4 
? phasing           ? ? ? ? ? ? ? ? ? ? ? PHASER      ? ? ? .           5 
# 
_pdbx_entry_details.entry_id                 6XG0 
_pdbx_entry_details.has_ligand_of_interest   N 
_pdbx_entry_details.compound_details         ? 
_pdbx_entry_details.source_details           ? 
_pdbx_entry_details.nonpolymer_details       ? 
_pdbx_entry_details.sequence_details         ? 
# 
loop_
_pdbx_unobs_or_zero_occ_atoms.id 
_pdbx_unobs_or_zero_occ_atoms.PDB_model_num 
_pdbx_unobs_or_zero_occ_atoms.polymer_flag 
_pdbx_unobs_or_zero_occ_atoms.occupancy_flag 
_pdbx_unobs_or_zero_occ_atoms.auth_asym_id 
_pdbx_unobs_or_zero_occ_atoms.auth_comp_id 
_pdbx_unobs_or_zero_occ_atoms.auth_seq_id 
_pdbx_unobs_or_zero_occ_atoms.PDB_ins_code 
_pdbx_unobs_or_zero_occ_atoms.auth_atom_id 
_pdbx_unobs_or_zero_occ_atoms.label_alt_id 
_pdbx_unobs_or_zero_occ_atoms.label_asym_id 
_pdbx_unobs_or_zero_occ_atoms.label_comp_id 
_pdbx_unobs_or_zero_occ_atoms.label_seq_id 
_pdbx_unobs_or_zero_occ_atoms.label_atom_id 
1 1 N 1 D CAC 101 ? O1 ? E CAC 1 O1 
2 1 N 1 D CAC 101 ? O2 ? E CAC 1 O2 
3 1 N 1 D CAC 101 ? C1 ? E CAC 1 C1 
4 1 N 1 D CAC 101 ? C2 ? E CAC 1 C2 
5 1 N 1 D CAC 102 ? O1 ? F CAC 1 O1 
6 1 N 1 D CAC 102 ? O2 ? F CAC 1 O2 
7 1 N 1 D CAC 102 ? C1 ? F CAC 1 C1 
8 1 N 1 D CAC 102 ? C2 ? F CAC 1 C2 
# 
loop_
_chem_comp_atom.comp_id 
_chem_comp_atom.atom_id 
_chem_comp_atom.type_symbol 
_chem_comp_atom.pdbx_aromatic_flag 
_chem_comp_atom.pdbx_stereo_config 
_chem_comp_atom.pdbx_ordinal 
CAC AS     AS N N 1   
CAC O1     O  N N 2   
CAC O2     O  N N 3   
CAC C1     C  N N 4   
CAC C2     C  N N 5   
CAC H11    H  N N 6   
CAC H12    H  N N 7   
CAC H13    H  N N 8   
CAC H21    H  N N 9   
CAC H22    H  N N 10  
CAC H23    H  N N 11  
DA  OP3    O  N N 12  
DA  P      P  N N 13  
DA  OP1    O  N N 14  
DA  OP2    O  N N 15  
DA  "O5'"  O  N N 16  
DA  "C5'"  C  N N 17  
DA  "C4'"  C  N R 18  
DA  "O4'"  O  N N 19  
DA  "C3'"  C  N S 20  
DA  "O3'"  O  N N 21  
DA  "C2'"  C  N N 22  
DA  "C1'"  C  N R 23  
DA  N9     N  Y N 24  
DA  C8     C  Y N 25  
DA  N7     N  Y N 26  
DA  C5     C  Y N 27  
DA  C6     C  Y N 28  
DA  N6     N  N N 29  
DA  N1     N  Y N 30  
DA  C2     C  Y N 31  
DA  N3     N  Y N 32  
DA  C4     C  Y N 33  
DA  HOP3   H  N N 34  
DA  HOP2   H  N N 35  
DA  "H5'"  H  N N 36  
DA  "H5''" H  N N 37  
DA  "H4'"  H  N N 38  
DA  "H3'"  H  N N 39  
DA  "HO3'" H  N N 40  
DA  "H2'"  H  N N 41  
DA  "H2''" H  N N 42  
DA  "H1'"  H  N N 43  
DA  H8     H  N N 44  
DA  H61    H  N N 45  
DA  H62    H  N N 46  
DA  H2     H  N N 47  
DC  OP3    O  N N 48  
DC  P      P  N N 49  
DC  OP1    O  N N 50  
DC  OP2    O  N N 51  
DC  "O5'"  O  N N 52  
DC  "C5'"  C  N N 53  
DC  "C4'"  C  N R 54  
DC  "O4'"  O  N N 55  
DC  "C3'"  C  N S 56  
DC  "O3'"  O  N N 57  
DC  "C2'"  C  N N 58  
DC  "C1'"  C  N R 59  
DC  N1     N  N N 60  
DC  C2     C  N N 61  
DC  O2     O  N N 62  
DC  N3     N  N N 63  
DC  C4     C  N N 64  
DC  N4     N  N N 65  
DC  C5     C  N N 66  
DC  C6     C  N N 67  
DC  HOP3   H  N N 68  
DC  HOP2   H  N N 69  
DC  "H5'"  H  N N 70  
DC  "H5''" H  N N 71  
DC  "H4'"  H  N N 72  
DC  "H3'"  H  N N 73  
DC  "HO3'" H  N N 74  
DC  "H2'"  H  N N 75  
DC  "H2''" H  N N 76  
DC  "H1'"  H  N N 77  
DC  H41    H  N N 78  
DC  H42    H  N N 79  
DC  H5     H  N N 80  
DC  H6     H  N N 81  
DG  OP3    O  N N 82  
DG  P      P  N N 83  
DG  OP1    O  N N 84  
DG  OP2    O  N N 85  
DG  "O5'"  O  N N 86  
DG  "C5'"  C  N N 87  
DG  "C4'"  C  N R 88  
DG  "O4'"  O  N N 89  
DG  "C3'"  C  N S 90  
DG  "O3'"  O  N N 91  
DG  "C2'"  C  N N 92  
DG  "C1'"  C  N R 93  
DG  N9     N  Y N 94  
DG  C8     C  Y N 95  
DG  N7     N  Y N 96  
DG  C5     C  Y N 97  
DG  C6     C  N N 98  
DG  O6     O  N N 99  
DG  N1     N  N N 100 
DG  C2     C  N N 101 
DG  N2     N  N N 102 
DG  N3     N  N N 103 
DG  C4     C  Y N 104 
DG  HOP3   H  N N 105 
DG  HOP2   H  N N 106 
DG  "H5'"  H  N N 107 
DG  "H5''" H  N N 108 
DG  "H4'"  H  N N 109 
DG  "H3'"  H  N N 110 
DG  "HO3'" H  N N 111 
DG  "H2'"  H  N N 112 
DG  "H2''" H  N N 113 
DG  "H1'"  H  N N 114 
DG  H8     H  N N 115 
DG  H1     H  N N 116 
DG  H21    H  N N 117 
DG  H22    H  N N 118 
DT  OP3    O  N N 119 
DT  P      P  N N 120 
DT  OP1    O  N N 121 
DT  OP2    O  N N 122 
DT  "O5'"  O  N N 123 
DT  "C5'"  C  N N 124 
DT  "C4'"  C  N R 125 
DT  "O4'"  O  N N 126 
DT  "C3'"  C  N S 127 
DT  "O3'"  O  N N 128 
DT  "C2'"  C  N N 129 
DT  "C1'"  C  N R 130 
DT  N1     N  N N 131 
DT  C2     C  N N 132 
DT  O2     O  N N 133 
DT  N3     N  N N 134 
DT  C4     C  N N 135 
DT  O4     O  N N 136 
DT  C5     C  N N 137 
DT  C7     C  N N 138 
DT  C6     C  N N 139 
DT  HOP3   H  N N 140 
DT  HOP2   H  N N 141 
DT  "H5'"  H  N N 142 
DT  "H5''" H  N N 143 
DT  "H4'"  H  N N 144 
DT  "H3'"  H  N N 145 
DT  "HO3'" H  N N 146 
DT  "H2'"  H  N N 147 
DT  "H2''" H  N N 148 
DT  "H1'"  H  N N 149 
DT  H3     H  N N 150 
DT  H71    H  N N 151 
DT  H72    H  N N 152 
DT  H73    H  N N 153 
DT  H6     H  N N 154 
# 
loop_
_chem_comp_bond.comp_id 
_chem_comp_bond.atom_id_1 
_chem_comp_bond.atom_id_2 
_chem_comp_bond.value_order 
_chem_comp_bond.pdbx_aromatic_flag 
_chem_comp_bond.pdbx_stereo_config 
_chem_comp_bond.pdbx_ordinal 
CAC AS    O1     doub N N 1   
CAC AS    O2     sing N N 2   
CAC AS    C1     sing N N 3   
CAC AS    C2     sing N N 4   
CAC C1    H11    sing N N 5   
CAC C1    H12    sing N N 6   
CAC C1    H13    sing N N 7   
CAC C2    H21    sing N N 8   
CAC C2    H22    sing N N 9   
CAC C2    H23    sing N N 10  
DA  OP3   P      sing N N 11  
DA  OP3   HOP3   sing N N 12  
DA  P     OP1    doub N N 13  
DA  P     OP2    sing N N 14  
DA  P     "O5'"  sing N N 15  
DA  OP2   HOP2   sing N N 16  
DA  "O5'" "C5'"  sing N N 17  
DA  "C5'" "C4'"  sing N N 18  
DA  "C5'" "H5'"  sing N N 19  
DA  "C5'" "H5''" sing N N 20  
DA  "C4'" "O4'"  sing N N 21  
DA  "C4'" "C3'"  sing N N 22  
DA  "C4'" "H4'"  sing N N 23  
DA  "O4'" "C1'"  sing N N 24  
DA  "C3'" "O3'"  sing N N 25  
DA  "C3'" "C2'"  sing N N 26  
DA  "C3'" "H3'"  sing N N 27  
DA  "O3'" "HO3'" sing N N 28  
DA  "C2'" "C1'"  sing N N 29  
DA  "C2'" "H2'"  sing N N 30  
DA  "C2'" "H2''" sing N N 31  
DA  "C1'" N9     sing N N 32  
DA  "C1'" "H1'"  sing N N 33  
DA  N9    C8     sing Y N 34  
DA  N9    C4     sing Y N 35  
DA  C8    N7     doub Y N 36  
DA  C8    H8     sing N N 37  
DA  N7    C5     sing Y N 38  
DA  C5    C6     sing Y N 39  
DA  C5    C4     doub Y N 40  
DA  C6    N6     sing N N 41  
DA  C6    N1     doub Y N 42  
DA  N6    H61    sing N N 43  
DA  N6    H62    sing N N 44  
DA  N1    C2     sing Y N 45  
DA  C2    N3     doub Y N 46  
DA  C2    H2     sing N N 47  
DA  N3    C4     sing Y N 48  
DC  OP3   P      sing N N 49  
DC  OP3   HOP3   sing N N 50  
DC  P     OP1    doub N N 51  
DC  P     OP2    sing N N 52  
DC  P     "O5'"  sing N N 53  
DC  OP2   HOP2   sing N N 54  
DC  "O5'" "C5'"  sing N N 55  
DC  "C5'" "C4'"  sing N N 56  
DC  "C5'" "H5'"  sing N N 57  
DC  "C5'" "H5''" sing N N 58  
DC  "C4'" "O4'"  sing N N 59  
DC  "C4'" "C3'"  sing N N 60  
DC  "C4'" "H4'"  sing N N 61  
DC  "O4'" "C1'"  sing N N 62  
DC  "C3'" "O3'"  sing N N 63  
DC  "C3'" "C2'"  sing N N 64  
DC  "C3'" "H3'"  sing N N 65  
DC  "O3'" "HO3'" sing N N 66  
DC  "C2'" "C1'"  sing N N 67  
DC  "C2'" "H2'"  sing N N 68  
DC  "C2'" "H2''" sing N N 69  
DC  "C1'" N1     sing N N 70  
DC  "C1'" "H1'"  sing N N 71  
DC  N1    C2     sing N N 72  
DC  N1    C6     sing N N 73  
DC  C2    O2     doub N N 74  
DC  C2    N3     sing N N 75  
DC  N3    C4     doub N N 76  
DC  C4    N4     sing N N 77  
DC  C4    C5     sing N N 78  
DC  N4    H41    sing N N 79  
DC  N4    H42    sing N N 80  
DC  C5    C6     doub N N 81  
DC  C5    H5     sing N N 82  
DC  C6    H6     sing N N 83  
DG  OP3   P      sing N N 84  
DG  OP3   HOP3   sing N N 85  
DG  P     OP1    doub N N 86  
DG  P     OP2    sing N N 87  
DG  P     "O5'"  sing N N 88  
DG  OP2   HOP2   sing N N 89  
DG  "O5'" "C5'"  sing N N 90  
DG  "C5'" "C4'"  sing N N 91  
DG  "C5'" "H5'"  sing N N 92  
DG  "C5'" "H5''" sing N N 93  
DG  "C4'" "O4'"  sing N N 94  
DG  "C4'" "C3'"  sing N N 95  
DG  "C4'" "H4'"  sing N N 96  
DG  "O4'" "C1'"  sing N N 97  
DG  "C3'" "O3'"  sing N N 98  
DG  "C3'" "C2'"  sing N N 99  
DG  "C3'" "H3'"  sing N N 100 
DG  "O3'" "HO3'" sing N N 101 
DG  "C2'" "C1'"  sing N N 102 
DG  "C2'" "H2'"  sing N N 103 
DG  "C2'" "H2''" sing N N 104 
DG  "C1'" N9     sing N N 105 
DG  "C1'" "H1'"  sing N N 106 
DG  N9    C8     sing Y N 107 
DG  N9    C4     sing Y N 108 
DG  C8    N7     doub Y N 109 
DG  C8    H8     sing N N 110 
DG  N7    C5     sing Y N 111 
DG  C5    C6     sing N N 112 
DG  C5    C4     doub Y N 113 
DG  C6    O6     doub N N 114 
DG  C6    N1     sing N N 115 
DG  N1    C2     sing N N 116 
DG  N1    H1     sing N N 117 
DG  C2    N2     sing N N 118 
DG  C2    N3     doub N N 119 
DG  N2    H21    sing N N 120 
DG  N2    H22    sing N N 121 
DG  N3    C4     sing N N 122 
DT  OP3   P      sing N N 123 
DT  OP3   HOP3   sing N N 124 
DT  P     OP1    doub N N 125 
DT  P     OP2    sing N N 126 
DT  P     "O5'"  sing N N 127 
DT  OP2   HOP2   sing N N 128 
DT  "O5'" "C5'"  sing N N 129 
DT  "C5'" "C4'"  sing N N 130 
DT  "C5'" "H5'"  sing N N 131 
DT  "C5'" "H5''" sing N N 132 
DT  "C4'" "O4'"  sing N N 133 
DT  "C4'" "C3'"  sing N N 134 
DT  "C4'" "H4'"  sing N N 135 
DT  "O4'" "C1'"  sing N N 136 
DT  "C3'" "O3'"  sing N N 137 
DT  "C3'" "C2'"  sing N N 138 
DT  "C3'" "H3'"  sing N N 139 
DT  "O3'" "HO3'" sing N N 140 
DT  "C2'" "C1'"  sing N N 141 
DT  "C2'" "H2'"  sing N N 142 
DT  "C2'" "H2''" sing N N 143 
DT  "C1'" N1     sing N N 144 
DT  "C1'" "H1'"  sing N N 145 
DT  N1    C2     sing N N 146 
DT  N1    C6     sing N N 147 
DT  C2    O2     doub N N 148 
DT  C2    N3     sing N N 149 
DT  N3    C4     sing N N 150 
DT  N3    H3     sing N N 151 
DT  C4    O4     doub N N 152 
DT  C4    C5     sing N N 153 
DT  C5    C7     sing N N 154 
DT  C5    C6     doub N N 155 
DT  C7    H71    sing N N 156 
DT  C7    H72    sing N N 157 
DT  C7    H73    sing N N 158 
DT  C6    H6     sing N N 159 
# 
loop_
_ndb_struct_conf_na.entry_id 
_ndb_struct_conf_na.feature 
6XG0 'double helix'        
6XG0 'a-form double helix' 
6XG0 'b-form double helix' 
# 
loop_
_ndb_struct_na_base_pair.model_number 
_ndb_struct_na_base_pair.i_label_asym_id 
_ndb_struct_na_base_pair.i_label_comp_id 
_ndb_struct_na_base_pair.i_label_seq_id 
_ndb_struct_na_base_pair.i_symmetry 
_ndb_struct_na_base_pair.j_label_asym_id 
_ndb_struct_na_base_pair.j_label_comp_id 
_ndb_struct_na_base_pair.j_label_seq_id 
_ndb_struct_na_base_pair.j_symmetry 
_ndb_struct_na_base_pair.shear 
_ndb_struct_na_base_pair.stretch 
_ndb_struct_na_base_pair.stagger 
_ndb_struct_na_base_pair.buckle 
_ndb_struct_na_base_pair.propeller 
_ndb_struct_na_base_pair.opening 
_ndb_struct_na_base_pair.pair_number 
_ndb_struct_na_base_pair.pair_name 
_ndb_struct_na_base_pair.i_auth_asym_id 
_ndb_struct_na_base_pair.i_auth_seq_id 
_ndb_struct_na_base_pair.i_PDB_ins_code 
_ndb_struct_na_base_pair.j_auth_asym_id 
_ndb_struct_na_base_pair.j_auth_seq_id 
_ndb_struct_na_base_pair.j_PDB_ins_code 
_ndb_struct_na_base_pair.hbond_type_28 
_ndb_struct_na_base_pair.hbond_type_12 
1 A DG 3  1_555 D DC 16 1_555 0.393  0.322  0.331  -3.915 -3.771  9.081   1  A_DG3:DC16_D A 3  ? D 16 ? 19 1 
1 A DC 4  1_555 D DG 15 1_555 1.368  0.143  0.114  -1.478 -1.654  -1.739  2  A_DC4:DG15_D A 4  ? D 15 ? 19 1 
1 A DA 5  1_555 D DT 14 1_555 -1.041 0.388  0.523  -4.658 -2.028  0.288   3  A_DA5:DT14_D A 5  ? D 14 ? 20 1 
1 A DG 6  1_555 D DC 13 1_555 -0.185 0.023  -0.094 -4.417 -0.498  -5.241  4  A_DG6:DC13_D A 6  ? D 13 ? 19 1 
1 A DA 7  1_555 D DT 12 1_555 0.928  0.450  -0.133 -4.368 4.603   -18.118 5  A_DA7:DT12_D A 7  ? D 12 ? 20 1 
1 A DC 8  1_555 D DG 11 1_555 0.851  -0.161 -0.070 2.813  1.419   0.303   6  A_DC8:DG11_D A 8  ? D 11 ? 19 1 
1 A DC 9  1_555 D DG 10 1_555 -0.632 0.352  0.572  -6.813 -8.646  0.628   7  A_DC9:DG10_D A 9  ? D 10 ? 19 1 
1 A DA 10 1_555 C DT 2  1_555 -0.293 0.095  0.571  -0.212 -13.784 2.371   8  A_DA10:DT2_C A 10 ? C 2  ? 20 1 
1 A DG 11 1_555 C DC 1  1_555 -2.101 0.270  0.551  1.792  -17.663 0.187   9  A_DG11:DC1_C A 11 ? C 1  ? ?  ? 
1 B DA 1  1_555 C DT 5  1_555 1.052  0.410  0.308  10.880 -26.586 6.340   10 B_DA12:DT5_C B 12 ? C 5  ? ?  ? 
1 B DC 2  1_555 C DG 4  1_555 0.493  -0.600 0.079  13.622 -23.915 0.603   11 B_DC13:DG4_C B 13 ? C 4  ? 19 1 
1 B DG 3  1_555 C DC 3  1_555 -0.187 -0.518 -0.089 5.562  -2.775  -6.666  12 B_DG14:DC3_C B 14 ? C 3  ? 19 1 
1 B DC 4  1_555 D DG 9  1_555 -0.272 0.077  -0.365 0.824  -0.297  10.451  13 B_DC15:DG9_D B 15 ? D 9  ? 19 1 
1 B DC 5  1_555 D DG 8  1_555 0.368  -0.094 -0.011 8.013  -4.877  9.125   14 B_DC16:DG8_D B 16 ? D 8  ? 19 1 
1 B DA 6  1_555 D DT 7  1_555 1.125  0.017  0.003  4.265  -12.242 0.713   15 B_DA17:DT7_D B 17 ? D 7  ? 20 1 
1 B DC 7  1_555 D DG 6  1_555 0.319  -0.285 -0.220 1.817  -10.706 0.791   16 B_DC18:DG6_D B 18 ? D 6  ? 19 1 
1 B DT 8  1_555 D DA 5  1_555 -1.090 -0.144 -0.543 7.706  -11.040 -8.886  17 B_DT19:DA5_D B 19 ? D 5  ? 20 1 
1 B DC 9  1_555 D DG 4  1_555 0.277  0.288  -0.444 8.691  -13.777 6.405   18 B_DC20:DG4_D B 20 ? D 4  ? 19 1 
1 B DA 10 1_555 D DT 3  1_555 0.985  0.447  -0.438 0.516  -18.446 13.514  19 B_DA21:DT3_D B 21 ? D 3  ? ?  ? 
# 
loop_
_ndb_struct_na_base_pair_step.model_number 
_ndb_struct_na_base_pair_step.i_label_asym_id_1 
_ndb_struct_na_base_pair_step.i_label_comp_id_1 
_ndb_struct_na_base_pair_step.i_label_seq_id_1 
_ndb_struct_na_base_pair_step.i_symmetry_1 
_ndb_struct_na_base_pair_step.j_label_asym_id_1 
_ndb_struct_na_base_pair_step.j_label_comp_id_1 
_ndb_struct_na_base_pair_step.j_label_seq_id_1 
_ndb_struct_na_base_pair_step.j_symmetry_1 
_ndb_struct_na_base_pair_step.i_label_asym_id_2 
_ndb_struct_na_base_pair_step.i_label_comp_id_2 
_ndb_struct_na_base_pair_step.i_label_seq_id_2 
_ndb_struct_na_base_pair_step.i_symmetry_2 
_ndb_struct_na_base_pair_step.j_label_asym_id_2 
_ndb_struct_na_base_pair_step.j_label_comp_id_2 
_ndb_struct_na_base_pair_step.j_label_seq_id_2 
_ndb_struct_na_base_pair_step.j_symmetry_2 
_ndb_struct_na_base_pair_step.shift 
_ndb_struct_na_base_pair_step.slide 
_ndb_struct_na_base_pair_step.rise 
_ndb_struct_na_base_pair_step.tilt 
_ndb_struct_na_base_pair_step.roll 
_ndb_struct_na_base_pair_step.twist 
_ndb_struct_na_base_pair_step.x_displacement 
_ndb_struct_na_base_pair_step.y_displacement 
_ndb_struct_na_base_pair_step.helical_rise 
_ndb_struct_na_base_pair_step.inclination 
_ndb_struct_na_base_pair_step.tip 
_ndb_struct_na_base_pair_step.helical_twist 
_ndb_struct_na_base_pair_step.step_number 
_ndb_struct_na_base_pair_step.step_name 
_ndb_struct_na_base_pair_step.i_auth_asym_id_1 
_ndb_struct_na_base_pair_step.i_auth_seq_id_1 
_ndb_struct_na_base_pair_step.i_PDB_ins_code_1 
_ndb_struct_na_base_pair_step.j_auth_asym_id_1 
_ndb_struct_na_base_pair_step.j_auth_seq_id_1 
_ndb_struct_na_base_pair_step.j_PDB_ins_code_1 
_ndb_struct_na_base_pair_step.i_auth_asym_id_2 
_ndb_struct_na_base_pair_step.i_auth_seq_id_2 
_ndb_struct_na_base_pair_step.i_PDB_ins_code_2 
_ndb_struct_na_base_pair_step.j_auth_asym_id_2 
_ndb_struct_na_base_pair_step.j_auth_seq_id_2 
_ndb_struct_na_base_pair_step.j_PDB_ins_code_2 
1 A DG 3  1_555 D DC 16 1_555 A DC 4  1_555 D DG 15 1_555 -0.712 -0.910 3.162 2.900  3.037  35.835 -1.876 1.539  3.012 4.915  
-4.694  36.072 1  AA_DG3DC4:DG15DC16_DD A 3  ? D 16 ? A 4  ? D 15 ? 
1 A DC 4  1_555 D DG 15 1_555 A DA 5  1_555 D DT 14 1_555 0.132  1.164  3.251 -1.717 1.029  29.981 2.034  -0.607 3.276 1.986  
3.315   30.046 2  AA_DC4DA5:DT14DG15_DD A 4  ? D 15 ? A 5  ? D 14 ? 
1 A DA 5  1_555 D DT 14 1_555 A DG 6  1_555 D DC 13 1_555 -0.322 -0.533 3.553 -1.717 2.432  34.859 -1.283 0.256  3.521 4.051  
2.860   34.982 3  AA_DA5DG6:DC13DT14_DD A 5  ? D 14 ? A 6  ? D 13 ? 
1 A DG 6  1_555 D DC 13 1_555 A DA 7  1_555 D DT 12 1_555 -0.970 -1.535 3.228 -0.427 3.024  38.484 -2.684 1.416  3.113 4.578  
0.647   38.600 4  AA_DG6DA7:DT12DC13_DD A 6  ? D 13 ? A 7  ? D 12 ? 
1 A DA 7  1_555 D DT 12 1_555 A DC 8  1_555 D DG 11 1_555 1.309  -1.014 3.262 -2.996 2.912  32.506 -2.281 -2.818 3.033 5.175  
5.324   32.766 5  AA_DA7DC8:DG11DT12_DD A 7  ? D 12 ? A 8  ? D 11 ? 
1 A DC 8  1_555 D DG 11 1_555 A DC 9  1_555 D DG 10 1_555 -0.560 -1.295 3.589 -6.680 -3.395 25.836 -1.787 -0.760 3.749 -7.397 
14.555  26.883 6  AA_DC8DC9:DG10DG11_DD A 8  ? D 11 ? A 9  ? D 10 ? 
1 A DC 9  1_555 D DG 10 1_555 A DA 10 1_555 C DT 2  1_555 -0.837 -1.844 2.916 2.238  -0.540 30.729 -3.378 1.962  2.880 -1.017 
-4.216  30.813 7  AA_DC9DA10:DT2DG10_CD A 9  ? D 10 ? A 10 ? C 2  ? 
1 A DA 10 1_555 C DT 2  1_555 A DG 11 1_555 C DC 1  1_555 0.287  0.550  3.259 2.205  3.784  21.656 -0.031 0.107  3.317 9.939  
-5.794  22.089 8  AA_DA10DG11:DC1DT2_CC A 10 ? C 2  ? A 11 ? C 1  ? 
1 B DA 1  1_555 C DT 5  1_555 B DC 2  1_555 C DG 4  1_555 1.346  -1.492 3.078 2.530  -2.391 25.066 -2.723 -2.351 3.321 -5.475 
-5.794  25.303 9  BB_DA12DC13:DG4DT5_CC B 12 ? C 5  ? B 13 ? C 4  ? 
1 B DC 2  1_555 C DG 4  1_555 B DG 3  1_555 C DC 3  1_555 -0.739 -0.644 3.476 -1.564 12.506 35.518 -2.688 0.935  3.110 19.749 
2.470   37.620 10 BB_DC13DG14:DC3DG4_CC B 13 ? C 4  ? B 14 ? C 3  ? 
1 B DG 3  1_555 C DC 3  1_555 B DC 4  1_555 D DG 9  1_555 -0.577 -1.457 3.337 1.362  1.440  29.500 -3.161 1.421  3.235 2.824  
-2.671  29.565 11 BB_DG14DC15:DG9DC3_DC B 14 ? C 3  ? B 15 ? D 9  ? 
1 B DC 4  1_555 D DG 9  1_555 B DC 5  1_555 D DG 8  1_555 -0.270 1.090  3.223 1.034  5.158  28.777 1.026  0.763  3.351 10.270 
-2.059  29.244 12 BB_DC15DC16:DG8DG9_DD B 15 ? D 9  ? B 16 ? D 8  ? 
1 B DC 5  1_555 D DG 8  1_555 B DA 6  1_555 D DT 7  1_555 -0.327 1.925  3.489 -1.173 -0.058 49.925 2.284  0.297  3.493 -0.069 
1.389   49.938 13 BB_DC16DA17:DT7DG8_DD B 16 ? D 8  ? B 17 ? D 7  ? 
1 B DA 6  1_555 D DT 7  1_555 B DC 7  1_555 D DG 6  1_555 0.837  -1.053 3.239 -0.784 0.312  26.454 -2.382 -2.034 3.201 0.681  
1.713   26.467 14 BB_DA17DC18:DG6DT7_DD B 17 ? D 7  ? B 18 ? D 6  ? 
1 B DC 7  1_555 D DG 6  1_555 B DT 8  1_555 D DA 5  1_555 -0.873 0.940  3.279 5.718  2.832  32.416 1.177  2.498  3.152 5.013  
-10.121 33.021 15 BB_DC18DT19:DA5DG6_DD B 18 ? D 6  ? B 19 ? D 5  ? 
1 B DT 8  1_555 D DA 5  1_555 B DC 9  1_555 D DG 4  1_555 0.920  0.964  3.497 4.562  3.787  38.265 0.944  -0.772 3.654 5.735  
-6.909  38.705 16 BB_DT19DC20:DG4DA5_DD B 19 ? D 5  ? B 20 ? D 4  ? 
1 B DC 9  1_555 D DG 4  1_555 B DA 10 1_555 D DT 3  1_555 0.432  1.901  3.566 0.328  1.178  41.039 2.569  -0.577 3.620 1.680  
-0.467  41.057 17 BB_DC20DA21:DT3DG4_DD B 20 ? D 4  ? B 21 ? D 3  ? 
# 
loop_
_pdbx_audit_support.funding_organization 
_pdbx_audit_support.country 
_pdbx_audit_support.grant_number 
_pdbx_audit_support.ordinal 
'National Science Foundation (NSF, United States)'                                         'United States' 1360635     1 
'National Institutes of Health/National Institute of General Medical Sciences (NIH/NIGMS)' 'United States' R01GM104960 2 
'National Science Foundation (NSF, United States)'                                         'United States' NSF2004250  3 
# 
_pdbx_entity_nonpoly.entity_id   5 
_pdbx_entity_nonpoly.name        'CACODYLATE ION' 
_pdbx_entity_nonpoly.comp_id     CAC 
# 
_pdbx_initial_refinement_model.id               1 
_pdbx_initial_refinement_model.entity_id_list   ? 
_pdbx_initial_refinement_model.type             'experimental model' 
_pdbx_initial_refinement_model.source_name      PDB 
_pdbx_initial_refinement_model.accession_code   6X8C 
_pdbx_initial_refinement_model.details          ? 
# 
_pdbx_struct_assembly_auth_evidence.id                     1 
_pdbx_struct_assembly_auth_evidence.assembly_id            1 
_pdbx_struct_assembly_auth_evidence.experimental_support   none 
_pdbx_struct_assembly_auth_evidence.details                ? 
# 
